data_3TRH
#
_entry.id   3TRH
#
_cell.length_a   87.266
_cell.length_b   96.292
_cell.length_c   152.724
_cell.angle_alpha   90.000
_cell.angle_beta   91.950
_cell.angle_gamma   90.000
#
_symmetry.space_group_name_H-M   'P 1 21 1'
#
loop_
_entity.id
_entity.type
_entity.pdbx_description
1 polymer 'Phosphoribosylaminoimidazole carboxylase carboxyltransferase subunit'
2 water water
#
_entity_poly.entity_id   1
_entity_poly.type   'polypeptide(L)'
_entity_poly.pdbx_seq_one_letter_code
;SNA(MSE)NKIFVAIL(MSE)GSDSDLST(MSE)ETAFTELKSLGIPFEAHILSAHRTPKETVEFVENADNRGCAVFIAA
AGLAAHLAGTIAAHTLKPVIGVP(MSE)AGGSLGGLDALLSTVQ(MSE)PGGVPVACTAIGKAGAKNAAILAAQIIALQD
KSIAQKLVQQRTAKRETLKKADENLQTQL
;
_entity_poly.pdbx_strand_id   A,B,C,D,E,F,G,H,I,J,K,L,M,N,O,P
#
# COMPACT_ATOMS: atom_id res chain seq x y z
N LYS A 6 -31.29 9.60 12.56
CA LYS A 6 -30.16 8.79 12.13
C LYS A 6 -29.79 9.09 10.68
N ILE A 7 -30.49 10.08 10.10
CA ILE A 7 -30.11 10.65 8.83
C ILE A 7 -29.49 12.02 9.09
N PHE A 8 -28.31 12.27 8.50
CA PHE A 8 -27.64 13.54 8.75
C PHE A 8 -26.89 14.09 7.55
N VAL A 9 -26.50 15.36 7.68
CA VAL A 9 -25.72 16.05 6.67
C VAL A 9 -24.29 16.19 7.15
N ALA A 10 -23.32 15.92 6.26
CA ALA A 10 -21.91 16.04 6.63
C ALA A 10 -21.27 17.18 5.87
N ILE A 11 -20.64 18.08 6.62
CA ILE A 11 -19.98 19.25 6.05
C ILE A 11 -18.47 19.17 6.24
N LEU A 12 -17.72 19.19 5.14
CA LEU A 12 -16.27 19.23 5.22
C LEU A 12 -15.76 20.56 4.69
N GLY A 14 -11.80 22.56 3.87
CA GLY A 14 -10.38 22.35 3.79
C GLY A 14 -9.58 23.18 4.78
N SER A 15 -10.17 24.28 5.24
CA SER A 15 -9.42 25.24 6.03
C SER A 15 -10.24 25.80 7.19
N ASP A 16 -9.59 26.01 8.34
CA ASP A 16 -10.25 26.64 9.47
C ASP A 16 -10.84 27.98 9.06
N SER A 17 -10.18 28.66 8.12
CA SER A 17 -10.62 29.98 7.67
C SER A 17 -11.92 29.94 6.87
N ASP A 18 -12.32 28.76 6.41
CA ASP A 18 -13.58 28.60 5.68
C ASP A 18 -14.78 28.72 6.63
N LEU A 19 -14.51 28.60 7.93
CA LEU A 19 -15.56 28.64 8.93
C LEU A 19 -16.34 29.95 8.92
N SER A 20 -15.65 31.04 8.59
CA SER A 20 -16.28 32.35 8.49
C SER A 20 -17.51 32.25 7.59
N THR A 21 -17.35 31.61 6.44
CA THR A 21 -18.44 31.46 5.47
C THR A 21 -19.41 30.35 5.86
N GLU A 23 -20.36 29.05 8.60
CA GLU A 23 -21.22 29.23 9.76
C GLU A 23 -22.64 29.50 9.30
N THR A 24 -22.75 30.18 8.16
CA THR A 24 -24.03 30.45 7.52
C THR A 24 -24.77 29.14 7.27
N ALA A 25 -24.03 28.10 6.94
CA ALA A 25 -24.62 26.77 6.71
C ALA A 25 -25.11 26.13 8.01
N PHE A 26 -24.27 26.20 9.05
CA PHE A 26 -24.63 25.66 10.36
C PHE A 26 -25.97 26.24 10.81
N THR A 27 -26.04 27.56 10.83
CA THR A 27 -27.24 28.28 11.26
C THR A 27 -28.47 27.79 10.51
N GLU A 28 -28.30 27.55 9.21
CA GLU A 28 -29.39 27.07 8.36
C GLU A 28 -29.92 25.73 8.81
N LEU A 29 -29.04 24.75 8.93
CA LEU A 29 -29.44 23.39 9.27
C LEU A 29 -30.02 23.27 10.68
N LYS A 30 -29.49 24.05 11.61
CA LYS A 30 -30.04 24.10 12.95
C LYS A 30 -31.48 24.59 12.91
N SER A 31 -31.72 25.67 12.19
CA SER A 31 -33.04 26.28 12.13
C SER A 31 -34.07 25.40 11.43
N LEU A 32 -33.59 24.39 10.69
CA LEU A 32 -34.48 23.43 10.08
C LEU A 32 -34.49 22.15 10.91
N GLY A 33 -33.74 22.16 12.00
CA GLY A 33 -33.64 20.99 12.86
C GLY A 33 -33.08 19.78 12.15
N ILE A 34 -32.12 20.02 11.25
CA ILE A 34 -31.43 18.93 10.56
C ILE A 34 -30.06 18.71 11.17
N PRO A 35 -29.82 17.51 11.72
CA PRO A 35 -28.53 17.25 12.35
C PRO A 35 -27.39 17.12 11.35
N PHE A 36 -26.21 17.55 11.74
CA PHE A 36 -25.05 17.50 10.84
C PHE A 36 -23.75 17.26 11.58
N GLU A 37 -22.77 16.72 10.87
CA GLU A 37 -21.40 16.68 11.35
C GLU A 37 -20.58 17.66 10.54
N ALA A 38 -19.59 18.27 11.17
CA ALA A 38 -18.72 19.20 10.48
C ALA A 38 -17.27 18.91 10.87
N HIS A 39 -16.40 18.91 9.87
CA HIS A 39 -15.00 18.57 10.08
C HIS A 39 -14.08 19.40 9.21
N ILE A 40 -12.88 19.68 9.71
CA ILE A 40 -11.84 20.26 8.88
C ILE A 40 -11.07 19.11 8.25
N LEU A 41 -11.26 18.94 6.94
CA LEU A 41 -10.60 17.88 6.20
C LEU A 41 -10.19 18.38 4.83
N SER A 42 -8.91 18.25 4.51
CA SER A 42 -8.37 18.74 3.25
C SER A 42 -8.11 17.62 2.25
N ALA A 43 -8.56 17.82 1.02
CA ALA A 43 -8.27 16.88 -0.05
C ALA A 43 -6.77 16.79 -0.29
N HIS A 44 -6.07 17.90 -0.04
CA HIS A 44 -4.66 18.01 -0.39
C HIS A 44 -3.71 17.67 0.77
N ARG A 45 -4.08 18.02 2.00
CA ARG A 45 -3.19 17.84 3.14
C ARG A 45 -3.49 16.57 3.95
N THR A 46 -4.76 16.18 4.00
CA THR A 46 -5.17 14.99 4.76
C THR A 46 -6.05 14.08 3.91
N PRO A 47 -5.52 13.64 2.75
CA PRO A 47 -6.34 12.90 1.79
C PRO A 47 -6.86 11.57 2.35
N LYS A 48 -6.00 10.82 3.03
CA LYS A 48 -6.41 9.52 3.55
C LYS A 48 -7.50 9.71 4.60
N GLU A 49 -7.37 10.74 5.43
CA GLU A 49 -8.37 11.01 6.46
C GLU A 49 -9.68 11.46 5.84
N THR A 50 -9.60 12.28 4.79
CA THR A 50 -10.78 12.71 4.07
C THR A 50 -11.55 11.52 3.51
N VAL A 51 -10.82 10.57 2.93
CA VAL A 51 -11.46 9.40 2.34
C VAL A 51 -12.09 8.49 3.39
N GLU A 52 -11.39 8.24 4.49
CA GLU A 52 -11.92 7.39 5.55
C GLU A 52 -13.23 7.95 6.10
N PHE A 53 -13.25 9.26 6.35
CA PHE A 53 -14.47 9.87 6.88
C PHE A 53 -15.65 9.71 5.94
N VAL A 54 -15.45 10.04 4.67
CA VAL A 54 -16.54 9.97 3.69
C VAL A 54 -17.12 8.55 3.63
N GLU A 55 -16.27 7.55 3.52
CA GLU A 55 -16.74 6.17 3.47
C GLU A 55 -17.42 5.77 4.77
N ASN A 56 -16.95 6.33 5.88
CA ASN A 56 -17.49 6.03 7.20
C ASN A 56 -18.82 6.73 7.47
N ALA A 57 -18.94 7.97 7.02
CA ALA A 57 -20.18 8.72 7.17
C ALA A 57 -21.28 8.15 6.28
N ASP A 58 -20.90 7.84 5.04
CA ASP A 58 -21.79 7.22 4.08
C ASP A 58 -22.44 5.95 4.65
N ASN A 59 -21.62 5.13 5.29
CA ASN A 59 -22.10 3.86 5.86
C ASN A 59 -23.00 4.04 7.07
N ARG A 60 -22.90 5.17 7.74
CA ARG A 60 -23.66 5.41 8.97
C ARG A 60 -24.90 6.25 8.73
N GLY A 61 -25.24 6.45 7.45
CA GLY A 61 -26.48 7.12 7.11
C GLY A 61 -26.40 8.55 6.62
N CYS A 62 -25.19 9.02 6.29
CA CYS A 62 -25.07 10.36 5.70
C CYS A 62 -25.89 10.44 4.41
N ALA A 63 -26.76 11.42 4.33
CA ALA A 63 -27.66 11.52 3.18
C ALA A 63 -27.11 12.47 2.12
N VAL A 64 -26.39 13.49 2.57
CA VAL A 64 -25.86 14.51 1.68
C VAL A 64 -24.53 15.06 2.23
N PHE A 65 -23.55 15.22 1.35
CA PHE A 65 -22.29 15.85 1.72
C PHE A 65 -22.21 17.28 1.23
N ILE A 66 -21.77 18.19 2.09
CA ILE A 66 -21.47 19.55 1.68
C ILE A 66 -19.97 19.81 1.82
N ALA A 67 -19.37 20.41 0.81
CA ALA A 67 -17.95 20.69 0.83
C ALA A 67 -17.65 22.13 0.45
N ALA A 68 -16.83 22.80 1.23
CA ALA A 68 -16.43 24.16 0.95
C ALA A 68 -14.93 24.26 0.75
N ALA A 69 -14.51 24.99 -0.28
CA ALA A 69 -13.09 25.17 -0.57
C ALA A 69 -12.88 26.35 -1.50
N GLY A 70 -11.70 26.96 -1.40
CA GLY A 70 -11.34 28.10 -2.25
C GLY A 70 -10.23 27.75 -3.21
N LEU A 71 -9.76 28.75 -3.96
CA LEU A 71 -8.66 28.54 -4.89
C LEU A 71 -8.98 27.33 -5.77
N ALA A 72 -8.00 26.47 -6.04
CA ALA A 72 -8.27 25.24 -6.78
C ALA A 72 -9.03 24.27 -5.87
N ALA A 73 -10.36 24.37 -5.89
CA ALA A 73 -11.21 23.57 -5.01
C ALA A 73 -11.36 22.12 -5.48
N HIS A 74 -10.70 21.20 -4.78
CA HIS A 74 -10.71 19.79 -5.16
C HIS A 74 -11.51 18.93 -4.20
N LEU A 75 -12.01 19.54 -3.12
CA LEU A 75 -12.63 18.77 -2.04
C LEU A 75 -13.91 18.05 -2.46
N ALA A 76 -14.85 18.78 -3.05
CA ALA A 76 -16.11 18.17 -3.48
C ALA A 76 -15.85 17.06 -4.49
N GLY A 77 -14.92 17.30 -5.42
CA GLY A 77 -14.58 16.31 -6.40
C GLY A 77 -14.03 15.04 -5.79
N THR A 78 -13.21 15.20 -4.76
CA THR A 78 -12.65 14.06 -4.03
C THR A 78 -13.73 13.26 -3.32
N ILE A 79 -14.66 13.97 -2.68
CA ILE A 79 -15.76 13.32 -1.99
C ILE A 79 -16.66 12.56 -2.96
N ALA A 80 -17.02 13.24 -4.05
CA ALA A 80 -17.93 12.65 -5.04
C ALA A 80 -17.35 11.36 -5.61
N ALA A 81 -16.03 11.29 -5.71
CA ALA A 81 -15.37 10.12 -6.27
C ALA A 81 -15.42 8.89 -5.37
N HIS A 82 -15.66 9.08 -4.08
CA HIS A 82 -15.67 7.97 -3.13
C HIS A 82 -17.05 7.67 -2.54
N THR A 83 -18.11 8.19 -3.14
CA THR A 83 -19.46 7.97 -2.64
C THR A 83 -20.50 8.24 -3.71
N LEU A 84 -21.67 7.61 -3.57
CA LEU A 84 -22.78 7.86 -4.49
C LEU A 84 -23.91 8.68 -3.86
N LYS A 85 -23.69 9.15 -2.64
CA LYS A 85 -24.58 10.13 -2.04
C LYS A 85 -24.35 11.46 -2.74
N PRO A 86 -25.38 12.30 -2.81
CA PRO A 86 -25.24 13.61 -3.46
C PRO A 86 -24.18 14.48 -2.77
N VAL A 87 -23.38 15.18 -3.57
CA VAL A 87 -22.36 16.05 -3.04
C VAL A 87 -22.59 17.47 -3.52
N ILE A 88 -22.69 18.40 -2.59
CA ILE A 88 -22.89 19.81 -2.89
C ILE A 88 -21.61 20.57 -2.63
N GLY A 89 -21.18 21.36 -3.61
CA GLY A 89 -19.96 22.13 -3.48
C GLY A 89 -20.21 23.63 -3.43
N VAL A 90 -19.62 24.28 -2.43
CA VAL A 90 -19.69 25.74 -2.29
C VAL A 90 -18.30 26.33 -2.53
N PRO A 91 -18.17 27.19 -3.56
CA PRO A 91 -16.91 27.88 -3.84
C PRO A 91 -16.65 29.04 -2.88
N ALA A 93 -14.80 32.58 -1.59
CA ALA A 93 -14.53 33.82 -2.30
C ALA A 93 -13.15 34.42 -2.04
N GLY A 94 -12.46 33.94 -1.02
CA GLY A 94 -11.11 34.41 -0.73
C GLY A 94 -10.22 34.35 -1.96
N GLY A 95 -9.14 35.12 -1.96
CA GLY A 95 -8.22 35.12 -3.08
C GLY A 95 -8.51 36.23 -4.08
N SER A 96 -7.50 36.56 -4.88
CA SER A 96 -7.55 37.73 -5.76
C SER A 96 -8.46 37.57 -6.98
N LEU A 97 -8.84 36.33 -7.32
CA LEU A 97 -9.71 36.09 -8.45
C LEU A 97 -11.18 36.08 -8.05
N GLY A 98 -11.43 36.36 -6.77
CA GLY A 98 -12.77 36.45 -6.24
C GLY A 98 -13.58 35.17 -6.30
N GLY A 99 -12.89 34.04 -6.27
CA GLY A 99 -13.53 32.75 -6.26
C GLY A 99 -13.93 32.21 -7.61
N LEU A 100 -13.55 32.92 -8.68
CA LEU A 100 -13.83 32.41 -10.03
C LEU A 100 -13.09 31.10 -10.27
N ASP A 101 -11.90 30.98 -9.71
CA ASP A 101 -11.13 29.74 -9.81
C ASP A 101 -11.82 28.60 -9.07
N ALA A 102 -12.30 28.88 -7.86
CA ALA A 102 -12.98 27.87 -7.06
C ALA A 102 -14.29 27.40 -7.70
N LEU A 103 -15.00 28.30 -8.34
CA LEU A 103 -16.25 27.95 -9.03
C LEU A 103 -15.97 27.01 -10.21
N LEU A 104 -15.10 27.43 -11.11
CA LEU A 104 -14.78 26.62 -12.29
C LEU A 104 -14.18 25.27 -11.91
N SER A 105 -13.43 25.25 -10.82
CA SER A 105 -12.80 24.03 -10.35
C SER A 105 -13.80 23.11 -9.64
N THR A 106 -14.92 23.68 -9.20
CA THR A 106 -15.95 22.92 -8.52
C THR A 106 -17.02 22.35 -9.47
N VAL A 107 -17.50 23.19 -10.38
CA VAL A 107 -18.68 22.81 -11.17
C VAL A 107 -18.35 22.01 -12.45
N GLN A 108 -17.16 22.20 -13.00
CA GLN A 108 -16.80 21.59 -14.28
C GLN A 108 -16.40 20.11 -14.18
N PRO A 110 -16.39 16.18 -15.05
CA PRO A 110 -16.62 15.34 -16.22
C PRO A 110 -17.83 14.44 -16.04
N GLY A 111 -18.57 14.21 -17.11
CA GLY A 111 -19.76 13.37 -17.03
C GLY A 111 -19.50 12.05 -16.33
N GLY A 112 -20.41 11.66 -15.44
CA GLY A 112 -20.28 10.42 -14.72
C GLY A 112 -20.09 10.59 -13.21
N VAL A 113 -19.58 11.75 -12.81
CA VAL A 113 -19.36 12.04 -11.40
C VAL A 113 -19.80 13.47 -11.07
N PRO A 114 -21.09 13.64 -10.78
CA PRO A 114 -21.64 14.99 -10.58
C PRO A 114 -21.28 15.60 -9.24
N VAL A 115 -21.12 16.91 -9.25
CA VAL A 115 -21.13 17.70 -8.03
C VAL A 115 -22.17 18.80 -8.24
N ALA A 116 -23.02 19.01 -7.24
CA ALA A 116 -23.98 20.11 -7.30
C ALA A 116 -23.32 21.39 -6.78
N CYS A 117 -23.07 22.34 -7.67
CA CYS A 117 -22.39 23.57 -7.28
C CYS A 117 -23.38 24.68 -6.96
N THR A 118 -23.09 25.43 -5.91
CA THR A 118 -23.89 26.60 -5.55
C THR A 118 -23.10 27.88 -5.75
N ALA A 119 -23.72 29.01 -5.40
CA ALA A 119 -23.08 30.32 -5.59
C ALA A 119 -21.83 30.48 -4.74
N ILE A 120 -21.05 31.50 -5.06
CA ILE A 120 -19.82 31.80 -4.31
C ILE A 120 -20.13 32.41 -2.95
N GLY A 121 -19.38 32.00 -1.92
CA GLY A 121 -19.49 32.62 -0.62
C GLY A 121 -20.75 32.30 0.16
N LYS A 122 -21.13 33.24 1.02
CA LYS A 122 -22.24 33.05 1.95
C LYS A 122 -23.57 32.66 1.30
N ALA A 123 -23.86 33.25 0.15
CA ALA A 123 -25.05 32.88 -0.59
C ALA A 123 -25.04 31.38 -0.82
N GLY A 124 -23.90 30.88 -1.26
CA GLY A 124 -23.77 29.47 -1.58
C GLY A 124 -23.86 28.57 -0.37
N ALA A 125 -23.22 28.99 0.73
CA ALA A 125 -23.26 28.22 1.97
C ALA A 125 -24.71 28.01 2.39
N LYS A 126 -25.47 29.11 2.39
CA LYS A 126 -26.89 29.02 2.74
C LYS A 126 -27.65 28.14 1.76
N ASN A 127 -27.45 28.36 0.46
CA ASN A 127 -28.12 27.55 -0.55
C ASN A 127 -27.77 26.06 -0.47
N ALA A 128 -26.55 25.75 -0.03
CA ALA A 128 -26.11 24.37 0.12
C ALA A 128 -26.90 23.68 1.22
N ALA A 129 -27.10 24.40 2.32
CA ALA A 129 -27.87 23.88 3.45
C ALA A 129 -29.31 23.63 3.03
N ILE A 130 -29.88 24.55 2.28
CA ILE A 130 -31.28 24.44 1.84
C ILE A 130 -31.46 23.36 0.77
N LEU A 131 -30.50 23.25 -0.15
CA LEU A 131 -30.55 22.18 -1.15
C LEU A 131 -30.56 20.83 -0.44
N ALA A 132 -29.70 20.70 0.56
CA ALA A 132 -29.64 19.49 1.38
C ALA A 132 -31.00 19.19 2.02
N ALA A 133 -31.62 20.24 2.57
CA ALA A 133 -32.94 20.11 3.21
C ALA A 133 -33.99 19.72 2.19
N GLN A 134 -33.95 20.35 1.02
CA GLN A 134 -34.88 20.00 -0.06
C GLN A 134 -34.74 18.54 -0.45
N ILE A 135 -33.52 18.03 -0.38
CA ILE A 135 -33.28 16.64 -0.73
C ILE A 135 -33.83 15.72 0.34
N ILE A 136 -33.58 16.06 1.60
CA ILE A 136 -34.08 15.27 2.73
C ILE A 136 -35.59 15.40 2.86
N ALA A 137 -36.13 16.54 2.43
CA ALA A 137 -37.57 16.78 2.52
C ALA A 137 -38.35 15.79 1.65
N LEU A 138 -37.70 15.28 0.60
CA LEU A 138 -38.32 14.27 -0.25
C LEU A 138 -38.73 13.05 0.57
N GLN A 139 -38.09 12.87 1.73
CA GLN A 139 -38.37 11.72 2.57
C GLN A 139 -38.78 12.06 4.00
N ASP A 140 -38.69 13.34 4.36
CA ASP A 140 -39.05 13.76 5.72
C ASP A 140 -40.04 14.91 5.68
N LYS A 141 -41.32 14.58 5.84
CA LYS A 141 -42.40 15.56 5.68
C LYS A 141 -42.34 16.73 6.65
N SER A 142 -41.79 16.51 7.84
CA SER A 142 -41.62 17.62 8.77
C SER A 142 -40.65 18.63 8.18
N ILE A 143 -39.60 18.14 7.54
CA ILE A 143 -38.63 19.01 6.89
C ILE A 143 -39.30 19.84 5.79
N ALA A 144 -40.10 19.18 4.97
CA ALA A 144 -40.81 19.85 3.89
C ALA A 144 -41.71 20.96 4.42
N GLN A 145 -42.40 20.69 5.53
CA GLN A 145 -43.27 21.65 6.18
C GLN A 145 -42.47 22.88 6.60
N LYS A 146 -41.31 22.65 7.19
CA LYS A 146 -40.45 23.74 7.66
C LYS A 146 -39.91 24.59 6.51
N LEU A 147 -39.56 23.95 5.40
CA LEU A 147 -39.06 24.68 4.25
C LEU A 147 -40.13 25.60 3.70
N VAL A 148 -41.36 25.12 3.68
CA VAL A 148 -42.48 25.93 3.22
C VAL A 148 -42.68 27.16 4.09
N GLN A 149 -42.65 26.98 5.41
CA GLN A 149 -42.87 28.11 6.31
C GLN A 149 -41.70 29.08 6.29
N GLN A 150 -40.49 28.57 6.03
CA GLN A 150 -39.33 29.44 5.88
C GLN A 150 -39.50 30.37 4.69
N ARG A 151 -40.09 29.87 3.60
CA ARG A 151 -40.32 30.69 2.42
C ARG A 151 -41.44 31.71 2.64
N THR A 152 -42.46 31.33 3.41
CA THR A 152 -43.53 32.26 3.75
C THR A 152 -42.99 33.38 4.62
N ALA A 153 -42.20 33.02 5.62
CA ALA A 153 -41.59 33.99 6.54
C ALA A 153 -40.73 35.02 5.80
N LYS A 154 -40.02 34.57 4.77
CA LYS A 154 -39.15 35.46 4.02
C LYS A 154 -39.97 36.42 3.14
N ARG A 155 -41.11 35.96 2.64
CA ARG A 155 -42.01 36.84 1.89
C ARG A 155 -42.54 37.97 2.77
N GLU A 156 -42.97 37.62 3.98
CA GLU A 156 -43.42 38.62 4.94
C GLU A 156 -42.32 39.67 5.16
N THR A 157 -41.10 39.19 5.39
CA THR A 157 -39.95 40.06 5.58
C THR A 157 -39.77 41.05 4.42
N LEU A 158 -39.89 40.54 3.19
CA LEU A 158 -39.72 41.38 2.00
C LEU A 158 -40.81 42.44 1.88
N LYS A 159 -42.04 42.03 2.16
CA LYS A 159 -43.19 42.93 2.16
C LYS A 159 -42.97 44.01 3.21
N LYS A 160 -42.50 43.57 4.38
CA LYS A 160 -42.09 44.48 5.45
C LYS A 160 -41.17 45.56 4.91
N ALA A 161 -40.13 45.13 4.20
CA ALA A 161 -39.16 46.05 3.63
C ALA A 161 -39.75 46.94 2.54
N ASP A 162 -40.66 46.38 1.74
CA ASP A 162 -41.32 47.17 0.71
C ASP A 162 -42.23 48.24 1.31
N GLU A 163 -42.97 47.88 2.34
CA GLU A 163 -43.82 48.84 3.05
C GLU A 163 -42.97 49.97 3.60
N ASN A 164 -41.81 49.61 4.15
CA ASN A 164 -40.86 50.59 4.68
C ASN A 164 -40.41 51.57 3.61
N LEU A 165 -40.17 51.07 2.40
CA LEU A 165 -39.67 51.90 1.31
C LEU A 165 -40.69 52.96 0.86
N GLN A 166 -41.97 52.63 0.93
CA GLN A 166 -43.01 53.56 0.52
C GLN A 166 -42.98 54.86 1.35
N THR A 167 -42.69 54.74 2.65
CA THR A 167 -42.65 55.91 3.51
C THR A 167 -41.46 56.81 3.14
N GLN A 168 -40.43 56.20 2.56
CA GLN A 168 -39.20 56.92 2.27
C GLN A 168 -39.25 57.69 0.95
N LEU A 169 -40.44 57.77 0.35
CA LEU A 169 -40.57 58.38 -0.98
C LEU A 169 -41.36 59.68 -0.96
N LYS B 6 27.06 24.72 -1.84
CA LYS B 6 27.28 24.49 -3.27
C LYS B 6 25.99 24.63 -4.05
N ILE B 7 24.93 23.96 -3.59
CA ILE B 7 23.63 24.08 -4.22
C ILE B 7 22.80 25.14 -3.52
N PHE B 8 22.21 26.05 -4.30
CA PHE B 8 21.34 27.06 -3.74
C PHE B 8 20.16 27.39 -4.66
N VAL B 9 19.18 28.09 -4.11
CA VAL B 9 18.05 28.59 -4.90
C VAL B 9 18.26 30.08 -5.11
N ALA B 10 17.95 30.55 -6.31
CA ALA B 10 18.04 31.98 -6.58
C ALA B 10 16.64 32.58 -6.76
N ILE B 11 16.32 33.57 -5.93
CA ILE B 11 15.06 34.28 -6.05
C ILE B 11 15.30 35.66 -6.65
N LEU B 12 14.60 35.95 -7.74
CA LEU B 12 14.62 37.27 -8.34
C LEU B 12 13.23 37.89 -8.29
N GLY B 14 11.18 41.68 -9.74
CA GLY B 14 11.32 42.91 -10.50
C GLY B 14 11.19 44.18 -9.68
N SER B 15 10.56 44.09 -8.51
CA SER B 15 10.29 45.27 -7.70
C SER B 15 10.36 45.01 -6.21
N ASP B 16 10.68 46.05 -5.44
CA ASP B 16 10.78 45.94 -3.99
C ASP B 16 9.40 45.78 -3.36
N SER B 17 8.37 46.11 -4.13
CA SER B 17 7.00 45.90 -3.66
C SER B 17 6.67 44.41 -3.61
N ASP B 18 7.49 43.59 -4.28
CA ASP B 18 7.29 42.15 -4.32
C ASP B 18 7.74 41.46 -3.04
N LEU B 19 8.53 42.16 -2.23
CA LEU B 19 9.09 41.59 -1.01
C LEU B 19 8.03 41.14 0.00
N SER B 20 6.94 41.88 0.09
CA SER B 20 5.85 41.54 1.01
C SER B 20 5.36 40.12 0.75
N THR B 21 5.23 39.78 -0.52
CA THR B 21 4.82 38.44 -0.92
C THR B 21 5.93 37.42 -0.67
N GLU B 23 8.59 37.21 1.17
CA GLU B 23 9.07 36.88 2.51
C GLU B 23 8.64 35.45 2.85
N THR B 24 7.46 35.09 2.37
CA THR B 24 6.88 33.78 2.59
C THR B 24 7.80 32.68 2.07
N ALA B 25 8.43 32.95 0.93
CA ALA B 25 9.37 32.01 0.33
C ALA B 25 10.67 31.95 1.15
N PHE B 26 11.19 33.12 1.54
CA PHE B 26 12.37 33.17 2.39
C PHE B 26 12.15 32.30 3.62
N THR B 27 10.98 32.45 4.23
CA THR B 27 10.64 31.74 5.45
C THR B 27 10.62 30.21 5.29
N GLU B 28 10.00 29.74 4.21
CA GLU B 28 9.96 28.29 3.94
C GLU B 28 11.35 27.70 3.74
N LEU B 29 12.17 28.39 2.96
CA LEU B 29 13.52 27.89 2.64
C LEU B 29 14.43 27.83 3.88
N LYS B 30 14.38 28.87 4.71
CA LYS B 30 15.13 28.86 5.97
C LYS B 30 14.72 27.65 6.80
N SER B 31 13.41 27.40 6.86
CA SER B 31 12.89 26.33 7.69
C SER B 31 13.35 24.95 7.21
N LEU B 32 13.64 24.87 5.92
CA LEU B 32 14.07 23.60 5.34
C LEU B 32 15.59 23.52 5.27
N GLY B 33 16.26 24.58 5.72
CA GLY B 33 17.71 24.60 5.73
C GLY B 33 18.31 24.69 4.35
N ILE B 34 17.63 25.40 3.46
CA ILE B 34 18.09 25.51 2.08
C ILE B 34 18.65 26.90 1.81
N PRO B 35 19.95 26.96 1.46
CA PRO B 35 20.55 28.27 1.21
C PRO B 35 19.92 28.93 0.00
N PHE B 36 19.77 30.25 0.03
CA PHE B 36 19.23 30.95 -1.12
C PHE B 36 19.85 32.31 -1.25
N GLU B 37 19.77 32.86 -2.45
CA GLU B 37 20.14 34.24 -2.69
C GLU B 37 18.89 34.93 -3.21
N ALA B 38 18.78 36.23 -2.96
CA ALA B 38 17.63 36.99 -3.42
C ALA B 38 18.07 38.37 -3.88
N HIS B 39 17.51 38.83 -4.99
CA HIS B 39 17.91 40.12 -5.56
C HIS B 39 16.74 40.84 -6.21
N ILE B 40 16.83 42.16 -6.24
CA ILE B 40 15.92 42.96 -7.05
C ILE B 40 16.55 43.12 -8.42
N LEU B 41 15.95 42.46 -9.41
CA LEU B 41 16.42 42.50 -10.79
C LEU B 41 15.24 42.50 -11.75
N SER B 42 15.18 43.51 -12.60
CA SER B 42 14.06 43.66 -13.52
C SER B 42 14.43 43.24 -14.94
N ALA B 43 13.53 42.51 -15.59
CA ALA B 43 13.72 42.15 -16.99
C ALA B 43 13.53 43.37 -17.88
N HIS B 44 12.88 44.38 -17.35
CA HIS B 44 12.52 45.58 -18.13
C HIS B 44 13.45 46.74 -17.85
N ARG B 45 13.82 46.91 -16.58
CA ARG B 45 14.63 48.07 -16.18
C ARG B 45 16.13 47.80 -16.13
N THR B 46 16.53 46.59 -15.73
CA THR B 46 17.94 46.21 -15.70
C THR B 46 18.18 44.86 -16.40
N PRO B 47 17.90 44.79 -17.70
CA PRO B 47 17.99 43.53 -18.44
C PRO B 47 19.41 42.94 -18.48
N LYS B 48 20.42 43.77 -18.65
CA LYS B 48 21.80 43.29 -18.73
C LYS B 48 22.25 42.67 -17.41
N GLU B 49 22.02 43.38 -16.31
CA GLU B 49 22.36 42.85 -14.99
C GLU B 49 21.61 41.55 -14.71
N THR B 50 20.33 41.51 -15.09
CA THR B 50 19.51 40.31 -14.87
C THR B 50 20.10 39.10 -15.58
N VAL B 51 20.51 39.30 -16.83
CA VAL B 51 21.06 38.22 -17.64
C VAL B 51 22.44 37.81 -17.14
N GLU B 52 23.26 38.80 -16.77
CA GLU B 52 24.56 38.52 -16.18
C GLU B 52 24.42 37.73 -14.88
N PHE B 53 23.45 38.10 -14.06
CA PHE B 53 23.25 37.37 -12.81
C PHE B 53 22.85 35.92 -13.03
N VAL B 54 21.86 35.71 -13.89
CA VAL B 54 21.33 34.37 -14.13
C VAL B 54 22.42 33.44 -14.64
N GLU B 55 23.13 33.87 -15.67
CA GLU B 55 24.21 33.06 -16.23
C GLU B 55 25.27 32.69 -15.20
N ASN B 56 25.71 33.67 -14.42
CA ASN B 56 26.70 33.44 -13.37
C ASN B 56 26.19 32.57 -12.22
N ALA B 57 24.95 32.78 -11.81
CA ALA B 57 24.35 31.99 -10.73
C ALA B 57 24.29 30.51 -11.12
N ASP B 58 23.88 30.27 -12.37
CA ASP B 58 23.86 28.95 -12.96
C ASP B 58 25.23 28.30 -12.81
N ASN B 59 26.27 29.02 -13.21
CA ASN B 59 27.63 28.52 -13.15
C ASN B 59 28.09 28.21 -11.73
N ARG B 60 27.50 28.89 -10.76
CA ARG B 60 27.96 28.80 -9.38
C ARG B 60 27.26 27.72 -8.58
N GLY B 61 26.29 27.05 -9.18
CA GLY B 61 25.63 25.95 -8.52
C GLY B 61 24.16 26.14 -8.19
N CYS B 62 23.55 27.18 -8.74
CA CYS B 62 22.12 27.40 -8.54
C CYS B 62 21.34 26.27 -9.18
N ALA B 63 20.54 25.60 -8.37
CA ALA B 63 19.76 24.45 -8.84
C ALA B 63 18.41 24.89 -9.42
N VAL B 64 17.79 25.88 -8.77
CA VAL B 64 16.46 26.32 -9.16
C VAL B 64 16.36 27.83 -9.09
N PHE B 65 15.82 28.45 -10.14
CA PHE B 65 15.51 29.88 -10.10
C PHE B 65 14.03 30.07 -9.76
N ILE B 66 13.76 31.02 -8.88
CA ILE B 66 12.39 31.43 -8.58
C ILE B 66 12.22 32.89 -8.97
N ALA B 67 11.17 33.20 -9.70
CA ALA B 67 10.95 34.57 -10.15
C ALA B 67 9.56 35.08 -9.77
N ALA B 68 9.52 36.28 -9.19
CA ALA B 68 8.25 36.89 -8.83
C ALA B 68 8.01 38.16 -9.66
N ALA B 69 6.84 38.24 -10.30
CA ALA B 69 6.50 39.42 -11.09
C ALA B 69 4.98 39.61 -11.23
N GLY B 70 4.55 40.85 -11.34
CA GLY B 70 3.14 41.16 -11.51
C GLY B 70 2.88 41.82 -12.85
N LEU B 71 1.61 42.15 -13.08
CA LEU B 71 1.18 42.75 -14.34
C LEU B 71 1.64 41.93 -15.54
N ALA B 72 2.30 42.56 -16.49
CA ALA B 72 2.92 41.80 -17.57
C ALA B 72 4.22 41.21 -17.04
N ALA B 73 4.11 40.01 -16.46
CA ALA B 73 5.26 39.35 -15.85
C ALA B 73 6.14 38.70 -16.90
N HIS B 74 7.29 39.30 -17.18
CA HIS B 74 8.23 38.79 -18.17
C HIS B 74 9.48 38.19 -17.53
N LEU B 75 9.65 38.38 -16.23
CA LEU B 75 10.89 38.01 -15.56
C LEU B 75 11.24 36.52 -15.70
N ALA B 76 10.30 35.64 -15.38
CA ALA B 76 10.56 34.20 -15.47
C ALA B 76 10.89 33.79 -16.89
N GLY B 77 10.17 34.35 -17.85
CA GLY B 77 10.44 34.09 -19.25
C GLY B 77 11.87 34.43 -19.64
N THR B 78 12.38 35.53 -19.09
CA THR B 78 13.72 35.99 -19.39
C THR B 78 14.77 35.08 -18.77
N ILE B 79 14.53 34.64 -17.54
CA ILE B 79 15.45 33.70 -16.89
C ILE B 79 15.52 32.38 -17.66
N ALA B 80 14.36 31.82 -17.96
CA ALA B 80 14.29 30.53 -18.64
C ALA B 80 14.98 30.58 -19.99
N ALA B 81 14.98 31.75 -20.62
CA ALA B 81 15.62 31.92 -21.92
C ALA B 81 17.13 31.80 -21.84
N HIS B 82 17.68 31.94 -20.64
CA HIS B 82 19.13 31.99 -20.46
C HIS B 82 19.72 30.90 -19.56
N THR B 83 18.93 29.89 -19.23
CA THR B 83 19.43 28.80 -18.40
C THR B 83 18.64 27.54 -18.69
N LEU B 84 19.23 26.39 -18.42
CA LEU B 84 18.52 25.12 -18.57
C LEU B 84 18.19 24.54 -17.20
N LYS B 85 18.46 25.34 -16.18
CA LYS B 85 18.03 25.02 -14.83
C LYS B 85 16.53 25.29 -14.71
N PRO B 86 15.84 24.45 -13.94
CA PRO B 86 14.40 24.67 -13.70
C PRO B 86 14.11 26.09 -13.21
N VAL B 87 13.09 26.70 -13.78
CA VAL B 87 12.67 28.04 -13.40
C VAL B 87 11.21 28.06 -12.99
N ILE B 88 10.95 28.60 -11.80
CA ILE B 88 9.61 28.68 -11.25
C ILE B 88 9.14 30.13 -11.23
N GLY B 89 7.95 30.38 -11.77
CA GLY B 89 7.38 31.72 -11.81
C GLY B 89 6.23 31.88 -10.82
N VAL B 90 6.28 32.95 -10.03
CA VAL B 90 5.18 33.24 -9.11
C VAL B 90 4.48 34.51 -9.58
N PRO B 91 3.21 34.39 -9.98
CA PRO B 91 2.50 35.58 -10.43
C PRO B 91 2.10 36.43 -9.23
N ALA B 93 -0.11 39.39 -7.26
CA ALA B 93 -1.57 39.60 -7.24
C ALA B 93 -1.97 41.06 -7.32
N GLY B 94 -0.99 41.95 -7.42
CA GLY B 94 -1.27 43.37 -7.49
C GLY B 94 -2.03 43.76 -8.75
N GLY B 95 -2.31 45.05 -8.89
CA GLY B 95 -3.04 45.56 -10.03
C GLY B 95 -4.54 45.33 -9.96
N SER B 96 -5.28 46.03 -10.81
CA SER B 96 -6.75 46.00 -10.77
C SER B 96 -7.35 44.70 -11.32
N LEU B 97 -6.51 43.79 -11.79
CA LEU B 97 -7.01 42.58 -12.45
C LEU B 97 -6.82 41.30 -11.61
N GLY B 98 -6.41 41.48 -10.36
CA GLY B 98 -6.26 40.37 -9.44
C GLY B 98 -5.16 39.38 -9.79
N GLY B 99 -4.20 39.84 -10.59
CA GLY B 99 -3.06 39.02 -10.94
C GLY B 99 -3.34 38.02 -12.07
N LEU B 100 -4.49 38.15 -12.72
CA LEU B 100 -4.79 37.27 -13.85
C LEU B 100 -3.87 37.55 -15.03
N ASP B 101 -3.52 38.81 -15.23
CA ASP B 101 -2.57 39.17 -16.26
C ASP B 101 -1.20 38.54 -15.97
N ALA B 102 -0.78 38.58 -14.71
CA ALA B 102 0.48 37.98 -14.29
C ALA B 102 0.49 36.47 -14.54
N LEU B 103 -0.60 35.80 -14.20
CA LEU B 103 -0.68 34.35 -14.36
C LEU B 103 -0.56 33.92 -15.82
N LEU B 104 -1.39 34.49 -16.67
CA LEU B 104 -1.38 34.13 -18.09
C LEU B 104 -0.04 34.47 -18.75
N SER B 105 0.57 35.56 -18.30
CA SER B 105 1.83 36.02 -18.87
C SER B 105 2.98 35.14 -18.41
N THR B 106 2.79 34.46 -17.28
CA THR B 106 3.83 33.62 -16.70
C THR B 106 3.72 32.18 -17.20
N VAL B 107 2.50 31.68 -17.35
CA VAL B 107 2.29 30.26 -17.63
C VAL B 107 2.24 29.90 -19.11
N GLN B 108 1.83 30.82 -19.97
CA GLN B 108 1.62 30.50 -21.38
C GLN B 108 2.90 30.54 -22.23
N PRO B 110 5.68 29.18 -24.88
CA PRO B 110 5.68 28.34 -26.06
C PRO B 110 6.48 27.07 -25.80
N GLY B 111 6.13 25.97 -26.47
CA GLY B 111 6.85 24.72 -26.33
C GLY B 111 8.33 24.90 -26.60
N GLY B 112 9.16 24.44 -25.68
CA GLY B 112 10.61 24.57 -25.85
C GLY B 112 11.28 25.29 -24.70
N VAL B 113 10.60 26.27 -24.12
CA VAL B 113 11.15 27.02 -22.99
C VAL B 113 10.17 27.01 -21.83
N PRO B 114 10.20 25.95 -21.03
CA PRO B 114 9.22 25.79 -19.94
C PRO B 114 9.49 26.69 -18.74
N VAL B 115 8.39 27.17 -18.14
CA VAL B 115 8.43 27.81 -16.83
C VAL B 115 7.38 27.13 -15.95
N ALA B 116 7.77 26.76 -14.74
CA ALA B 116 6.85 26.13 -13.80
C ALA B 116 6.09 27.21 -13.06
N CYS B 117 4.80 27.33 -13.34
CA CYS B 117 3.98 28.36 -12.71
C CYS B 117 3.27 27.85 -11.46
N THR B 118 3.30 28.65 -10.39
CA THR B 118 2.54 28.33 -9.20
C THR B 118 1.35 29.28 -9.05
N ALA B 119 0.61 29.11 -7.97
CA ALA B 119 -0.53 29.95 -7.65
C ALA B 119 -0.15 31.42 -7.50
N ILE B 120 -1.17 32.27 -7.50
CA ILE B 120 -0.99 33.70 -7.38
C ILE B 120 -0.75 34.10 -5.93
N GLY B 121 0.18 35.02 -5.70
CA GLY B 121 0.38 35.59 -4.39
C GLY B 121 1.14 34.73 -3.40
N LYS B 122 0.81 34.89 -2.13
CA LYS B 122 1.54 34.24 -1.03
C LYS B 122 1.50 32.71 -1.08
N ALA B 123 0.38 32.14 -1.49
CA ALA B 123 0.31 30.69 -1.65
C ALA B 123 1.34 30.21 -2.67
N GLY B 124 1.49 30.99 -3.74
CA GLY B 124 2.42 30.67 -4.80
C GLY B 124 3.87 30.82 -4.36
N ALA B 125 4.13 31.78 -3.50
CA ALA B 125 5.47 31.99 -2.98
C ALA B 125 5.88 30.83 -2.10
N LYS B 126 4.98 30.42 -1.21
CA LYS B 126 5.24 29.27 -0.35
C LYS B 126 5.48 28.02 -1.22
N ASN B 127 4.61 27.80 -2.19
CA ASN B 127 4.73 26.63 -3.04
C ASN B 127 5.98 26.62 -3.93
N ALA B 128 6.40 27.81 -4.37
CA ALA B 128 7.63 27.93 -5.14
C ALA B 128 8.79 27.35 -4.32
N ALA B 129 8.86 27.76 -3.06
CA ALA B 129 9.90 27.29 -2.15
C ALA B 129 9.85 25.78 -1.93
N ILE B 130 8.63 25.25 -1.79
CA ILE B 130 8.47 23.83 -1.52
C ILE B 130 8.81 22.98 -2.74
N LEU B 131 8.39 23.43 -3.92
CA LEU B 131 8.71 22.76 -5.18
C LEU B 131 10.23 22.75 -5.41
N ALA B 132 10.87 23.88 -5.10
CA ALA B 132 12.32 23.96 -5.22
C ALA B 132 13.00 22.94 -4.31
N ALA B 133 12.46 22.80 -3.11
CA ALA B 133 12.96 21.85 -2.13
C ALA B 133 12.76 20.42 -2.60
N GLN B 134 11.61 20.15 -3.21
CA GLN B 134 11.31 18.82 -3.72
C GLN B 134 12.25 18.44 -4.85
N ILE B 135 12.61 19.41 -5.67
CA ILE B 135 13.53 19.17 -6.77
C ILE B 135 14.92 18.86 -6.20
N ILE B 136 15.37 19.68 -5.27
CA ILE B 136 16.66 19.50 -4.63
C ILE B 136 16.70 18.20 -3.84
N ALA B 137 15.56 17.78 -3.32
CA ALA B 137 15.46 16.58 -2.51
C ALA B 137 15.65 15.30 -3.32
N LEU B 138 15.63 15.41 -4.64
CA LEU B 138 15.93 14.25 -5.46
C LEU B 138 17.39 13.82 -5.23
N GLN B 139 18.24 14.77 -4.86
CA GLN B 139 19.66 14.49 -4.66
C GLN B 139 20.13 14.74 -3.22
N ASP B 140 19.21 15.02 -2.31
CA ASP B 140 19.56 15.31 -0.92
C ASP B 140 18.59 14.65 0.08
N LYS B 141 19.00 13.52 0.65
CA LYS B 141 18.18 12.79 1.61
C LYS B 141 17.73 13.65 2.79
N SER B 142 18.64 14.49 3.26
CA SER B 142 18.36 15.36 4.40
C SER B 142 17.16 16.28 4.14
N ILE B 143 17.05 16.78 2.92
CA ILE B 143 15.93 17.65 2.55
C ILE B 143 14.67 16.82 2.35
N ALA B 144 14.84 15.64 1.75
CA ALA B 144 13.71 14.74 1.54
C ALA B 144 13.00 14.47 2.86
N GLN B 145 13.80 14.21 3.89
CA GLN B 145 13.32 13.88 5.22
C GLN B 145 12.59 15.05 5.88
N LYS B 146 13.10 16.26 5.66
CA LYS B 146 12.50 17.46 6.25
C LYS B 146 11.15 17.79 5.63
N LEU B 147 10.99 17.45 4.34
CA LEU B 147 9.71 17.66 3.67
C LEU B 147 8.67 16.69 4.20
N VAL B 148 9.10 15.47 4.50
CA VAL B 148 8.23 14.47 5.08
C VAL B 148 7.69 14.92 6.44
N GLN B 149 8.60 15.33 7.32
CA GLN B 149 8.21 15.75 8.67
C GLN B 149 7.37 17.03 8.62
N GLN B 150 7.64 17.90 7.64
CA GLN B 150 6.86 19.12 7.51
C GLN B 150 5.40 18.81 7.20
N ARG B 151 5.16 17.84 6.31
CA ARG B 151 3.80 17.45 5.98
C ARG B 151 3.13 16.71 7.13
N THR B 152 3.92 15.95 7.88
CA THR B 152 3.41 15.26 9.05
C THR B 152 2.95 16.26 10.11
N ALA B 153 3.75 17.31 10.30
CA ALA B 153 3.48 18.32 11.33
C ALA B 153 2.24 19.16 11.00
N LYS B 154 2.00 19.41 9.72
CA LYS B 154 0.84 20.18 9.29
C LYS B 154 -0.42 19.31 9.39
N ARG B 155 -0.25 18.00 9.25
CA ARG B 155 -1.36 17.09 9.46
C ARG B 155 -1.80 17.10 10.93
N GLU B 156 -0.82 17.06 11.84
CA GLU B 156 -1.12 17.15 13.27
C GLU B 156 -1.82 18.46 13.62
N THR B 157 -1.37 19.55 13.00
CA THR B 157 -1.96 20.86 13.24
C THR B 157 -3.43 20.93 12.80
N LEU B 158 -3.74 20.31 11.66
CA LEU B 158 -5.11 20.27 11.16
C LEU B 158 -5.98 19.33 11.98
N LYS B 159 -5.40 18.24 12.46
CA LYS B 159 -6.14 17.33 13.32
C LYS B 159 -6.58 18.09 14.57
N LYS B 160 -5.66 18.83 15.16
CA LYS B 160 -5.94 19.66 16.33
C LYS B 160 -7.05 20.67 16.03
N ALA B 161 -6.98 21.31 14.87
CA ALA B 161 -7.96 22.32 14.50
C ALA B 161 -9.33 21.68 14.36
N ASP B 162 -9.33 20.42 13.96
CA ASP B 162 -10.57 19.67 13.77
C ASP B 162 -11.23 19.30 15.10
N GLU B 163 -10.41 18.83 16.03
CA GLU B 163 -10.86 18.49 17.38
C GLU B 163 -11.35 19.75 18.08
N ASN B 164 -10.65 20.86 17.84
CA ASN B 164 -11.01 22.15 18.38
C ASN B 164 -12.41 22.54 17.94
N LEU B 165 -12.68 22.36 16.65
CA LEU B 165 -13.98 22.69 16.07
C LEU B 165 -15.09 21.87 16.71
N GLN B 166 -14.82 20.60 16.98
CA GLN B 166 -15.85 19.71 17.53
C GLN B 166 -16.50 20.29 18.79
N THR B 167 -15.71 20.95 19.62
CA THR B 167 -16.24 21.54 20.86
C THR B 167 -16.97 22.85 20.62
N GLN B 168 -16.82 23.41 19.42
CA GLN B 168 -17.46 24.68 19.08
C GLN B 168 -18.81 24.50 18.40
N LEU B 169 -19.24 23.25 18.26
CA LEU B 169 -20.48 22.94 17.56
C LEU B 169 -21.67 22.77 18.50
N ILE C 7 -42.97 8.45 -8.80
CA ILE C 7 -41.73 9.20 -8.78
C ILE C 7 -41.14 9.36 -10.17
N PHE C 8 -40.87 10.60 -10.56
CA PHE C 8 -40.25 10.83 -11.86
C PHE C 8 -39.41 12.10 -11.88
N VAL C 9 -38.60 12.22 -12.93
CA VAL C 9 -37.79 13.39 -13.19
C VAL C 9 -38.39 14.23 -14.31
N ALA C 10 -38.52 15.53 -14.11
CA ALA C 10 -39.09 16.39 -15.15
C ALA C 10 -37.99 17.26 -15.75
N ILE C 11 -37.82 17.15 -17.07
CA ILE C 11 -36.79 17.89 -17.77
C ILE C 11 -37.38 18.98 -18.65
N LEU C 12 -36.94 20.21 -18.44
CA LEU C 12 -37.38 21.35 -19.26
C LEU C 12 -36.21 22.01 -19.98
N GLY C 14 -35.69 25.46 -22.93
CA GLY C 14 -36.39 26.60 -23.49
C GLY C 14 -36.39 26.69 -24.99
N SER C 15 -35.77 25.69 -25.62
CA SER C 15 -35.64 25.64 -27.07
C SER C 15 -35.21 24.24 -27.50
N ASP C 16 -35.64 23.81 -28.68
CA ASP C 16 -35.33 22.45 -29.12
C ASP C 16 -33.92 22.37 -29.70
N SER C 17 -33.27 23.51 -29.87
CA SER C 17 -31.86 23.52 -30.19
C SER C 17 -31.09 22.90 -29.03
N ASP C 18 -31.70 22.97 -27.83
CA ASP C 18 -31.14 22.39 -26.64
C ASP C 18 -31.25 20.86 -26.63
N LEU C 19 -31.99 20.31 -27.59
CA LEU C 19 -32.19 18.86 -27.66
C LEU C 19 -30.91 18.08 -27.94
N SER C 20 -30.05 18.62 -28.80
CA SER C 20 -28.74 18.02 -29.04
C SER C 20 -28.13 17.53 -27.74
N THR C 21 -27.98 18.46 -26.81
CA THR C 21 -27.32 18.21 -25.54
C THR C 21 -28.13 17.32 -24.61
N GLU C 23 -30.33 15.12 -24.97
CA GLU C 23 -30.50 13.72 -25.33
C GLU C 23 -29.60 12.84 -24.48
N THR C 24 -28.42 13.36 -24.13
CA THR C 24 -27.49 12.65 -23.26
C THR C 24 -28.14 12.33 -21.92
N ALA C 25 -28.94 13.27 -21.43
CA ALA C 25 -29.62 13.07 -20.15
C ALA C 25 -30.71 11.99 -20.28
N PHE C 26 -31.48 12.04 -21.36
CA PHE C 26 -32.51 11.03 -21.62
C PHE C 26 -31.91 9.64 -21.58
N THR C 27 -30.81 9.46 -22.30
CA THR C 27 -30.12 8.17 -22.38
C THR C 27 -29.74 7.65 -21.00
N GLU C 28 -29.14 8.53 -20.18
CA GLU C 28 -28.75 8.16 -18.83
C GLU C 28 -29.92 7.67 -18.00
N LEU C 29 -31.01 8.43 -18.00
CA LEU C 29 -32.18 8.08 -17.18
C LEU C 29 -32.78 6.76 -17.65
N LYS C 30 -32.90 6.59 -18.96
CA LYS C 30 -33.36 5.32 -19.52
C LYS C 30 -32.52 4.15 -19.06
N SER C 31 -31.20 4.30 -19.12
CA SER C 31 -30.29 3.22 -18.76
C SER C 31 -30.40 2.85 -17.28
N LEU C 32 -30.92 3.77 -16.48
CA LEU C 32 -31.07 3.54 -15.04
C LEU C 32 -32.50 3.16 -14.69
N GLY C 33 -33.38 3.17 -15.69
CA GLY C 33 -34.76 2.79 -15.46
C GLY C 33 -35.56 3.84 -14.71
N ILE C 34 -35.07 5.07 -14.73
CA ILE C 34 -35.76 6.17 -14.07
C ILE C 34 -36.67 6.89 -15.05
N PRO C 35 -37.97 6.95 -14.75
CA PRO C 35 -39.01 7.58 -15.57
C PRO C 35 -38.91 9.11 -15.61
N PHE C 36 -39.19 9.70 -16.76
CA PHE C 36 -39.08 11.14 -16.90
C PHE C 36 -40.08 11.73 -17.89
N GLU C 37 -40.35 13.02 -17.73
CA GLU C 37 -41.10 13.80 -18.70
C GLU C 37 -40.20 14.93 -19.16
N ALA C 38 -40.25 15.26 -20.44
CA ALA C 38 -39.47 16.36 -20.99
C ALA C 38 -40.33 17.26 -21.85
N HIS C 39 -40.17 18.57 -21.69
CA HIS C 39 -40.97 19.54 -22.44
C HIS C 39 -40.14 20.71 -22.92
N ILE C 40 -40.56 21.29 -24.04
CA ILE C 40 -40.01 22.57 -24.48
C ILE C 40 -40.84 23.67 -23.83
N LEU C 41 -40.25 24.36 -22.85
CA LEU C 41 -40.94 25.42 -22.13
C LEU C 41 -39.95 26.53 -21.81
N SER C 42 -40.27 27.73 -22.27
CA SER C 42 -39.38 28.88 -22.09
C SER C 42 -39.81 29.76 -20.93
N ALA C 43 -38.84 30.17 -20.11
CA ALA C 43 -39.13 31.12 -19.04
C ALA C 43 -39.43 32.49 -19.65
N HIS C 44 -38.86 32.76 -20.82
CA HIS C 44 -39.00 34.05 -21.47
C HIS C 44 -40.23 34.08 -22.40
N ARG C 45 -40.42 33.02 -23.17
CA ARG C 45 -41.48 32.99 -24.18
C ARG C 45 -42.80 32.46 -23.65
N THR C 46 -42.76 31.45 -22.78
CA THR C 46 -43.98 30.84 -22.26
C THR C 46 -44.01 30.77 -20.73
N PRO C 47 -43.97 31.94 -20.07
CA PRO C 47 -43.86 32.01 -18.61
C PRO C 47 -45.02 31.38 -17.84
N LYS C 48 -46.25 31.54 -18.31
CA LYS C 48 -47.41 30.98 -17.59
C LYS C 48 -47.45 29.46 -17.73
N GLU C 49 -47.27 28.95 -18.94
CA GLU C 49 -47.24 27.51 -19.17
C GLU C 49 -46.12 26.85 -18.37
N THR C 50 -44.97 27.51 -18.32
CA THR C 50 -43.84 27.00 -17.55
C THR C 50 -44.21 26.81 -16.08
N VAL C 51 -44.79 27.85 -15.48
CA VAL C 51 -45.19 27.79 -14.07
C VAL C 51 -46.26 26.73 -13.83
N GLU C 52 -47.28 26.70 -14.69
CA GLU C 52 -48.34 25.70 -14.60
C GLU C 52 -47.78 24.29 -14.56
N PHE C 53 -46.90 24.00 -15.51
CA PHE C 53 -46.35 22.65 -15.57
C PHE C 53 -45.60 22.30 -14.30
N VAL C 54 -44.76 23.22 -13.84
CA VAL C 54 -43.97 22.97 -12.65
C VAL C 54 -44.87 22.64 -11.45
N GLU C 55 -45.86 23.49 -11.20
CA GLU C 55 -46.76 23.26 -10.07
C GLU C 55 -47.59 21.99 -10.24
N ASN C 56 -47.90 21.65 -11.48
CA ASN C 56 -48.63 20.43 -11.79
C ASN C 56 -47.77 19.18 -11.62
N ALA C 57 -46.57 19.21 -12.20
CA ALA C 57 -45.62 18.10 -12.09
C ALA C 57 -45.25 17.83 -10.63
N ASP C 58 -44.98 18.90 -9.89
CA ASP C 58 -44.61 18.80 -8.49
C ASP C 58 -45.67 18.03 -7.70
N ASN C 59 -46.94 18.38 -7.91
CA ASN C 59 -48.04 17.77 -7.18
C ASN C 59 -48.30 16.32 -7.57
N ARG C 60 -47.84 15.93 -8.75
CA ARG C 60 -48.03 14.57 -9.23
C ARG C 60 -46.86 13.66 -8.88
N GLY C 61 -45.87 14.21 -8.18
CA GLY C 61 -44.78 13.41 -7.66
C GLY C 61 -43.43 13.55 -8.35
N CYS C 62 -43.23 14.69 -9.03
CA CYS C 62 -41.91 14.99 -9.57
C CYS C 62 -40.93 15.14 -8.41
N ALA C 63 -39.86 14.35 -8.43
CA ALA C 63 -38.87 14.39 -7.37
C ALA C 63 -37.80 15.43 -7.66
N VAL C 64 -37.44 15.56 -8.93
CA VAL C 64 -36.36 16.46 -9.33
C VAL C 64 -36.66 17.16 -10.65
N PHE C 65 -36.39 18.45 -10.71
CA PHE C 65 -36.45 19.19 -11.97
C PHE C 65 -35.05 19.39 -12.56
N ILE C 66 -34.91 19.15 -13.85
CA ILE C 66 -33.68 19.46 -14.56
C ILE C 66 -33.98 20.52 -15.62
N ALA C 67 -33.23 21.62 -15.60
CA ALA C 67 -33.48 22.69 -16.56
C ALA C 67 -32.24 23.01 -17.38
N ALA C 68 -32.43 23.07 -18.70
CA ALA C 68 -31.35 23.41 -19.62
C ALA C 68 -31.60 24.74 -20.31
N ALA C 69 -30.66 25.67 -20.20
CA ALA C 69 -30.77 26.96 -20.86
C ALA C 69 -29.41 27.55 -21.20
N GLY C 70 -29.36 28.37 -22.24
CA GLY C 70 -28.12 29.00 -22.67
C GLY C 70 -28.18 30.51 -22.53
N LEU C 71 -27.09 31.17 -22.92
CA LEU C 71 -26.99 32.63 -22.81
C LEU C 71 -27.48 33.09 -21.43
N ALA C 72 -28.42 34.03 -21.39
CA ALA C 72 -29.00 34.43 -20.10
C ALA C 72 -29.97 33.36 -19.63
N ALA C 73 -29.44 32.34 -18.95
CA ALA C 73 -30.22 31.17 -18.55
C ALA C 73 -31.06 31.43 -17.30
N HIS C 74 -32.36 31.65 -17.49
CA HIS C 74 -33.26 32.00 -16.40
C HIS C 74 -34.23 30.87 -16.03
N LEU C 75 -34.20 29.78 -16.79
CA LEU C 75 -35.19 28.71 -16.66
C LEU C 75 -35.16 28.03 -15.30
N ALA C 76 -33.98 27.56 -14.89
CA ALA C 76 -33.82 26.89 -13.60
C ALA C 76 -34.26 27.80 -12.45
N GLY C 77 -33.86 29.05 -12.50
CA GLY C 77 -34.22 30.01 -11.47
C GLY C 77 -35.72 30.21 -11.39
N THR C 78 -36.37 30.26 -12.54
CA THR C 78 -37.82 30.38 -12.58
C THR C 78 -38.50 29.16 -11.97
N ILE C 79 -37.95 27.98 -12.24
CA ILE C 79 -38.49 26.76 -11.66
C ILE C 79 -38.33 26.74 -10.14
N ALA C 80 -37.12 27.04 -9.66
CA ALA C 80 -36.83 27.00 -8.23
C ALA C 80 -37.69 27.98 -7.42
N ALA C 81 -38.11 29.08 -8.06
CA ALA C 81 -38.96 30.05 -7.38
C ALA C 81 -40.35 29.48 -7.12
N HIS C 82 -40.72 28.42 -7.83
CA HIS C 82 -42.08 27.90 -7.76
C HIS C 82 -42.20 26.47 -7.24
N THR C 83 -41.13 25.96 -6.65
CA THR C 83 -41.14 24.61 -6.08
C THR C 83 -40.05 24.46 -5.04
N LEU C 84 -40.24 23.52 -4.12
CA LEU C 84 -39.22 23.22 -3.12
C LEU C 84 -38.57 21.87 -3.41
N LYS C 85 -38.93 21.29 -4.55
CA LYS C 85 -38.23 20.13 -5.06
C LYS C 85 -36.86 20.60 -5.51
N PRO C 86 -35.86 19.73 -5.43
CA PRO C 86 -34.53 20.05 -5.94
C PRO C 86 -34.57 20.42 -7.42
N VAL C 87 -33.87 21.48 -7.81
CA VAL C 87 -33.78 21.88 -9.20
C VAL C 87 -32.33 21.91 -9.68
N ILE C 88 -32.03 21.12 -10.70
CA ILE C 88 -30.69 21.08 -11.29
C ILE C 88 -30.67 21.88 -12.58
N GLY C 89 -29.72 22.82 -12.68
CA GLY C 89 -29.57 23.64 -13.87
C GLY C 89 -28.39 23.23 -14.71
N VAL C 90 -28.61 23.12 -16.02
CA VAL C 90 -27.56 22.72 -16.95
C VAL C 90 -27.31 23.85 -17.95
N PRO C 91 -26.11 24.45 -17.88
CA PRO C 91 -25.73 25.54 -18.77
C PRO C 91 -25.37 25.05 -20.17
N ALA C 93 -23.71 25.36 -23.91
CA ALA C 93 -22.38 25.88 -24.28
C ALA C 93 -22.43 26.84 -25.46
N GLY C 94 -23.60 26.96 -26.07
CA GLY C 94 -23.74 27.70 -27.32
C GLY C 94 -23.38 29.16 -27.21
N GLY C 95 -23.35 29.84 -28.35
CA GLY C 95 -23.03 31.27 -28.38
C GLY C 95 -21.54 31.56 -28.29
N SER C 96 -21.22 32.84 -28.36
CA SER C 96 -19.82 33.26 -28.51
C SER C 96 -19.01 33.33 -27.21
N LEU C 97 -19.64 33.08 -26.07
CA LEU C 97 -18.93 33.22 -24.79
C LEU C 97 -18.61 31.88 -24.13
N GLY C 98 -18.79 30.79 -24.87
CA GLY C 98 -18.44 29.47 -24.37
C GLY C 98 -19.33 28.99 -23.24
N GLY C 99 -20.52 29.58 -23.13
CA GLY C 99 -21.46 29.19 -22.09
C GLY C 99 -21.12 29.73 -20.72
N LEU C 100 -20.16 30.65 -20.64
CA LEU C 100 -19.80 31.27 -19.37
C LEU C 100 -20.95 32.15 -18.88
N ASP C 101 -21.56 32.89 -19.79
CA ASP C 101 -22.74 33.66 -19.44
C ASP C 101 -23.81 32.77 -18.81
N ALA C 102 -24.11 31.67 -19.47
CA ALA C 102 -25.11 30.71 -19.00
C ALA C 102 -24.75 30.15 -17.63
N LEU C 103 -23.48 29.86 -17.42
CA LEU C 103 -23.02 29.27 -16.16
C LEU C 103 -23.21 30.20 -14.97
N LEU C 104 -22.70 31.42 -15.10
CA LEU C 104 -22.88 32.43 -14.06
C LEU C 104 -24.35 32.70 -13.82
N SER C 105 -25.13 32.78 -14.90
CA SER C 105 -26.56 32.98 -14.82
C SER C 105 -27.28 31.91 -13.99
N THR C 106 -26.68 30.74 -13.93
CA THR C 106 -27.33 29.58 -13.32
C THR C 106 -26.90 29.36 -11.86
N VAL C 107 -25.61 29.51 -11.60
CA VAL C 107 -25.06 29.10 -10.31
C VAL C 107 -25.16 30.21 -9.29
N GLN C 108 -25.03 31.47 -9.73
CA GLN C 108 -24.99 32.62 -8.83
C GLN C 108 -26.34 33.00 -8.22
N PRO C 110 -29.10 33.83 -5.38
CA PRO C 110 -29.04 34.46 -4.06
C PRO C 110 -29.47 33.49 -2.96
N GLY C 111 -29.00 33.71 -1.73
CA GLY C 111 -29.31 32.83 -0.63
C GLY C 111 -30.80 32.75 -0.37
N GLY C 112 -31.32 31.52 -0.33
CA GLY C 112 -32.74 31.31 -0.12
C GLY C 112 -33.37 30.41 -1.16
N VAL C 113 -32.95 30.56 -2.41
CA VAL C 113 -33.53 29.80 -3.51
C VAL C 113 -32.43 29.12 -4.34
N PRO C 114 -32.03 27.92 -3.92
CA PRO C 114 -30.90 27.24 -4.56
C PRO C 114 -31.24 26.54 -5.88
N VAL C 115 -30.25 26.54 -6.77
CA VAL C 115 -30.24 25.68 -7.93
C VAL C 115 -28.91 24.91 -7.92
N ALA C 116 -28.99 23.62 -8.18
CA ALA C 116 -27.79 22.81 -8.29
C ALA C 116 -27.25 22.91 -9.72
N CYS C 117 -26.14 23.61 -9.86
CA CYS C 117 -25.56 23.80 -11.20
C CYS C 117 -24.57 22.68 -11.55
N THR C 118 -24.69 22.15 -12.75
CA THR C 118 -23.73 21.18 -13.25
C THR C 118 -22.85 21.79 -14.32
N ALA C 119 -21.99 20.97 -14.91
CA ALA C 119 -21.03 21.45 -15.90
C ALA C 119 -21.71 21.94 -17.19
N ILE C 120 -21.01 22.82 -17.90
CA ILE C 120 -21.47 23.30 -19.19
C ILE C 120 -21.60 22.16 -20.20
N GLY C 121 -22.73 22.09 -20.88
CA GLY C 121 -22.88 21.19 -22.00
C GLY C 121 -23.24 19.75 -21.67
N LYS C 122 -22.73 18.83 -22.47
CA LYS C 122 -23.07 17.41 -22.37
C LYS C 122 -22.57 16.75 -21.10
N ALA C 123 -21.40 17.18 -20.63
CA ALA C 123 -20.92 16.73 -19.34
C ALA C 123 -21.97 17.04 -18.29
N GLY C 124 -22.54 18.25 -18.39
CA GLY C 124 -23.54 18.69 -17.44
C GLY C 124 -24.88 17.98 -17.62
N ALA C 125 -25.24 17.68 -18.86
CA ALA C 125 -26.48 16.96 -19.13
C ALA C 125 -26.42 15.55 -18.55
N LYS C 126 -25.26 14.91 -18.68
CA LYS C 126 -25.09 13.57 -18.11
C LYS C 126 -25.07 13.59 -16.59
N ASN C 127 -24.38 14.57 -16.01
CA ASN C 127 -24.29 14.69 -14.56
C ASN C 127 -25.60 15.09 -13.88
N ALA C 128 -26.45 15.80 -14.60
CA ALA C 128 -27.75 16.19 -14.07
C ALA C 128 -28.63 14.94 -13.94
N ALA C 129 -28.56 14.06 -14.92
CA ALA C 129 -29.30 12.82 -14.89
C ALA C 129 -28.82 11.94 -13.75
N ILE C 130 -27.50 11.85 -13.60
CA ILE C 130 -26.89 11.03 -12.56
C ILE C 130 -27.18 11.59 -11.16
N LEU C 131 -27.11 12.92 -11.02
CA LEU C 131 -27.41 13.57 -9.76
C LEU C 131 -28.88 13.39 -9.36
N ALA C 132 -29.78 13.49 -10.33
CA ALA C 132 -31.20 13.26 -10.07
C ALA C 132 -31.42 11.82 -9.60
N ALA C 133 -30.59 10.91 -10.13
CA ALA C 133 -30.65 9.50 -9.77
C ALA C 133 -30.10 9.24 -8.38
N GLN C 134 -29.03 9.94 -8.02
CA GLN C 134 -28.44 9.81 -6.68
C GLN C 134 -29.40 10.30 -5.61
N ILE C 135 -30.17 11.34 -5.93
CA ILE C 135 -31.15 11.88 -5.01
C ILE C 135 -32.29 10.89 -4.81
N ILE C 136 -32.75 10.32 -5.92
CA ILE C 136 -33.86 9.37 -5.85
C ILE C 136 -33.44 8.05 -5.19
N ALA C 137 -32.16 7.69 -5.34
CA ALA C 137 -31.64 6.45 -4.77
C ALA C 137 -31.61 6.46 -3.24
N LEU C 138 -31.74 7.64 -2.65
CA LEU C 138 -31.81 7.73 -1.20
C LEU C 138 -33.00 6.94 -0.64
N GLN C 139 -33.95 6.61 -1.51
CA GLN C 139 -35.11 5.81 -1.11
C GLN C 139 -35.45 4.74 -2.14
N ASP C 140 -34.43 4.19 -2.79
CA ASP C 140 -34.65 3.17 -3.81
C ASP C 140 -33.42 2.27 -3.97
N LYS C 141 -33.40 1.16 -3.23
CA LYS C 141 -32.31 0.20 -3.32
C LYS C 141 -31.91 -0.09 -4.77
N SER C 142 -32.92 -0.37 -5.58
CA SER C 142 -32.71 -0.79 -6.96
C SER C 142 -31.84 0.19 -7.74
N ILE C 143 -32.11 1.48 -7.58
CA ILE C 143 -31.35 2.50 -8.30
C ILE C 143 -29.97 2.73 -7.68
N ALA C 144 -29.89 2.60 -6.35
CA ALA C 144 -28.60 2.69 -5.67
C ALA C 144 -27.65 1.64 -6.22
N GLN C 145 -28.15 0.42 -6.36
CA GLN C 145 -27.37 -0.72 -6.84
C GLN C 145 -26.95 -0.53 -8.30
N LYS C 146 -27.83 0.07 -9.10
CA LYS C 146 -27.53 0.36 -10.48
C LYS C 146 -26.46 1.45 -10.60
N LEU C 147 -26.47 2.39 -9.66
CA LEU C 147 -25.49 3.46 -9.65
C LEU C 147 -24.10 2.88 -9.38
N VAL C 148 -24.04 1.94 -8.45
CA VAL C 148 -22.79 1.26 -8.14
C VAL C 148 -22.23 0.55 -9.36
N GLN C 149 -23.02 -0.36 -9.93
CA GLN C 149 -22.54 -1.16 -11.04
C GLN C 149 -22.17 -0.31 -12.27
N GLN C 150 -22.77 0.87 -12.40
CA GLN C 150 -22.43 1.77 -13.50
C GLN C 150 -21.01 2.29 -13.33
N ARG C 151 -20.63 2.61 -12.09
CA ARG C 151 -19.28 3.10 -11.83
C ARG C 151 -18.28 1.97 -12.00
N THR C 152 -18.68 0.79 -11.55
CA THR C 152 -17.85 -0.41 -11.70
C THR C 152 -17.54 -0.68 -13.16
N ALA C 153 -18.55 -0.54 -14.02
CA ALA C 153 -18.37 -0.77 -15.46
C ALA C 153 -17.43 0.26 -16.07
N LYS C 154 -17.54 1.51 -15.63
CA LYS C 154 -16.70 2.58 -16.15
C LYS C 154 -15.24 2.29 -15.82
N ARG C 155 -14.98 1.83 -14.59
CA ARG C 155 -13.64 1.47 -14.18
C ARG C 155 -13.06 0.36 -15.05
N GLU C 156 -13.90 -0.60 -15.44
CA GLU C 156 -13.50 -1.66 -16.35
C GLU C 156 -13.12 -1.08 -17.71
N THR C 157 -13.90 -0.10 -18.15
CA THR C 157 -13.64 0.62 -19.39
C THR C 157 -12.26 1.31 -19.39
N LEU C 158 -11.91 1.92 -18.26
CA LEU C 158 -10.64 2.63 -18.15
C LEU C 158 -9.46 1.68 -18.01
N LYS C 159 -9.71 0.53 -17.38
CA LYS C 159 -8.69 -0.50 -17.26
C LYS C 159 -8.30 -1.01 -18.65
N LYS C 160 -9.30 -1.28 -19.47
CA LYS C 160 -9.04 -1.76 -20.82
C LYS C 160 -8.34 -0.71 -21.67
N ALA C 161 -8.74 0.55 -21.51
CA ALA C 161 -8.09 1.65 -22.21
C ALA C 161 -6.62 1.67 -21.84
N ASP C 162 -6.33 1.52 -20.54
CA ASP C 162 -4.97 1.51 -20.05
C ASP C 162 -4.20 0.33 -20.62
N GLU C 163 -4.81 -0.84 -20.57
CA GLU C 163 -4.21 -2.05 -21.13
C GLU C 163 -3.86 -1.88 -22.61
N ASN C 164 -4.76 -1.27 -23.37
CA ASN C 164 -4.50 -0.99 -24.77
C ASN C 164 -3.29 -0.06 -24.96
N LEU C 165 -3.21 0.96 -24.13
CA LEU C 165 -2.11 1.91 -24.20
C LEU C 165 -0.76 1.22 -24.03
N GLN C 166 -0.66 0.33 -23.06
CA GLN C 166 0.60 -0.35 -22.78
C GLN C 166 1.10 -1.15 -23.98
N THR C 167 0.18 -1.75 -24.73
CA THR C 167 0.55 -2.51 -25.92
C THR C 167 1.22 -1.62 -26.95
N GLN C 168 0.89 -0.33 -26.92
CA GLN C 168 1.44 0.64 -27.87
C GLN C 168 2.70 1.35 -27.37
N LEU C 169 3.16 1.01 -26.17
CA LEU C 169 4.30 1.71 -25.56
C LEU C 169 5.57 0.87 -25.54
N LYS D 6 17.45 3.68 -14.22
CA LYS D 6 16.81 3.53 -12.92
C LYS D 6 15.91 4.72 -12.58
N ILE D 7 16.19 5.84 -13.22
CA ILE D 7 15.35 7.02 -13.08
C ILE D 7 14.31 7.06 -14.19
N PHE D 8 13.08 7.44 -13.86
CA PHE D 8 12.05 7.56 -14.88
C PHE D 8 10.99 8.60 -14.55
N VAL D 9 10.26 9.02 -15.59
CA VAL D 9 9.12 9.92 -15.46
C VAL D 9 7.84 9.12 -15.57
N ALA D 10 6.82 9.51 -14.80
CA ALA D 10 5.53 8.85 -14.89
C ALA D 10 4.47 9.83 -15.40
N ILE D 11 3.76 9.43 -16.46
CA ILE D 11 2.72 10.26 -17.05
C ILE D 11 1.35 9.66 -16.83
N LEU D 12 0.49 10.40 -16.14
CA LEU D 12 -0.89 9.98 -15.93
C LEU D 12 -1.85 10.90 -16.66
N GLY D 14 -6.27 11.51 -17.38
CA GLY D 14 -7.59 11.16 -16.89
C GLY D 14 -8.43 10.40 -17.89
N SER D 15 -8.19 10.65 -19.17
CA SER D 15 -8.99 10.04 -20.23
C SER D 15 -8.11 9.69 -21.43
N ASP D 16 -8.46 8.64 -22.15
CA ASP D 16 -7.66 8.19 -23.29
C ASP D 16 -7.76 9.18 -24.45
N SER D 17 -8.68 10.13 -24.35
CA SER D 17 -8.79 11.19 -25.33
C SER D 17 -7.71 12.27 -25.14
N ASP D 18 -7.04 12.23 -23.98
CA ASP D 18 -5.92 13.12 -23.72
C ASP D 18 -4.66 12.66 -24.45
N LEU D 19 -4.67 11.39 -24.88
CA LEU D 19 -3.53 10.79 -25.54
C LEU D 19 -3.13 11.54 -26.80
N SER D 20 -4.10 12.20 -27.44
CA SER D 20 -3.80 12.98 -28.63
C SER D 20 -2.82 14.10 -28.32
N THR D 21 -3.03 14.76 -27.19
CA THR D 21 -2.17 15.86 -26.76
C THR D 21 -0.86 15.36 -26.13
N GLU D 23 0.96 12.75 -26.66
CA GLU D 23 1.93 12.12 -27.55
C GLU D 23 3.14 13.04 -27.72
N THR D 24 2.88 14.34 -27.75
CA THR D 24 3.95 15.33 -27.82
C THR D 24 4.96 15.10 -26.71
N ALA D 25 4.46 14.78 -25.52
CA ALA D 25 5.33 14.48 -24.38
C ALA D 25 6.12 13.19 -24.60
N PHE D 26 5.43 12.14 -25.04
CA PHE D 26 6.08 10.87 -25.33
C PHE D 26 7.24 11.09 -26.29
N THR D 27 6.96 11.81 -27.37
CA THR D 27 7.95 12.12 -28.39
C THR D 27 9.16 12.82 -27.79
N GLU D 28 8.88 13.84 -26.99
CA GLU D 28 9.94 14.63 -26.36
C GLU D 28 10.85 13.81 -25.46
N LEU D 29 10.25 13.00 -24.58
CA LEU D 29 11.03 12.15 -23.69
C LEU D 29 11.88 11.12 -24.46
N LYS D 30 11.27 10.49 -25.46
CA LYS D 30 12.00 9.56 -26.32
C LYS D 30 13.22 10.23 -26.93
N SER D 31 13.04 11.45 -27.44
CA SER D 31 14.11 12.16 -28.13
C SER D 31 15.29 12.48 -27.21
N LEU D 32 15.07 12.37 -25.90
CA LEU D 32 16.11 12.70 -24.92
C LEU D 32 16.67 11.45 -24.26
N GLY D 33 16.12 10.29 -24.58
CA GLY D 33 16.58 9.06 -23.97
C GLY D 33 16.20 8.95 -22.50
N ILE D 34 15.01 9.43 -22.16
CA ILE D 34 14.53 9.39 -20.77
C ILE D 34 13.35 8.44 -20.67
N PRO D 35 13.52 7.35 -19.91
CA PRO D 35 12.48 6.31 -19.83
C PRO D 35 11.26 6.87 -19.14
N PHE D 36 10.07 6.46 -19.58
CA PHE D 36 8.85 6.89 -18.93
C PHE D 36 7.80 5.79 -18.93
N GLU D 37 6.89 5.87 -17.98
CA GLU D 37 5.71 5.01 -17.96
C GLU D 37 4.49 5.90 -18.14
N ALA D 38 3.47 5.38 -18.81
CA ALA D 38 2.27 6.17 -19.05
C ALA D 38 1.02 5.33 -18.82
N HIS D 39 0.06 5.90 -18.09
CA HIS D 39 -1.18 5.20 -17.76
C HIS D 39 -2.41 6.08 -17.91
N ILE D 40 -3.54 5.44 -18.15
CA ILE D 40 -4.82 6.12 -18.12
C ILE D 40 -5.41 5.97 -16.73
N LEU D 41 -5.32 7.02 -15.93
CA LEU D 41 -5.79 6.96 -14.56
C LEU D 41 -6.53 8.23 -14.20
N SER D 42 -7.73 8.07 -13.65
CA SER D 42 -8.59 9.20 -13.34
C SER D 42 -8.74 9.42 -11.84
N ALA D 43 -8.63 10.67 -11.40
CA ALA D 43 -8.85 11.01 -10.01
C ALA D 43 -10.32 10.84 -9.66
N HIS D 44 -11.19 10.99 -10.65
CA HIS D 44 -12.63 10.92 -10.43
C HIS D 44 -13.20 9.50 -10.54
N ARG D 45 -12.81 8.77 -11.59
CA ARG D 45 -13.39 7.46 -11.87
C ARG D 45 -12.61 6.27 -11.28
N THR D 46 -11.31 6.44 -11.06
CA THR D 46 -10.50 5.37 -10.47
C THR D 46 -9.55 5.92 -9.41
N PRO D 47 -10.11 6.51 -8.34
CA PRO D 47 -9.29 7.18 -7.33
C PRO D 47 -8.36 6.21 -6.60
N LYS D 48 -8.87 5.04 -6.23
CA LYS D 48 -8.06 4.07 -5.49
C LYS D 48 -6.85 3.62 -6.29
N GLU D 49 -7.08 3.26 -7.56
CA GLU D 49 -6.01 2.81 -8.41
C GLU D 49 -4.99 3.92 -8.70
N THR D 50 -5.48 5.14 -8.87
CA THR D 50 -4.61 6.29 -9.12
C THR D 50 -3.62 6.44 -7.96
N VAL D 51 -4.17 6.44 -6.75
CA VAL D 51 -3.36 6.59 -5.55
C VAL D 51 -2.35 5.45 -5.41
N GLU D 52 -2.81 4.24 -5.64
CA GLU D 52 -1.94 3.08 -5.57
C GLU D 52 -0.74 3.20 -6.52
N PHE D 53 -0.98 3.62 -7.75
CA PHE D 53 0.10 3.72 -8.74
C PHE D 53 1.13 4.77 -8.34
N VAL D 54 0.64 5.92 -7.87
CA VAL D 54 1.52 7.01 -7.48
C VAL D 54 2.47 6.60 -6.36
N GLU D 55 1.92 5.90 -5.36
CA GLU D 55 2.74 5.45 -4.24
C GLU D 55 3.73 4.36 -4.66
N ASN D 56 3.30 3.46 -5.55
CA ASN D 56 4.18 2.43 -6.07
C ASN D 56 5.26 2.96 -7.01
N ALA D 57 4.91 3.92 -7.85
CA ALA D 57 5.87 4.51 -8.77
C ALA D 57 6.91 5.26 -7.97
N ASP D 58 6.43 6.06 -7.02
CA ASP D 58 7.29 6.80 -6.11
C ASP D 58 8.32 5.86 -5.50
N ASN D 59 7.84 4.77 -4.91
CA ASN D 59 8.71 3.80 -4.26
C ASN D 59 9.69 3.11 -5.21
N ARG D 60 9.32 3.01 -6.48
CA ARG D 60 10.15 2.34 -7.47
C ARG D 60 11.16 3.29 -8.11
N GLY D 61 11.19 4.54 -7.65
CA GLY D 61 12.22 5.44 -8.12
C GLY D 61 11.79 6.58 -9.02
N CYS D 62 10.48 6.73 -9.22
CA CYS D 62 9.98 7.80 -10.08
C CYS D 62 10.53 9.15 -9.65
N ALA D 63 11.10 9.90 -10.59
CA ALA D 63 11.68 11.20 -10.27
C ALA D 63 10.67 12.33 -10.38
N VAL D 64 9.84 12.30 -11.42
CA VAL D 64 8.88 13.36 -11.68
C VAL D 64 7.56 12.79 -12.20
N PHE D 65 6.45 13.37 -11.75
CA PHE D 65 5.14 13.00 -12.27
C PHE D 65 4.62 14.07 -13.23
N ILE D 66 4.06 13.63 -14.34
CA ILE D 66 3.34 14.53 -15.25
C ILE D 66 1.88 14.13 -15.28
N ALA D 67 1.00 15.11 -15.14
CA ALA D 67 -0.44 14.86 -15.11
C ALA D 67 -1.17 15.72 -16.14
N ALA D 68 -2.02 15.09 -16.93
CA ALA D 68 -2.78 15.81 -17.94
C ALA D 68 -4.28 15.65 -17.70
N ALA D 69 -4.98 16.77 -17.59
CA ALA D 69 -6.43 16.75 -17.40
C ALA D 69 -7.09 18.00 -17.93
N GLY D 70 -8.36 17.87 -18.31
CA GLY D 70 -9.15 19.00 -18.79
C GLY D 70 -10.29 19.35 -17.85
N LEU D 71 -11.06 20.38 -18.19
CA LEU D 71 -12.18 20.80 -17.36
C LEU D 71 -11.75 21.03 -15.92
N ALA D 72 -12.53 20.54 -14.97
CA ALA D 72 -12.14 20.62 -13.56
C ALA D 72 -11.01 19.63 -13.30
N ALA D 73 -9.80 20.01 -13.67
CA ALA D 73 -8.63 19.12 -13.58
C ALA D 73 -8.17 18.92 -12.15
N HIS D 74 -8.44 17.74 -11.62
CA HIS D 74 -8.06 17.40 -10.24
C HIS D 74 -6.90 16.39 -10.18
N LEU D 75 -6.47 15.89 -11.33
CA LEU D 75 -5.50 14.80 -11.35
C LEU D 75 -4.16 15.18 -10.69
N ALA D 76 -3.61 16.32 -11.10
CA ALA D 76 -2.31 16.77 -10.57
C ALA D 76 -2.31 16.98 -9.06
N GLY D 77 -3.36 17.60 -8.53
CA GLY D 77 -3.48 17.85 -7.12
C GLY D 77 -3.58 16.57 -6.31
N THR D 78 -4.20 15.56 -6.91
CA THR D 78 -4.38 14.27 -6.25
C THR D 78 -3.03 13.55 -6.13
N ILE D 79 -2.23 13.68 -7.18
CA ILE D 79 -0.89 13.09 -7.18
C ILE D 79 -0.03 13.79 -6.15
N ALA D 80 -0.02 15.11 -6.20
CA ALA D 80 0.77 15.93 -5.28
C ALA D 80 0.46 15.63 -3.82
N ALA D 81 -0.81 15.37 -3.53
CA ALA D 81 -1.24 15.06 -2.16
C ALA D 81 -0.70 13.72 -1.66
N HIS D 82 -0.18 12.91 -2.56
CA HIS D 82 0.22 11.55 -2.20
C HIS D 82 1.70 11.23 -2.41
N THR D 83 2.50 12.24 -2.70
CA THR D 83 3.93 12.06 -2.91
C THR D 83 4.62 13.39 -2.71
N LEU D 84 5.93 13.34 -2.46
CA LEU D 84 6.71 14.56 -2.33
C LEU D 84 7.67 14.74 -3.50
N LYS D 85 7.53 13.89 -4.51
CA LYS D 85 8.23 14.07 -5.77
C LYS D 85 7.59 15.23 -6.49
N PRO D 86 8.37 15.95 -7.31
CA PRO D 86 7.79 17.04 -8.11
C PRO D 86 6.62 16.59 -8.99
N VAL D 87 5.59 17.41 -9.07
CA VAL D 87 4.44 17.09 -9.92
C VAL D 87 4.15 18.22 -10.92
N ILE D 88 4.17 17.86 -12.20
CA ILE D 88 3.88 18.82 -13.28
C ILE D 88 2.47 18.61 -13.84
N GLY D 89 1.68 19.69 -13.86
CA GLY D 89 0.31 19.62 -14.32
C GLY D 89 0.09 20.25 -15.69
N VAL D 90 -0.49 19.50 -16.62
CA VAL D 90 -0.78 20.02 -17.95
C VAL D 90 -2.28 20.16 -18.20
N PRO D 91 -2.77 21.40 -18.27
CA PRO D 91 -4.18 21.70 -18.59
C PRO D 91 -4.54 21.42 -20.06
N ALA D 93 -6.95 21.43 -23.50
CA ALA D 93 -7.61 22.56 -24.17
C ALA D 93 -9.07 22.31 -24.52
N GLY D 94 -9.53 21.08 -24.36
CA GLY D 94 -10.89 20.73 -24.73
C GLY D 94 -11.97 21.42 -23.91
N GLY D 95 -13.18 21.45 -24.44
CA GLY D 95 -14.29 22.10 -23.77
C GLY D 95 -14.48 23.52 -24.27
N SER D 96 -15.57 24.17 -23.87
CA SER D 96 -15.98 25.44 -24.44
C SER D 96 -15.28 26.66 -23.83
N LEU D 97 -14.58 26.46 -22.71
CA LEU D 97 -13.89 27.57 -22.06
C LEU D 97 -12.41 27.66 -22.44
N GLY D 98 -12.02 26.86 -23.42
CA GLY D 98 -10.67 26.90 -23.96
C GLY D 98 -9.59 26.56 -22.96
N GLY D 99 -9.91 25.68 -22.01
CA GLY D 99 -8.93 25.22 -21.04
C GLY D 99 -8.67 26.19 -19.90
N LEU D 100 -9.37 27.31 -19.85
CA LEU D 100 -9.22 28.24 -18.75
C LEU D 100 -9.64 27.59 -17.42
N ASP D 101 -10.70 26.79 -17.47
CA ASP D 101 -11.13 26.04 -16.30
C ASP D 101 -10.03 25.09 -15.85
N ALA D 102 -9.43 24.38 -16.80
CA ALA D 102 -8.34 23.45 -16.50
C ALA D 102 -7.12 24.15 -15.90
N LEU D 103 -6.79 25.31 -16.43
CA LEU D 103 -5.62 26.06 -15.98
C LEU D 103 -5.77 26.52 -14.53
N LEU D 104 -6.87 27.20 -14.24
CA LEU D 104 -7.12 27.70 -12.88
C LEU D 104 -7.22 26.55 -11.89
N SER D 105 -7.82 25.45 -12.34
CA SER D 105 -8.01 24.29 -11.49
C SER D 105 -6.70 23.54 -11.22
N THR D 106 -5.68 23.79 -12.05
CA THR D 106 -4.41 23.10 -11.93
C THR D 106 -3.43 23.94 -11.12
N VAL D 107 -3.41 25.23 -11.41
CA VAL D 107 -2.34 26.11 -10.93
C VAL D 107 -2.58 26.75 -9.56
N GLN D 108 -3.85 26.92 -9.18
CA GLN D 108 -4.20 27.64 -7.95
C GLN D 108 -4.17 26.78 -6.66
N PRO D 110 -3.16 25.53 -2.88
CA PRO D 110 -2.94 26.15 -1.56
C PRO D 110 -1.49 26.03 -1.13
N GLY D 111 -0.99 27.01 -0.35
CA GLY D 111 0.34 26.92 0.21
C GLY D 111 0.50 25.56 0.88
N GLY D 112 1.60 24.88 0.61
CA GLY D 112 1.85 23.59 1.22
C GLY D 112 1.99 22.43 0.26
N VAL D 113 1.18 22.42 -0.79
CA VAL D 113 1.15 21.31 -1.75
C VAL D 113 1.30 21.81 -3.19
N PRO D 114 2.55 21.99 -3.64
CA PRO D 114 2.84 22.55 -4.97
C PRO D 114 2.55 21.61 -6.13
N VAL D 115 2.15 22.22 -7.25
CA VAL D 115 2.12 21.59 -8.55
C VAL D 115 2.71 22.57 -9.56
N ALA D 116 3.58 22.07 -10.44
CA ALA D 116 4.18 22.92 -11.46
C ALA D 116 3.26 22.93 -12.67
N CYS D 117 2.69 24.09 -12.96
CA CYS D 117 1.74 24.18 -14.07
C CYS D 117 2.38 24.76 -15.32
N THR D 118 2.18 24.08 -16.45
CA THR D 118 2.66 24.56 -17.74
C THR D 118 1.51 25.11 -18.60
N ALA D 119 1.84 25.47 -19.83
CA ALA D 119 0.87 26.08 -20.74
C ALA D 119 -0.23 25.12 -21.14
N ILE D 120 -1.35 25.69 -21.59
CA ILE D 120 -2.49 24.91 -22.04
C ILE D 120 -2.18 24.18 -23.34
N GLY D 121 -2.53 22.89 -23.39
CA GLY D 121 -2.45 22.14 -24.63
C GLY D 121 -1.12 21.51 -24.98
N LYS D 122 -0.86 21.37 -26.28
CA LYS D 122 0.32 20.68 -26.77
C LYS D 122 1.62 21.36 -26.37
N ALA D 123 1.63 22.70 -26.41
CA ALA D 123 2.79 23.47 -25.96
C ALA D 123 3.14 23.12 -24.51
N GLY D 124 2.10 22.91 -23.69
CA GLY D 124 2.29 22.57 -22.30
C GLY D 124 2.79 21.13 -22.13
N ALA D 125 2.33 20.25 -23.02
CA ALA D 125 2.76 18.87 -23.00
C ALA D 125 4.25 18.73 -23.32
N LYS D 126 4.71 19.46 -24.33
CA LYS D 126 6.13 19.49 -24.65
C LYS D 126 6.93 20.11 -23.49
N ASN D 127 6.46 21.24 -22.97
CA ASN D 127 7.13 21.90 -21.86
C ASN D 127 7.16 21.08 -20.58
N ALA D 128 6.14 20.26 -20.37
CA ALA D 128 6.15 19.32 -19.25
C ALA D 128 7.32 18.35 -19.38
N ALA D 129 7.52 17.83 -20.59
CA ALA D 129 8.59 16.88 -20.85
C ALA D 129 9.96 17.52 -20.68
N ILE D 130 10.13 18.75 -21.16
CA ILE D 130 11.40 19.43 -21.04
C ILE D 130 11.71 19.82 -19.59
N LEU D 131 10.69 20.24 -18.86
CA LEU D 131 10.85 20.59 -17.46
C LEU D 131 11.32 19.37 -16.65
N ALA D 132 10.65 18.24 -16.87
CA ALA D 132 11.05 16.99 -16.24
C ALA D 132 12.51 16.66 -16.56
N ALA D 133 12.90 16.91 -17.81
CA ALA D 133 14.26 16.64 -18.26
C ALA D 133 15.25 17.58 -17.56
N GLN D 134 14.86 18.83 -17.39
CA GLN D 134 15.71 19.81 -16.73
C GLN D 134 15.95 19.43 -15.26
N ILE D 135 14.90 19.02 -14.59
CA ILE D 135 15.00 18.56 -13.22
C ILE D 135 15.92 17.33 -13.14
N ILE D 136 15.75 16.41 -14.08
CA ILE D 136 16.57 15.21 -14.11
C ILE D 136 18.04 15.50 -14.46
N ALA D 137 18.26 16.46 -15.36
CA ALA D 137 19.62 16.83 -15.78
C ALA D 137 20.48 17.34 -14.62
N LEU D 138 19.85 17.73 -13.52
CA LEU D 138 20.61 18.19 -12.35
C LEU D 138 21.55 17.11 -11.85
N GLN D 139 21.23 15.86 -12.18
CA GLN D 139 22.00 14.71 -11.71
C GLN D 139 22.55 13.89 -12.87
N ASP D 140 22.06 14.16 -14.08
CA ASP D 140 22.45 13.37 -15.25
C ASP D 140 23.05 14.29 -16.30
N LYS D 141 24.37 14.33 -16.36
CA LYS D 141 25.07 15.27 -17.25
C LYS D 141 24.80 14.98 -18.72
N SER D 142 24.51 13.73 -19.03
CA SER D 142 24.21 13.37 -20.42
C SER D 142 22.87 13.99 -20.87
N ILE D 143 21.89 14.00 -19.98
CA ILE D 143 20.62 14.65 -20.28
C ILE D 143 20.83 16.15 -20.41
N ALA D 144 21.71 16.69 -19.57
CA ALA D 144 22.01 18.13 -19.59
C ALA D 144 22.62 18.54 -20.93
N GLN D 145 23.45 17.67 -21.47
CA GLN D 145 24.12 17.91 -22.75
C GLN D 145 23.09 17.93 -23.85
N LYS D 146 22.18 16.97 -23.81
CA LYS D 146 21.12 16.85 -24.82
C LYS D 146 20.18 18.04 -24.81
N LEU D 147 19.97 18.63 -23.64
CA LEU D 147 19.14 19.82 -23.53
C LEU D 147 19.81 21.01 -24.20
N VAL D 148 21.12 21.14 -24.01
CA VAL D 148 21.87 22.21 -24.65
C VAL D 148 21.80 22.12 -26.17
N GLN D 149 21.99 20.94 -26.73
CA GLN D 149 22.01 20.78 -28.18
C GLN D 149 20.63 20.90 -28.84
N GLN D 150 19.58 20.63 -28.07
CA GLN D 150 18.22 20.87 -28.58
C GLN D 150 17.97 22.36 -28.78
N ARG D 151 18.44 23.18 -27.84
CA ARG D 151 18.28 24.63 -27.99
C ARG D 151 19.16 25.14 -29.13
N THR D 152 20.36 24.57 -29.28
CA THR D 152 21.24 24.94 -30.37
C THR D 152 20.61 24.65 -31.73
N ALA D 153 19.95 23.49 -31.83
CA ALA D 153 19.31 23.10 -33.08
C ALA D 153 18.06 23.91 -33.41
N LYS D 154 17.34 24.37 -32.39
CA LYS D 154 16.16 25.19 -32.65
C LYS D 154 16.57 26.59 -33.14
N ARG D 155 17.71 27.07 -32.66
CA ARG D 155 18.23 28.36 -33.11
C ARG D 155 18.69 28.29 -34.56
N GLU D 156 19.36 27.21 -34.94
CA GLU D 156 19.70 26.99 -36.35
C GLU D 156 18.44 26.97 -37.20
N THR D 157 17.39 26.35 -36.66
CA THR D 157 16.11 26.24 -37.33
C THR D 157 15.44 27.60 -37.54
N LEU D 158 15.50 28.46 -36.53
CA LEU D 158 14.92 29.79 -36.64
C LEU D 158 15.73 30.65 -37.60
N LYS D 159 17.04 30.46 -37.60
CA LYS D 159 17.93 31.14 -38.54
C LYS D 159 17.55 30.81 -39.99
N LYS D 160 17.36 29.53 -40.27
CA LYS D 160 16.92 29.10 -41.60
C LYS D 160 15.60 29.77 -41.99
N ALA D 161 14.65 29.77 -41.07
CA ALA D 161 13.35 30.38 -41.32
C ALA D 161 13.53 31.87 -41.61
N ASP D 162 14.44 32.51 -40.88
CA ASP D 162 14.70 33.93 -41.06
C ASP D 162 15.35 34.23 -42.40
N GLU D 163 16.28 33.38 -42.82
CA GLU D 163 16.94 33.55 -44.10
C GLU D 163 15.96 33.37 -45.26
N ASN D 164 15.00 32.46 -45.08
CA ASN D 164 13.94 32.24 -46.06
C ASN D 164 13.01 33.45 -46.15
N LEU D 165 12.72 34.06 -45.01
CA LEU D 165 11.87 35.24 -44.99
C LEU D 165 12.49 36.37 -45.81
N GLN D 166 13.81 36.46 -45.77
CA GLN D 166 14.53 37.53 -46.45
C GLN D 166 14.35 37.50 -47.97
N THR D 167 14.10 36.33 -48.55
CA THR D 167 13.92 36.21 -49.99
C THR D 167 12.51 36.62 -50.39
N GLN D 168 11.59 36.49 -49.45
CA GLN D 168 10.17 36.74 -49.73
C GLN D 168 9.82 38.22 -49.59
N LEU D 169 10.71 39.00 -48.99
CA LEU D 169 10.51 40.45 -48.91
C LEU D 169 11.18 41.13 -50.09
N LYS E 6 -44.31 61.52 -39.44
CA LYS E 6 -43.39 60.57 -40.07
C LYS E 6 -42.42 59.95 -39.05
N ILE E 7 -42.94 59.07 -38.21
CA ILE E 7 -42.08 58.36 -37.26
C ILE E 7 -41.31 57.25 -37.96
N PHE E 8 -39.99 57.26 -37.80
CA PHE E 8 -39.17 56.18 -38.35
C PHE E 8 -38.01 55.80 -37.45
N VAL E 9 -37.38 54.67 -37.78
CA VAL E 9 -36.22 54.16 -37.05
C VAL E 9 -35.01 54.23 -37.94
N ALA E 10 -33.90 54.75 -37.40
CA ALA E 10 -32.66 54.84 -38.17
C ALA E 10 -31.62 53.83 -37.70
N ILE E 11 -31.19 52.96 -38.61
CA ILE E 11 -30.17 51.98 -38.31
C ILE E 11 -28.84 52.36 -38.98
N LEU E 12 -27.82 52.57 -38.16
CA LEU E 12 -26.47 52.83 -38.67
C LEU E 12 -25.56 51.64 -38.41
N GLY E 14 -21.23 50.38 -38.91
CA GLY E 14 -19.87 50.74 -39.30
C GLY E 14 -19.39 50.11 -40.58
N SER E 15 -19.65 48.81 -40.73
CA SER E 15 -19.13 48.06 -41.86
C SER E 15 -20.22 47.26 -42.57
N ASP E 16 -20.03 47.03 -43.86
CA ASP E 16 -20.97 46.23 -44.63
C ASP E 16 -20.94 44.79 -44.14
N SER E 17 -19.84 44.42 -43.49
CA SER E 17 -19.68 43.10 -42.92
C SER E 17 -20.72 42.88 -41.83
N ASP E 18 -21.36 43.96 -41.41
CA ASP E 18 -22.35 43.91 -40.34
C ASP E 18 -23.76 43.71 -40.89
N LEU E 19 -23.91 43.85 -42.21
CA LEU E 19 -25.18 43.63 -42.86
C LEU E 19 -25.72 42.23 -42.59
N SER E 20 -24.85 41.23 -42.77
CA SER E 20 -25.20 39.85 -42.47
C SER E 20 -26.08 39.77 -41.23
N THR E 21 -25.65 40.48 -40.19
CA THR E 21 -26.31 40.44 -38.89
C THR E 21 -27.55 41.33 -38.79
N GLU E 23 -29.65 42.29 -41.06
CA GLU E 23 -30.78 41.89 -41.90
C GLU E 23 -31.94 41.50 -41.00
N THR E 24 -31.60 40.76 -39.95
CA THR E 24 -32.56 40.31 -38.95
C THR E 24 -33.42 41.48 -38.43
N ALA E 25 -32.80 42.64 -38.27
CA ALA E 25 -33.51 43.82 -37.79
C ALA E 25 -34.44 44.39 -38.87
N PHE E 26 -33.93 44.51 -40.10
CA PHE E 26 -34.75 44.98 -41.22
C PHE E 26 -36.03 44.15 -41.30
N THR E 27 -35.85 42.83 -41.20
CA THR E 27 -36.97 41.90 -41.29
C THR E 27 -38.00 42.11 -40.19
N GLU E 28 -37.55 42.17 -38.93
CA GLU E 28 -38.46 42.42 -37.81
C GLU E 28 -39.25 43.71 -38.02
N LEU E 29 -38.55 44.78 -38.40
CA LEU E 29 -39.19 46.07 -38.62
C LEU E 29 -40.18 46.05 -39.80
N LYS E 30 -39.83 45.34 -40.85
CA LYS E 30 -40.72 45.19 -41.99
C LYS E 30 -41.99 44.46 -41.55
N SER E 31 -41.82 43.36 -40.83
CA SER E 31 -42.95 42.55 -40.39
C SER E 31 -43.90 43.32 -39.46
N LEU E 32 -43.40 44.37 -38.82
CA LEU E 32 -44.22 45.18 -37.93
C LEU E 32 -44.72 46.42 -38.64
N GLY E 33 -44.29 46.59 -39.89
CA GLY E 33 -44.72 47.74 -40.67
C GLY E 33 -44.14 49.06 -40.20
N ILE E 34 -42.95 49.01 -39.61
CA ILE E 34 -42.30 50.23 -39.15
C ILE E 34 -41.27 50.71 -40.16
N PRO E 35 -41.42 51.97 -40.62
CA PRO E 35 -40.55 52.56 -41.62
C PRO E 35 -39.14 52.74 -41.06
N PHE E 36 -38.12 52.40 -41.84
CA PHE E 36 -36.75 52.56 -41.36
C PHE E 36 -35.81 53.00 -42.48
N GLU E 37 -34.70 53.60 -42.07
CA GLU E 37 -33.60 53.90 -42.98
C GLU E 37 -32.37 53.19 -42.46
N ALA E 38 -31.51 52.74 -43.36
CA ALA E 38 -30.26 52.09 -42.98
C ALA E 38 -29.12 52.76 -43.72
N HIS E 39 -27.98 52.89 -43.04
CA HIS E 39 -26.81 53.53 -43.64
C HIS E 39 -25.54 52.91 -43.12
N ILE E 40 -24.57 52.75 -44.02
CA ILE E 40 -23.22 52.45 -43.59
C ILE E 40 -22.59 53.78 -43.19
N LEU E 41 -22.25 53.90 -41.92
CA LEU E 41 -21.66 55.13 -41.40
C LEU E 41 -20.75 54.76 -40.25
N SER E 42 -19.49 55.17 -40.36
CA SER E 42 -18.48 54.81 -39.36
C SER E 42 -18.19 56.00 -38.45
N ALA E 43 -18.08 55.73 -37.16
CA ALA E 43 -17.72 56.77 -36.20
C ALA E 43 -16.23 57.04 -36.27
N HIS E 44 -15.49 56.07 -36.84
CA HIS E 44 -14.04 56.16 -36.94
C HIS E 44 -13.60 56.63 -38.32
N ARG E 45 -14.24 56.10 -39.37
CA ARG E 45 -13.83 56.40 -40.74
C ARG E 45 -14.55 57.60 -41.35
N THR E 46 -15.83 57.78 -41.02
CA THR E 46 -16.61 58.88 -41.57
C THR E 46 -17.38 59.67 -40.50
N PRO E 47 -16.65 60.24 -39.53
CA PRO E 47 -17.28 60.87 -38.37
C PRO E 47 -18.13 62.09 -38.71
N LYS E 48 -17.60 62.99 -39.53
CA LYS E 48 -18.35 64.19 -39.91
C LYS E 48 -19.71 63.80 -40.48
N GLU E 49 -19.69 62.87 -41.43
CA GLU E 49 -20.92 62.45 -42.11
C GLU E 49 -21.88 61.74 -41.16
N THR E 50 -21.35 60.95 -40.24
CA THR E 50 -22.17 60.29 -39.24
C THR E 50 -22.94 61.32 -38.43
N VAL E 51 -22.23 62.31 -37.91
CA VAL E 51 -22.83 63.39 -37.14
C VAL E 51 -23.85 64.15 -37.96
N GLU E 52 -23.51 64.42 -39.22
CA GLU E 52 -24.44 65.11 -40.11
C GLU E 52 -25.74 64.33 -40.22
N PHE E 53 -25.64 63.02 -40.40
CA PHE E 53 -26.84 62.22 -40.55
C PHE E 53 -27.68 62.23 -39.29
N VAL E 54 -27.04 62.03 -38.14
CA VAL E 54 -27.76 61.90 -36.88
C VAL E 54 -28.58 63.14 -36.54
N GLU E 55 -27.95 64.31 -36.63
CA GLU E 55 -28.66 65.55 -36.35
C GLU E 55 -29.74 65.83 -37.40
N ASN E 56 -29.46 65.46 -38.65
CA ASN E 56 -30.41 65.60 -39.74
C ASN E 56 -31.65 64.73 -39.57
N ALA E 57 -31.43 63.44 -39.28
CA ALA E 57 -32.53 62.50 -39.09
C ALA E 57 -33.35 62.85 -37.85
N ASP E 58 -32.66 63.27 -36.80
CA ASP E 58 -33.31 63.71 -35.56
C ASP E 58 -34.35 64.78 -35.89
N ASN E 59 -33.92 65.83 -36.57
CA ASN E 59 -34.78 66.95 -36.93
C ASN E 59 -35.90 66.54 -37.89
N ARG E 60 -35.68 65.47 -38.63
CA ARG E 60 -36.68 64.95 -39.56
C ARG E 60 -37.72 64.09 -38.87
N GLY E 61 -37.44 63.73 -37.61
CA GLY E 61 -38.40 63.01 -36.81
C GLY E 61 -38.07 61.55 -36.54
N CYS E 62 -36.79 61.20 -36.57
CA CYS E 62 -36.39 59.86 -36.18
C CYS E 62 -36.67 59.70 -34.70
N ALA E 63 -37.36 58.62 -34.33
CA ALA E 63 -37.76 58.42 -32.94
C ALA E 63 -36.74 57.57 -32.16
N VAL E 64 -36.10 56.64 -32.86
CA VAL E 64 -35.14 55.74 -32.26
C VAL E 64 -33.96 55.47 -33.21
N PHE E 65 -32.75 55.48 -32.66
CA PHE E 65 -31.59 55.08 -33.44
C PHE E 65 -31.13 53.69 -33.04
N ILE E 66 -30.71 52.90 -34.01
CA ILE E 66 -30.09 51.63 -33.73
C ILE E 66 -28.69 51.65 -34.31
N ALA E 67 -27.69 51.24 -33.52
CA ALA E 67 -26.31 51.25 -33.97
C ALA E 67 -25.69 49.87 -33.82
N ALA E 68 -25.02 49.40 -34.86
CA ALA E 68 -24.35 48.11 -34.82
C ALA E 68 -22.85 48.31 -34.99
N ALA E 69 -22.07 47.59 -34.21
CA ALA E 69 -20.61 47.65 -34.31
C ALA E 69 -19.93 46.56 -33.52
N GLY E 70 -18.75 46.17 -33.97
CA GLY E 70 -17.95 45.17 -33.30
C GLY E 70 -16.64 45.75 -32.79
N LEU E 71 -15.80 44.89 -32.21
CA LEU E 71 -14.50 45.32 -31.68
C LEU E 71 -14.71 46.48 -30.71
N ALA E 72 -13.89 47.52 -30.82
CA ALA E 72 -14.10 48.71 -30.00
C ALA E 72 -15.30 49.50 -30.55
N ALA E 73 -16.49 49.11 -30.14
CA ALA E 73 -17.72 49.70 -30.67
C ALA E 73 -17.99 51.10 -30.12
N HIS E 74 -17.78 52.11 -30.95
CA HIS E 74 -17.94 53.52 -30.54
C HIS E 74 -19.15 54.16 -31.22
N LEU E 75 -19.77 53.45 -32.15
CA LEU E 75 -20.80 54.05 -32.98
C LEU E 75 -22.01 54.53 -32.18
N ALA E 76 -22.55 53.65 -31.34
CA ALA E 76 -23.71 53.98 -30.53
C ALA E 76 -23.45 55.20 -29.65
N GLY E 77 -22.26 55.24 -29.05
CA GLY E 77 -21.87 56.31 -28.16
C GLY E 77 -21.75 57.66 -28.85
N THR E 78 -21.28 57.64 -30.10
CA THR E 78 -21.18 58.88 -30.89
C THR E 78 -22.57 59.43 -31.28
N ILE E 79 -23.50 58.52 -31.59
CA ILE E 79 -24.85 58.93 -31.89
C ILE E 79 -25.51 59.53 -30.66
N ALA E 80 -25.38 58.84 -29.53
CA ALA E 80 -25.96 59.28 -28.26
C ALA E 80 -25.46 60.67 -27.87
N ALA E 81 -24.21 60.98 -28.20
CA ALA E 81 -23.63 62.27 -27.86
C ALA E 81 -24.26 63.42 -28.63
N HIS E 82 -24.97 63.09 -29.71
CA HIS E 82 -25.49 64.11 -30.62
C HIS E 82 -27.01 64.14 -30.77
N THR E 83 -27.73 63.49 -29.85
CA THR E 83 -29.18 63.47 -29.89
C THR E 83 -29.72 63.06 -28.53
N LEU E 84 -30.96 63.42 -28.26
CA LEU E 84 -31.60 62.99 -27.03
C LEU E 84 -32.67 61.93 -27.31
N LYS E 85 -32.74 61.48 -28.57
CA LYS E 85 -33.60 60.36 -28.94
C LYS E 85 -32.97 59.10 -28.35
N PRO E 86 -33.79 58.10 -28.03
CA PRO E 86 -33.22 56.85 -27.51
C PRO E 86 -32.30 56.21 -28.56
N VAL E 87 -31.14 55.74 -28.11
CA VAL E 87 -30.19 55.07 -28.99
C VAL E 87 -29.98 53.65 -28.52
N ILE E 88 -30.12 52.70 -29.43
CA ILE E 88 -29.98 51.28 -29.10
C ILE E 88 -28.70 50.72 -29.72
N GLY E 89 -27.86 50.11 -28.90
CA GLY E 89 -26.60 49.57 -29.37
C GLY E 89 -26.60 48.06 -29.46
N VAL E 90 -26.11 47.54 -30.58
CA VAL E 90 -25.98 46.10 -30.78
C VAL E 90 -24.52 45.71 -31.02
N PRO E 91 -23.95 44.89 -30.12
CA PRO E 91 -22.55 44.44 -30.25
C PRO E 91 -22.42 43.28 -31.24
N ALA E 93 -20.52 40.08 -33.11
CA ALA E 93 -19.84 38.92 -32.52
C ALA E 93 -18.46 38.64 -33.11
N GLY E 94 -18.10 39.35 -34.18
CA GLY E 94 -16.85 39.10 -34.87
C GLY E 94 -15.62 39.29 -34.00
N GLY E 95 -14.54 38.58 -34.33
CA GLY E 95 -13.29 38.71 -33.61
C GLY E 95 -13.05 37.59 -32.62
N SER E 96 -11.82 37.50 -32.12
CA SER E 96 -11.42 36.39 -31.26
C SER E 96 -11.97 36.46 -29.84
N LEU E 97 -12.52 37.61 -29.46
CA LEU E 97 -13.00 37.80 -28.09
C LEU E 97 -14.48 37.48 -27.90
N GLY E 98 -15.11 36.99 -28.97
CA GLY E 98 -16.50 36.57 -28.90
C GLY E 98 -17.47 37.71 -28.71
N GLY E 99 -17.06 38.92 -29.05
CA GLY E 99 -17.93 40.06 -28.93
C GLY E 99 -17.97 40.68 -27.54
N LEU E 100 -17.17 40.16 -26.64
CA LEU E 100 -17.09 40.71 -25.28
C LEU E 100 -16.51 42.12 -25.30
N ASP E 101 -15.52 42.35 -26.15
CA ASP E 101 -14.97 43.69 -26.31
C ASP E 101 -16.05 44.66 -26.79
N ALA E 102 -16.88 44.19 -27.72
CA ALA E 102 -17.96 45.00 -28.27
C ALA E 102 -19.05 45.29 -27.23
N LEU E 103 -19.34 44.30 -26.39
CA LEU E 103 -20.38 44.43 -25.38
C LEU E 103 -19.98 45.49 -24.33
N LEU E 104 -18.80 45.32 -23.74
CA LEU E 104 -18.31 46.23 -22.72
C LEU E 104 -18.15 47.66 -23.24
N SER E 105 -17.72 47.77 -24.49
CA SER E 105 -17.49 49.07 -25.09
C SER E 105 -18.80 49.79 -25.40
N THR E 106 -19.89 49.01 -25.44
CA THR E 106 -21.19 49.55 -25.80
C THR E 106 -22.03 49.87 -24.56
N VAL E 107 -22.00 49.00 -23.57
CA VAL E 107 -22.89 49.10 -22.42
C VAL E 107 -22.34 49.99 -21.30
N GLN E 108 -21.02 50.07 -21.19
CA GLN E 108 -20.39 50.78 -20.07
C GLN E 108 -20.36 52.31 -20.19
N PRO E 110 -20.76 56.14 -19.24
CA PRO E 110 -20.76 57.04 -18.08
C PRO E 110 -22.16 57.60 -17.82
N GLY E 111 -22.49 57.85 -16.56
CA GLY E 111 -23.77 58.44 -16.21
C GLY E 111 -23.94 59.78 -16.93
N GLY E 112 -25.11 60.00 -17.50
CA GLY E 112 -25.38 61.23 -18.22
C GLY E 112 -25.77 61.04 -19.67
N VAL E 113 -25.17 60.03 -20.31
CA VAL E 113 -25.42 59.75 -21.72
C VAL E 113 -25.69 58.26 -21.98
N PRO E 114 -26.96 57.85 -21.87
CA PRO E 114 -27.33 56.44 -21.92
C PRO E 114 -27.30 55.86 -23.33
N VAL E 115 -26.93 54.59 -23.41
CA VAL E 115 -27.15 53.78 -24.60
C VAL E 115 -27.83 52.51 -24.13
N ALA E 116 -28.90 52.09 -24.81
CA ALA E 116 -29.56 50.85 -24.48
C ALA E 116 -28.89 49.70 -25.24
N CYS E 117 -28.20 48.84 -24.49
CA CYS E 117 -27.44 47.75 -25.10
C CYS E 117 -28.23 46.44 -25.13
N THR E 118 -28.29 45.80 -26.30
CA THR E 118 -28.88 44.47 -26.39
C THR E 118 -27.80 43.40 -26.44
N ALA E 119 -28.23 42.15 -26.62
CA ALA E 119 -27.30 41.03 -26.62
C ALA E 119 -26.38 41.04 -27.82
N ILE E 120 -25.36 40.18 -27.77
CA ILE E 120 -24.39 40.06 -28.86
C ILE E 120 -25.00 39.39 -30.09
N GLY E 121 -24.74 39.97 -31.26
CA GLY E 121 -25.03 39.32 -32.53
C GLY E 121 -26.47 39.31 -33.01
N LYS E 122 -26.88 38.16 -33.53
CA LYS E 122 -28.22 37.98 -34.14
C LYS E 122 -29.37 38.25 -33.18
N ALA E 123 -29.28 37.68 -31.98
CA ALA E 123 -30.28 37.89 -30.95
C ALA E 123 -30.42 39.39 -30.68
N GLY E 124 -29.29 40.06 -30.53
CA GLY E 124 -29.27 41.49 -30.24
C GLY E 124 -29.89 42.30 -31.35
N ALA E 125 -29.63 41.90 -32.59
CA ALA E 125 -30.17 42.62 -33.73
C ALA E 125 -31.69 42.59 -33.76
N LYS E 126 -32.25 41.41 -33.53
CA LYS E 126 -33.70 41.26 -33.52
C LYS E 126 -34.33 42.03 -32.36
N ASN E 127 -33.69 41.95 -31.20
CA ASN E 127 -34.21 42.62 -30.01
C ASN E 127 -34.16 44.14 -30.08
N ALA E 128 -33.19 44.67 -30.83
CA ALA E 128 -33.11 46.11 -31.03
C ALA E 128 -34.34 46.58 -31.78
N ALA E 129 -34.66 45.90 -32.88
CA ALA E 129 -35.84 46.21 -33.66
C ALA E 129 -37.10 46.12 -32.81
N ILE E 130 -37.20 45.05 -32.02
CA ILE E 130 -38.35 44.84 -31.16
C ILE E 130 -38.47 45.92 -30.07
N LEU E 131 -37.33 46.25 -29.45
CA LEU E 131 -37.28 47.30 -28.44
C LEU E 131 -37.69 48.64 -29.06
N ALA E 132 -37.16 48.92 -30.25
CA ALA E 132 -37.52 50.13 -30.98
C ALA E 132 -39.03 50.18 -31.21
N ALA E 133 -39.64 49.02 -31.43
CA ALA E 133 -41.08 48.93 -31.69
C ALA E 133 -41.88 49.10 -30.41
N GLN E 134 -41.37 48.60 -29.29
CA GLN E 134 -42.03 48.77 -28.00
C GLN E 134 -42.05 50.24 -27.60
N ILE E 135 -40.96 50.93 -27.91
CA ILE E 135 -40.87 52.36 -27.66
C ILE E 135 -41.90 53.09 -28.51
N ILE E 136 -41.89 52.79 -29.80
CA ILE E 136 -42.83 53.41 -30.72
C ILE E 136 -44.29 53.05 -30.41
N ALA E 137 -44.50 51.82 -29.94
CA ALA E 137 -45.85 51.34 -29.63
C ALA E 137 -46.55 52.15 -28.54
N LEU E 138 -45.77 52.87 -27.74
CA LEU E 138 -46.35 53.69 -26.67
C LEU E 138 -47.29 54.76 -27.24
N GLN E 139 -47.10 55.08 -28.51
CA GLN E 139 -47.87 56.15 -29.15
C GLN E 139 -48.58 55.67 -30.40
N ASP E 140 -48.63 54.35 -30.57
CA ASP E 140 -49.19 53.75 -31.78
C ASP E 140 -49.75 52.36 -31.48
N LYS E 141 -51.05 52.29 -31.24
CA LYS E 141 -51.70 51.04 -30.84
C LYS E 141 -51.61 49.96 -31.91
N SER E 142 -51.54 50.37 -33.17
CA SER E 142 -51.35 49.44 -34.27
C SER E 142 -50.12 48.56 -34.03
N ILE E 143 -48.99 49.21 -33.78
CA ILE E 143 -47.75 48.49 -33.50
C ILE E 143 -47.91 47.65 -32.24
N ALA E 144 -48.62 48.21 -31.26
CA ALA E 144 -48.84 47.53 -29.99
C ALA E 144 -49.50 46.17 -30.21
N GLN E 145 -50.53 46.14 -31.04
CA GLN E 145 -51.29 44.92 -31.29
C GLN E 145 -50.46 43.91 -32.10
N LYS E 146 -49.68 44.42 -33.06
CA LYS E 146 -48.77 43.58 -33.82
C LYS E 146 -47.80 42.87 -32.89
N LEU E 147 -47.29 43.61 -31.91
CA LEU E 147 -46.37 43.04 -30.94
C LEU E 147 -47.03 41.91 -30.17
N VAL E 148 -48.27 42.12 -29.75
CA VAL E 148 -49.00 41.10 -29.02
C VAL E 148 -49.13 39.81 -29.83
N GLN E 149 -49.53 39.92 -31.09
CA GLN E 149 -49.74 38.73 -31.91
C GLN E 149 -48.45 38.00 -32.31
N GLN E 150 -47.35 38.75 -32.42
CA GLN E 150 -46.05 38.12 -32.61
C GLN E 150 -45.74 37.19 -31.44
N ARG E 151 -45.89 37.72 -30.22
CA ARG E 151 -45.67 36.90 -29.03
C ARG E 151 -46.59 35.68 -28.99
N THR E 152 -47.84 35.86 -29.38
CA THR E 152 -48.79 34.75 -29.39
C THR E 152 -48.38 33.70 -30.43
N ALA E 153 -47.84 34.18 -31.55
CA ALA E 153 -47.44 33.28 -32.63
C ALA E 153 -46.20 32.44 -32.30
N LYS E 154 -45.27 33.01 -31.54
CA LYS E 154 -44.08 32.26 -31.15
C LYS E 154 -44.39 31.20 -30.10
N ARG E 155 -45.41 31.45 -29.28
CA ARG E 155 -45.84 30.45 -28.31
C ARG E 155 -46.43 29.24 -29.02
N GLU E 156 -47.17 29.50 -30.10
CA GLU E 156 -47.73 28.43 -30.90
C GLU E 156 -46.61 27.57 -31.48
N THR E 157 -45.54 28.23 -31.89
CA THR E 157 -44.38 27.53 -32.45
C THR E 157 -43.72 26.59 -31.42
N LEU E 158 -43.44 27.12 -30.24
CA LEU E 158 -42.85 26.31 -29.17
C LEU E 158 -43.80 25.19 -28.75
N LYS E 159 -45.10 25.47 -28.78
CA LYS E 159 -46.09 24.45 -28.45
C LYS E 159 -46.04 23.31 -29.45
N LYS E 160 -46.00 23.67 -30.74
CA LYS E 160 -45.90 22.71 -31.83
C LYS E 160 -44.62 21.88 -31.72
N ALA E 161 -43.54 22.53 -31.28
CA ALA E 161 -42.25 21.87 -31.15
C ALA E 161 -42.24 20.92 -29.96
N ASP E 162 -43.00 21.26 -28.92
CA ASP E 162 -43.10 20.41 -27.74
C ASP E 162 -43.89 19.16 -28.08
N GLU E 163 -44.92 19.32 -28.91
CA GLU E 163 -45.74 18.19 -29.34
C GLU E 163 -44.93 17.25 -30.23
N ASN E 164 -44.10 17.82 -31.10
CA ASN E 164 -43.17 17.01 -31.87
C ASN E 164 -42.25 16.22 -30.94
N LEU E 165 -41.79 16.89 -29.89
CA LEU E 165 -40.91 16.23 -28.93
C LEU E 165 -41.59 15.03 -28.27
N GLN E 166 -42.88 15.16 -27.98
CA GLN E 166 -43.61 14.09 -27.31
C GLN E 166 -43.70 12.84 -28.18
N THR E 167 -43.66 13.02 -29.50
CA THR E 167 -43.73 11.88 -30.43
C THR E 167 -42.41 11.12 -30.46
N GLN E 168 -41.34 11.76 -30.02
CA GLN E 168 -40.01 11.17 -30.10
C GLN E 168 -39.60 10.42 -28.84
N LEU E 169 -40.35 10.61 -27.76
CA LEU E 169 -40.01 10.01 -26.48
C LEU E 169 -40.39 8.54 -26.36
N ILE F 7 16.33 55.87 -42.42
CA ILE F 7 15.05 55.72 -41.74
C ILE F 7 14.26 54.53 -42.26
N PHE F 8 13.83 53.65 -41.35
CA PHE F 8 13.07 52.48 -41.72
C PHE F 8 12.36 51.90 -40.50
N VAL F 9 11.39 51.03 -40.76
CA VAL F 9 10.67 50.33 -39.70
C VAL F 9 11.25 48.93 -39.55
N ALA F 10 11.37 48.46 -38.30
CA ALA F 10 11.83 47.11 -38.06
C ALA F 10 10.72 46.26 -37.45
N ILE F 11 10.40 45.16 -38.11
CA ILE F 11 9.38 44.22 -37.64
C ILE F 11 9.99 42.89 -37.20
N LEU F 12 9.78 42.54 -35.93
CA LEU F 12 10.27 41.27 -35.39
C LEU F 12 9.09 40.39 -35.04
N GLY F 14 8.32 36.19 -33.30
CA GLY F 14 8.95 35.04 -32.69
C GLY F 14 8.91 33.77 -33.52
N SER F 15 8.01 33.70 -34.48
CA SER F 15 7.79 32.46 -35.22
C SER F 15 7.28 32.71 -36.64
N ASP F 16 7.60 31.77 -37.53
CA ASP F 16 7.15 31.86 -38.92
C ASP F 16 5.62 31.88 -38.99
N SER F 17 4.96 31.26 -38.02
CA SER F 17 3.50 31.18 -38.03
C SER F 17 2.83 32.53 -37.83
N ASP F 18 3.60 33.51 -37.35
CA ASP F 18 3.08 34.87 -37.19
C ASP F 18 3.00 35.57 -38.54
N LEU F 19 3.70 35.04 -39.54
CA LEU F 19 3.72 35.64 -40.87
C LEU F 19 2.31 35.77 -41.44
N SER F 20 1.45 34.83 -41.11
CA SER F 20 0.05 34.89 -41.52
C SER F 20 -0.49 36.30 -41.29
N THR F 21 -0.37 36.76 -40.05
CA THR F 21 -0.92 38.05 -39.64
C THR F 21 -0.09 39.24 -40.13
N GLU F 23 1.99 39.83 -42.63
CA GLU F 23 2.03 40.21 -44.04
C GLU F 23 1.19 41.47 -44.22
N THR F 24 0.11 41.54 -43.44
CA THR F 24 -0.79 42.68 -43.46
C THR F 24 -0.04 43.98 -43.17
N ALA F 25 0.94 43.92 -42.28
CA ALA F 25 1.78 45.07 -41.97
C ALA F 25 2.72 45.39 -43.14
N PHE F 26 3.31 44.35 -43.73
CA PHE F 26 4.21 44.54 -44.86
C PHE F 26 3.51 45.30 -45.97
N THR F 27 2.29 44.88 -46.27
CA THR F 27 1.50 45.46 -47.36
C THR F 27 1.23 46.94 -47.16
N GLU F 28 0.82 47.32 -45.95
CA GLU F 28 0.56 48.73 -45.65
C GLU F 28 1.82 49.58 -45.78
N LEU F 29 2.94 49.07 -45.30
CA LEU F 29 4.21 49.81 -45.42
C LEU F 29 4.63 49.98 -46.88
N LYS F 30 4.67 48.89 -47.62
CA LYS F 30 4.91 48.96 -49.07
C LYS F 30 4.06 50.06 -49.72
N SER F 31 2.75 50.01 -49.48
CA SER F 31 1.83 50.93 -50.13
C SER F 31 2.07 52.39 -49.74
N LEU F 32 2.68 52.61 -48.57
CA LEU F 32 3.03 53.96 -48.15
C LEU F 32 4.47 54.30 -48.53
N GLY F 33 5.15 53.34 -49.15
CA GLY F 33 6.52 53.54 -49.57
C GLY F 33 7.45 53.81 -48.41
N ILE F 34 7.14 53.22 -47.26
CA ILE F 34 8.04 53.27 -46.11
C ILE F 34 8.89 52.01 -46.10
N PRO F 35 10.21 52.18 -46.02
CA PRO F 35 11.13 51.03 -46.01
C PRO F 35 11.06 50.28 -44.68
N PHE F 36 11.18 48.96 -44.73
CA PHE F 36 11.20 48.18 -43.51
C PHE F 36 12.12 46.96 -43.59
N GLU F 37 12.49 46.47 -42.42
CA GLU F 37 13.18 45.19 -42.30
C GLU F 37 12.34 44.27 -41.42
N ALA F 38 12.30 43.00 -41.77
CA ALA F 38 11.56 42.02 -40.99
C ALA F 38 12.43 40.81 -40.70
N HIS F 39 12.36 40.31 -39.46
CA HIS F 39 13.12 39.14 -39.07
C HIS F 39 12.32 38.21 -38.17
N ILE F 40 12.61 36.92 -38.27
CA ILE F 40 12.12 35.96 -37.30
C ILE F 40 13.11 35.95 -36.15
N LEU F 41 12.68 36.47 -35.00
CA LEU F 41 13.54 36.51 -33.82
C LEU F 41 12.71 36.31 -32.55
N SER F 42 13.09 35.31 -31.77
CA SER F 42 12.35 34.97 -30.56
C SER F 42 13.02 35.48 -29.29
N ALA F 43 12.22 36.07 -28.41
CA ALA F 43 12.74 36.54 -27.13
C ALA F 43 13.12 35.35 -26.25
N HIS F 44 12.46 34.22 -26.47
CA HIS F 44 12.67 33.02 -25.66
C HIS F 44 13.71 32.07 -26.25
N ARG F 45 13.72 31.94 -27.58
CA ARG F 45 14.52 30.92 -28.26
C ARG F 45 15.87 31.45 -28.74
N THR F 46 15.90 32.73 -29.11
CA THR F 46 17.13 33.37 -29.58
C THR F 46 17.34 34.73 -28.93
N PRO F 47 17.41 34.75 -27.59
CA PRO F 47 17.48 36.02 -26.86
C PRO F 47 18.69 36.88 -27.23
N LYS F 48 19.84 36.27 -27.46
CA LYS F 48 21.05 37.03 -27.76
C LYS F 48 20.91 37.74 -29.10
N GLU F 49 20.54 36.98 -30.13
CA GLU F 49 20.37 37.53 -31.46
C GLU F 49 19.29 38.62 -31.53
N THR F 50 18.22 38.45 -30.77
CA THR F 50 17.16 39.46 -30.75
C THR F 50 17.71 40.77 -30.22
N VAL F 51 18.42 40.71 -29.11
CA VAL F 51 19.01 41.91 -28.52
C VAL F 51 20.09 42.51 -29.43
N GLU F 52 20.95 41.66 -29.98
CA GLU F 52 22.00 42.14 -30.88
C GLU F 52 21.39 42.89 -32.07
N PHE F 53 20.30 42.37 -32.62
CA PHE F 53 19.66 43.00 -33.77
C PHE F 53 19.01 44.35 -33.43
N VAL F 54 18.33 44.42 -32.28
CA VAL F 54 17.68 45.65 -31.88
C VAL F 54 18.70 46.77 -31.72
N GLU F 55 19.79 46.48 -31.03
CA GLU F 55 20.83 47.48 -30.80
C GLU F 55 21.49 47.92 -32.09
N ASN F 56 21.61 47.00 -33.03
CA ASN F 56 22.17 47.30 -34.34
C ASN F 56 21.24 48.18 -35.19
N ALA F 57 20.01 47.73 -35.38
CA ALA F 57 19.01 48.49 -36.14
C ALA F 57 18.84 49.87 -35.55
N ASP F 58 18.87 49.94 -34.22
CA ASP F 58 18.76 51.20 -33.51
C ASP F 58 19.81 52.18 -34.00
N ASN F 59 21.05 51.72 -34.06
CA ASN F 59 22.17 52.58 -34.44
C ASN F 59 22.23 52.93 -35.93
N ARG F 60 21.60 52.11 -36.76
CA ARG F 60 21.55 52.37 -38.19
C ARG F 60 20.34 53.21 -38.58
N GLY F 61 19.62 53.69 -37.58
CA GLY F 61 18.53 54.63 -37.81
C GLY F 61 17.13 54.04 -37.95
N CYS F 62 16.84 52.99 -37.18
CA CYS F 62 15.48 52.49 -37.10
C CYS F 62 14.64 53.45 -36.29
N ALA F 63 13.54 53.90 -36.87
CA ALA F 63 12.66 54.87 -36.21
C ALA F 63 11.69 54.20 -35.25
N VAL F 64 11.21 53.02 -35.65
CA VAL F 64 10.13 52.36 -34.93
C VAL F 64 10.24 50.85 -35.04
N PHE F 65 10.07 50.18 -33.91
CA PHE F 65 10.00 48.72 -33.90
C PHE F 65 8.56 48.23 -33.77
N ILE F 66 8.20 47.24 -34.57
CA ILE F 66 6.93 46.57 -34.43
C ILE F 66 7.18 45.11 -34.05
N ALA F 67 6.54 44.65 -33.00
CA ALA F 67 6.72 43.28 -32.54
C ALA F 67 5.40 42.52 -32.50
N ALA F 68 5.43 41.28 -32.96
CA ALA F 68 4.26 40.41 -32.97
C ALA F 68 4.53 39.16 -32.14
N ALA F 69 3.65 38.87 -31.20
CA ALA F 69 3.77 37.65 -30.40
C ALA F 69 2.43 37.17 -29.89
N GLY F 70 2.30 35.86 -29.73
CA GLY F 70 1.07 35.26 -29.22
C GLY F 70 1.30 34.62 -27.87
N LEU F 71 0.24 34.11 -27.27
CA LEU F 71 0.31 33.49 -25.94
C LEU F 71 1.01 34.44 -24.96
N ALA F 72 2.01 33.94 -24.26
CA ALA F 72 2.77 34.79 -23.33
C ALA F 72 3.78 35.63 -24.09
N ALA F 73 3.34 36.80 -24.56
CA ALA F 73 4.11 37.64 -25.47
C ALA F 73 5.13 38.53 -24.76
N HIS F 74 6.40 38.16 -24.81
CA HIS F 74 7.46 38.92 -24.16
C HIS F 74 8.34 39.68 -25.16
N LEU F 75 8.05 39.54 -26.46
CA LEU F 75 8.91 40.11 -27.48
C LEU F 75 8.99 41.63 -27.47
N ALA F 76 7.83 42.29 -27.55
CA ALA F 76 7.78 43.75 -27.49
C ALA F 76 8.50 44.28 -26.26
N GLY F 77 8.27 43.63 -25.12
CA GLY F 77 8.86 44.07 -23.85
C GLY F 77 10.36 43.95 -23.82
N THR F 78 10.87 42.89 -24.46
CA THR F 78 12.30 42.69 -24.58
C THR F 78 12.94 43.77 -25.47
N ILE F 79 12.23 44.16 -26.52
CA ILE F 79 12.73 45.20 -27.41
C ILE F 79 12.79 46.55 -26.70
N ALA F 80 11.69 46.92 -26.04
CA ALA F 80 11.59 48.20 -25.35
C ALA F 80 12.61 48.32 -24.21
N ALA F 81 12.99 47.18 -23.65
CA ALA F 81 13.98 47.19 -22.57
C ALA F 81 15.37 47.58 -23.08
N HIS F 82 15.56 47.45 -24.38
CA HIS F 82 16.89 47.65 -24.98
C HIS F 82 16.95 48.81 -25.97
N THR F 83 15.90 49.61 -26.05
CA THR F 83 15.89 50.76 -26.95
C THR F 83 14.98 51.85 -26.44
N LEU F 84 15.19 53.06 -26.94
CA LEU F 84 14.35 54.18 -26.57
C LEU F 84 13.56 54.68 -27.76
N LYS F 85 13.70 53.98 -28.87
CA LYS F 85 12.83 54.15 -30.03
C LYS F 85 11.45 53.62 -29.68
N PRO F 86 10.40 54.22 -30.25
CA PRO F 86 9.02 53.77 -30.04
C PRO F 86 8.88 52.29 -30.38
N VAL F 87 8.29 51.52 -29.48
CA VAL F 87 8.04 50.11 -29.73
C VAL F 87 6.54 49.82 -29.76
N ILE F 88 6.09 49.16 -30.81
CA ILE F 88 4.68 48.81 -30.96
C ILE F 88 4.48 47.30 -30.87
N GLY F 89 3.56 46.88 -30.02
CA GLY F 89 3.27 45.47 -29.86
C GLY F 89 1.97 45.05 -30.50
N VAL F 90 2.01 43.95 -31.24
CA VAL F 90 0.82 43.39 -31.85
C VAL F 90 0.56 41.99 -31.30
N PRO F 91 -0.50 41.83 -30.48
CA PRO F 91 -0.89 40.53 -29.94
C PRO F 91 -1.59 39.63 -30.96
N ALA F 93 -3.84 36.40 -32.27
CA ALA F 93 -5.10 35.84 -31.80
C ALA F 93 -5.05 34.34 -31.55
N GLY F 94 -3.94 33.70 -31.90
CA GLY F 94 -3.82 32.26 -31.79
C GLY F 94 -4.07 31.75 -30.37
N GLY F 95 -4.27 30.45 -30.24
CA GLY F 95 -4.46 29.82 -28.94
C GLY F 95 -5.91 29.74 -28.51
N SER F 96 -6.17 28.95 -27.46
CA SER F 96 -7.53 28.73 -27.00
C SER F 96 -8.11 29.88 -26.18
N LEU F 97 -7.29 30.90 -25.92
CA LEU F 97 -7.75 32.03 -25.11
C LEU F 97 -8.10 33.27 -25.93
N GLY F 98 -8.02 33.15 -27.26
CA GLY F 98 -8.45 34.23 -28.13
C GLY F 98 -7.48 35.40 -28.22
N GLY F 99 -6.27 35.20 -27.72
CA GLY F 99 -5.28 36.26 -27.71
C GLY F 99 -5.40 37.18 -26.51
N LEU F 100 -6.21 36.77 -25.53
CA LEU F 100 -6.35 37.55 -24.30
C LEU F 100 -5.07 37.51 -23.49
N ASP F 101 -4.48 36.32 -23.37
CA ASP F 101 -3.17 36.22 -22.74
C ASP F 101 -2.21 37.18 -23.41
N ALA F 102 -2.18 37.17 -24.73
CA ALA F 102 -1.24 37.97 -25.50
C ALA F 102 -1.44 39.47 -25.29
N LEU F 103 -2.69 39.92 -25.21
CA LEU F 103 -3.01 41.33 -25.07
C LEU F 103 -2.59 41.88 -23.70
N LEU F 104 -2.90 41.13 -22.65
CA LEU F 104 -2.55 41.56 -21.30
C LEU F 104 -1.05 41.50 -21.09
N SER F 105 -0.42 40.50 -21.69
CA SER F 105 1.03 40.31 -21.57
C SER F 105 1.80 41.39 -22.34
N THR F 106 1.15 42.00 -23.31
CA THR F 106 1.80 43.05 -24.11
C THR F 106 1.61 44.43 -23.50
N VAL F 107 0.39 44.73 -23.09
CA VAL F 107 0.01 46.10 -22.77
C VAL F 107 0.30 46.52 -21.33
N GLN F 108 0.27 45.57 -20.41
CA GLN F 108 0.40 45.85 -18.98
C GLN F 108 1.85 46.05 -18.53
N PRO F 110 5.27 47.93 -16.95
CA PRO F 110 5.56 48.74 -15.76
C PRO F 110 5.78 50.18 -16.20
N GLY F 111 5.46 51.12 -15.31
CA GLY F 111 5.71 52.53 -15.60
C GLY F 111 7.19 52.76 -15.83
N GLY F 112 7.53 53.33 -16.99
CA GLY F 112 8.91 53.62 -17.30
C GLY F 112 9.38 53.04 -18.62
N VAL F 113 8.83 51.89 -18.99
CA VAL F 113 9.21 51.22 -20.22
C VAL F 113 7.97 50.90 -21.04
N PRO F 114 7.50 51.88 -21.84
CA PRO F 114 6.23 51.76 -22.56
C PRO F 114 6.30 50.89 -23.81
N VAL F 115 5.16 50.26 -24.11
CA VAL F 115 4.95 49.60 -25.39
C VAL F 115 3.57 50.00 -25.88
N ALA F 116 3.52 50.59 -27.06
CA ALA F 116 2.25 50.97 -27.67
C ALA F 116 1.57 49.72 -28.19
N CYS F 117 0.46 49.35 -27.56
CA CYS F 117 -0.25 48.14 -27.95
C CYS F 117 -1.39 48.47 -28.91
N THR F 118 -1.55 47.64 -29.94
CA THR F 118 -2.68 47.77 -30.85
C THR F 118 -3.60 46.57 -30.72
N ALA F 119 -4.64 46.54 -31.56
CA ALA F 119 -5.64 45.48 -31.49
C ALA F 119 -5.06 44.10 -31.76
N ILE F 120 -5.81 43.09 -31.37
CA ILE F 120 -5.44 41.71 -31.64
C ILE F 120 -5.60 41.39 -33.12
N GLY F 121 -4.68 40.61 -33.66
CA GLY F 121 -4.82 40.08 -35.01
C GLY F 121 -4.51 41.05 -36.13
N LYS F 122 -5.17 40.83 -37.28
CA LYS F 122 -4.81 41.53 -38.51
C LYS F 122 -5.12 43.03 -38.47
N ALA F 123 -6.16 43.42 -37.74
CA ALA F 123 -6.46 44.83 -37.58
C ALA F 123 -5.31 45.54 -36.86
N GLY F 124 -4.77 44.87 -35.84
CA GLY F 124 -3.64 45.39 -35.09
C GLY F 124 -2.37 45.44 -35.92
N ALA F 125 -2.22 44.46 -36.81
CA ALA F 125 -1.09 44.44 -37.74
C ALA F 125 -1.18 45.63 -38.69
N LYS F 126 -2.37 45.88 -39.22
CA LYS F 126 -2.58 47.05 -40.07
C LYS F 126 -2.28 48.33 -39.30
N ASN F 127 -2.82 48.43 -38.09
CA ASN F 127 -2.68 49.64 -37.29
C ASN F 127 -1.24 49.90 -36.83
N ALA F 128 -0.50 48.84 -36.55
CA ALA F 128 0.91 48.98 -36.23
C ALA F 128 1.62 49.69 -37.38
N ALA F 129 1.32 49.28 -38.60
CA ALA F 129 1.95 49.85 -39.78
C ALA F 129 1.57 51.31 -39.96
N ILE F 130 0.27 51.61 -39.78
CA ILE F 130 -0.21 52.98 -39.94
C ILE F 130 0.30 53.90 -38.84
N LEU F 131 0.35 53.39 -37.61
CA LEU F 131 0.87 54.16 -36.48
C LEU F 131 2.35 54.48 -36.62
N ALA F 132 3.12 53.52 -37.14
CA ALA F 132 4.52 53.76 -37.46
C ALA F 132 4.61 54.87 -38.49
N ALA F 133 3.73 54.79 -39.49
CA ALA F 133 3.70 55.79 -40.56
C ALA F 133 3.31 57.16 -40.01
N GLN F 134 2.40 57.18 -39.03
CA GLN F 134 1.96 58.42 -38.41
C GLN F 134 3.10 59.07 -37.65
N ILE F 135 3.91 58.26 -36.97
CA ILE F 135 5.07 58.76 -36.24
C ILE F 135 6.11 59.34 -37.20
N ILE F 136 6.44 58.57 -38.23
CA ILE F 136 7.42 59.00 -39.22
C ILE F 136 6.95 60.25 -39.98
N ALA F 137 5.65 60.35 -40.22
CA ALA F 137 5.10 61.48 -40.95
C ALA F 137 5.30 62.81 -40.24
N LEU F 138 5.63 62.76 -38.95
CA LEU F 138 5.93 63.98 -38.20
C LEU F 138 7.16 64.69 -38.77
N GLN F 139 7.98 63.95 -39.52
CA GLN F 139 9.21 64.51 -40.09
C GLN F 139 9.26 64.37 -41.60
N ASP F 140 8.28 63.67 -42.17
CA ASP F 140 8.27 63.38 -43.60
C ASP F 140 6.90 63.66 -44.21
N LYS F 141 6.80 64.79 -44.91
CA LYS F 141 5.51 65.28 -45.40
C LYS F 141 4.92 64.48 -46.55
N SER F 142 5.76 63.89 -47.38
CA SER F 142 5.25 63.02 -48.44
C SER F 142 4.41 61.88 -47.84
N ILE F 143 4.89 61.32 -46.72
CA ILE F 143 4.15 60.27 -46.05
C ILE F 143 2.83 60.79 -45.47
N ALA F 144 2.89 61.95 -44.82
CA ALA F 144 1.68 62.55 -44.26
C ALA F 144 0.58 62.66 -45.31
N GLN F 145 0.92 63.30 -46.43
CA GLN F 145 0.01 63.44 -47.56
C GLN F 145 -0.58 62.10 -47.97
N LYS F 146 0.22 61.05 -47.89
CA LYS F 146 -0.25 59.71 -48.24
C LYS F 146 -1.27 59.18 -47.24
N LEU F 147 -1.01 59.43 -45.95
CA LEU F 147 -1.93 59.01 -44.90
C LEU F 147 -3.29 59.69 -45.09
N VAL F 148 -3.27 60.96 -45.49
CA VAL F 148 -4.51 61.71 -45.68
C VAL F 148 -5.28 61.18 -46.88
N GLN F 149 -4.57 60.88 -47.97
CA GLN F 149 -5.23 60.39 -49.17
C GLN F 149 -5.82 58.99 -48.99
N GLN F 150 -5.14 58.16 -48.18
CA GLN F 150 -5.68 56.85 -47.84
C GLN F 150 -7.03 56.98 -47.12
N ARG F 151 -7.12 57.90 -46.17
CA ARG F 151 -8.37 58.10 -45.45
C ARG F 151 -9.49 58.59 -46.37
N THR F 152 -9.16 59.48 -47.29
CA THR F 152 -10.13 59.98 -48.26
C THR F 152 -10.67 58.84 -49.12
N ALA F 153 -9.79 57.93 -49.51
CA ALA F 153 -10.16 56.80 -50.34
C ALA F 153 -11.15 55.88 -49.64
N LYS F 154 -10.85 55.49 -48.41
CA LYS F 154 -11.72 54.59 -47.67
C LYS F 154 -13.07 55.25 -47.40
N ARG F 155 -13.08 56.59 -47.32
CA ARG F 155 -14.33 57.31 -47.18
C ARG F 155 -15.16 57.15 -48.46
N GLU F 156 -14.48 57.19 -49.60
CA GLU F 156 -15.13 56.91 -50.87
C GLU F 156 -15.74 55.51 -50.88
N THR F 157 -14.91 54.52 -50.59
CA THR F 157 -15.36 53.13 -50.49
C THR F 157 -16.63 53.01 -49.67
N LEU F 158 -16.62 53.60 -48.49
CA LEU F 158 -17.76 53.53 -47.56
C LEU F 158 -19.00 54.24 -48.10
N LYS F 159 -18.80 55.39 -48.73
CA LYS F 159 -19.89 56.13 -49.35
C LYS F 159 -20.49 55.35 -50.51
N LYS F 160 -19.63 54.66 -51.24
CA LYS F 160 -20.05 53.80 -52.34
C LYS F 160 -20.89 52.63 -51.83
N ALA F 161 -20.41 52.00 -50.76
CA ALA F 161 -21.07 50.85 -50.17
C ALA F 161 -22.46 51.23 -49.66
N ASP F 162 -22.59 52.46 -49.17
CA ASP F 162 -23.85 52.94 -48.63
C ASP F 162 -24.89 53.10 -49.72
N GLU F 163 -24.45 53.55 -50.88
CA GLU F 163 -25.34 53.79 -52.02
C GLU F 163 -25.83 52.47 -52.60
N ASN F 164 -24.98 51.45 -52.53
CA ASN F 164 -25.36 50.10 -52.94
C ASN F 164 -26.42 49.54 -52.00
N LEU F 165 -26.24 49.75 -50.71
CA LEU F 165 -27.20 49.29 -49.72
C LEU F 165 -28.57 49.93 -49.94
N GLN F 166 -28.59 51.21 -50.30
CA GLN F 166 -29.84 51.90 -50.58
C GLN F 166 -30.64 51.14 -51.64
N THR F 167 -29.95 50.42 -52.53
CA THR F 167 -30.63 49.63 -53.55
C THR F 167 -31.12 48.29 -53.01
N GLN F 168 -30.30 47.64 -52.18
CA GLN F 168 -30.69 46.37 -51.58
C GLN F 168 -31.90 46.53 -50.66
N LEU F 169 -32.24 47.77 -50.33
CA LEU F 169 -33.32 48.04 -49.39
C LEU F 169 -34.66 48.25 -50.08
N ASN G 5 12.26 -0.88 -12.96
CA ASN G 5 12.56 -1.44 -11.65
C ASN G 5 11.34 -2.16 -11.08
N LYS G 6 10.66 -2.91 -11.94
CA LYS G 6 9.47 -3.63 -11.55
C LYS G 6 9.72 -4.54 -10.35
N ILE G 7 8.70 -4.70 -9.52
CA ILE G 7 8.76 -5.63 -8.41
C ILE G 7 8.83 -7.06 -8.92
N PHE G 8 9.73 -7.87 -8.37
CA PHE G 8 9.77 -9.28 -8.70
C PHE G 8 10.18 -10.14 -7.52
N VAL G 9 9.96 -11.45 -7.64
CA VAL G 9 10.39 -12.40 -6.62
C VAL G 9 11.64 -13.13 -7.10
N ALA G 10 12.65 -13.21 -6.24
CA ALA G 10 13.86 -13.96 -6.57
C ALA G 10 13.80 -15.33 -5.88
N ILE G 11 14.03 -16.39 -6.65
CA ILE G 11 14.01 -17.75 -6.14
C ILE G 11 15.36 -18.43 -6.27
N LEU G 12 15.98 -18.76 -5.13
CA LEU G 12 17.28 -19.43 -5.15
C LEU G 12 17.21 -20.85 -4.61
N GLY G 14 20.00 -24.43 -4.00
CA GLY G 14 21.39 -24.87 -4.00
C GLY G 14 21.72 -25.93 -5.04
N SER G 15 20.71 -26.71 -5.43
CA SER G 15 20.92 -27.86 -6.29
C SER G 15 19.82 -27.96 -7.35
N ASP G 16 20.16 -28.47 -8.53
CA ASP G 16 19.20 -28.58 -9.61
C ASP G 16 18.21 -29.73 -9.35
N SER G 17 18.47 -30.48 -8.28
CA SER G 17 17.56 -31.53 -7.86
C SER G 17 16.39 -30.95 -7.08
N ASP G 18 16.57 -29.73 -6.57
CA ASP G 18 15.52 -29.03 -5.84
C ASP G 18 14.42 -28.55 -6.78
N LEU G 19 14.73 -28.55 -8.08
CA LEU G 19 13.81 -28.06 -9.09
C LEU G 19 12.50 -28.84 -9.15
N SER G 20 12.60 -30.16 -9.00
CA SER G 20 11.42 -31.01 -8.96
C SER G 20 10.39 -30.52 -7.95
N THR G 21 10.88 -29.93 -6.87
CA THR G 21 10.03 -29.37 -5.84
C THR G 21 9.60 -27.94 -6.14
N GLU G 23 9.30 -26.31 -8.82
CA GLU G 23 8.42 -26.10 -9.97
C GLU G 23 7.03 -25.72 -9.50
N THR G 24 6.64 -26.22 -8.34
CA THR G 24 5.37 -25.87 -7.73
C THR G 24 5.26 -24.37 -7.50
N ALA G 25 6.36 -23.76 -7.05
CA ALA G 25 6.39 -22.32 -6.78
C ALA G 25 6.31 -21.53 -8.08
N PHE G 26 7.09 -21.96 -9.08
CA PHE G 26 7.05 -21.34 -10.39
C PHE G 26 5.62 -21.27 -10.90
N THR G 27 4.91 -22.40 -10.79
CA THR G 27 3.54 -22.51 -11.31
C THR G 27 2.58 -21.53 -10.62
N GLU G 28 2.65 -21.48 -9.30
CA GLU G 28 1.83 -20.54 -8.52
C GLU G 28 2.09 -19.10 -8.94
N LEU G 29 3.36 -18.70 -8.96
CA LEU G 29 3.72 -17.33 -9.30
C LEU G 29 3.27 -16.90 -10.69
N LYS G 30 3.45 -17.78 -11.67
CA LYS G 30 2.97 -17.52 -13.02
C LYS G 30 1.47 -17.27 -13.00
N SER G 31 0.75 -18.15 -12.31
CA SER G 31 -0.71 -18.10 -12.28
C SER G 31 -1.24 -16.79 -11.70
N LEU G 32 -0.39 -16.10 -10.94
CA LEU G 32 -0.80 -14.86 -10.29
C LEU G 32 -0.31 -13.63 -11.05
N GLY G 33 0.49 -13.87 -12.08
CA GLY G 33 1.03 -12.78 -12.89
C GLY G 33 2.22 -12.12 -12.22
N ILE G 34 2.90 -12.86 -11.35
CA ILE G 34 4.01 -12.29 -10.59
C ILE G 34 5.36 -12.70 -11.18
N PRO G 35 6.11 -11.70 -11.66
CA PRO G 35 7.40 -11.90 -12.34
C PRO G 35 8.39 -12.45 -11.34
N PHE G 36 9.15 -13.47 -11.74
CA PHE G 36 10.18 -13.98 -10.86
C PHE G 36 11.46 -14.31 -11.62
N GLU G 37 12.55 -14.35 -10.87
CA GLU G 37 13.82 -14.81 -11.39
C GLU G 37 14.20 -16.03 -10.55
N ALA G 38 14.93 -16.95 -11.16
CA ALA G 38 15.26 -18.20 -10.49
C ALA G 38 16.66 -18.65 -10.87
N HIS G 39 17.43 -19.05 -9.86
CA HIS G 39 18.83 -19.41 -10.07
C HIS G 39 19.26 -20.62 -9.27
N ILE G 40 20.25 -21.33 -9.79
CA ILE G 40 20.92 -22.36 -9.03
C ILE G 40 22.15 -21.75 -8.38
N LEU G 41 22.03 -21.46 -7.09
CA LEU G 41 23.12 -20.85 -6.34
C LEU G 41 23.27 -21.54 -5.00
N SER G 42 24.50 -21.89 -4.65
CA SER G 42 24.76 -22.61 -3.42
C SER G 42 25.44 -21.73 -2.39
N ALA G 43 24.99 -21.83 -1.14
CA ALA G 43 25.65 -21.15 -0.04
C ALA G 43 27.01 -21.78 0.20
N HIS G 44 27.11 -23.07 -0.11
CA HIS G 44 28.30 -23.84 0.21
C HIS G 44 29.33 -23.93 -0.92
N ARG G 45 28.86 -24.00 -2.17
CA ARG G 45 29.75 -24.21 -3.31
C ARG G 45 30.01 -22.96 -4.15
N THR G 46 29.07 -22.04 -4.16
CA THR G 46 29.23 -20.80 -4.91
C THR G 46 28.86 -19.59 -4.05
N PRO G 47 29.56 -19.40 -2.93
CA PRO G 47 29.16 -18.36 -1.96
C PRO G 47 29.28 -16.92 -2.48
N LYS G 48 30.33 -16.62 -3.23
CA LYS G 48 30.50 -15.26 -3.75
C LYS G 48 29.44 -14.95 -4.78
N GLU G 49 29.16 -15.91 -5.66
CA GLU G 49 28.13 -15.75 -6.68
C GLU G 49 26.77 -15.50 -6.03
N THR G 50 26.47 -16.24 -4.97
CA THR G 50 25.22 -16.09 -4.24
C THR G 50 25.05 -14.69 -3.67
N VAL G 51 26.10 -14.16 -3.06
CA VAL G 51 26.03 -12.83 -2.46
C VAL G 51 25.94 -11.72 -3.51
N GLU G 52 26.68 -11.88 -4.60
CA GLU G 52 26.62 -10.92 -5.69
C GLU G 52 25.20 -10.79 -6.24
N PHE G 53 24.56 -11.93 -6.52
CA PHE G 53 23.19 -11.91 -7.02
C PHE G 53 22.21 -11.32 -6.00
N VAL G 54 22.31 -11.74 -4.75
CA VAL G 54 21.39 -11.25 -3.73
C VAL G 54 21.46 -9.74 -3.60
N GLU G 55 22.67 -9.19 -3.56
CA GLU G 55 22.84 -7.75 -3.42
C GLU G 55 22.43 -6.99 -4.68
N ASN G 56 22.63 -7.60 -5.83
CA ASN G 56 22.24 -7.00 -7.10
C ASN G 56 20.71 -6.98 -7.28
N ALA G 57 20.08 -8.14 -7.14
CA ALA G 57 18.64 -8.25 -7.28
C ALA G 57 17.92 -7.29 -6.32
N ASP G 58 18.45 -7.20 -5.11
CA ASP G 58 17.91 -6.32 -4.08
C ASP G 58 17.89 -4.87 -4.58
N ASN G 59 18.98 -4.46 -5.23
CA ASN G 59 19.08 -3.10 -5.75
C ASN G 59 18.19 -2.85 -6.97
N ARG G 60 17.87 -3.92 -7.68
CA ARG G 60 17.05 -3.83 -8.88
C ARG G 60 15.56 -3.87 -8.57
N GLY G 61 15.25 -3.98 -7.28
CA GLY G 61 13.87 -3.91 -6.84
C GLY G 61 13.23 -5.24 -6.49
N CYS G 62 14.05 -6.21 -6.10
CA CYS G 62 13.52 -7.47 -5.61
C CYS G 62 12.76 -7.21 -4.31
N ALA G 63 11.58 -7.79 -4.18
CA ALA G 63 10.71 -7.53 -3.04
C ALA G 63 10.80 -8.66 -2.02
N VAL G 64 10.93 -9.88 -2.52
CA VAL G 64 10.89 -11.07 -1.67
C VAL G 64 11.85 -12.13 -2.20
N PHE G 65 12.63 -12.72 -1.30
CA PHE G 65 13.52 -13.82 -1.65
C PHE G 65 12.94 -15.14 -1.18
N ILE G 66 13.09 -16.18 -2.01
CA ILE G 66 12.69 -17.52 -1.63
C ILE G 66 13.86 -18.47 -1.78
N ALA G 67 14.22 -19.14 -0.70
CA ALA G 67 15.34 -20.06 -0.72
C ALA G 67 14.86 -21.46 -0.39
N ALA G 68 15.32 -22.42 -1.18
CA ALA G 68 15.07 -23.83 -0.90
C ALA G 68 16.40 -24.54 -0.70
N ALA G 69 16.50 -25.33 0.36
CA ALA G 69 17.72 -26.07 0.64
C ALA G 69 17.40 -27.30 1.47
N GLY G 70 18.19 -28.35 1.29
CA GLY G 70 18.00 -29.59 2.03
C GLY G 70 19.10 -29.83 3.05
N LEU G 71 18.93 -30.88 3.85
CA LEU G 71 19.93 -31.26 4.83
C LEU G 71 20.24 -30.11 5.79
N ALA G 72 21.51 -29.71 5.86
CA ALA G 72 21.89 -28.54 6.62
C ALA G 72 21.66 -27.31 5.74
N ALA G 73 20.45 -26.77 5.80
CA ALA G 73 20.06 -25.65 4.95
C ALA G 73 20.61 -24.32 5.46
N HIS G 74 21.49 -23.71 4.68
CA HIS G 74 22.14 -22.47 5.09
C HIS G 74 21.86 -21.34 4.11
N LEU G 75 21.17 -21.67 3.02
CA LEU G 75 20.93 -20.74 1.93
C LEU G 75 20.09 -19.52 2.34
N ALA G 76 18.94 -19.76 2.96
CA ALA G 76 18.07 -18.67 3.41
C ALA G 76 18.79 -17.81 4.42
N GLY G 77 19.53 -18.46 5.33
CA GLY G 77 20.30 -17.76 6.34
C GLY G 77 21.36 -16.87 5.74
N THR G 78 22.00 -17.35 4.67
CA THR G 78 23.04 -16.57 4.00
C THR G 78 22.43 -15.37 3.28
N ILE G 79 21.28 -15.59 2.66
CA ILE G 79 20.57 -14.53 1.96
C ILE G 79 20.12 -13.45 2.95
N ALA G 80 19.57 -13.88 4.08
CA ALA G 80 19.03 -12.96 5.08
C ALA G 80 20.11 -12.05 5.67
N ALA G 81 21.32 -12.57 5.77
CA ALA G 81 22.44 -11.82 6.34
C ALA G 81 22.86 -10.68 5.43
N HIS G 82 22.48 -10.75 4.16
CA HIS G 82 22.95 -9.79 3.15
C HIS G 82 21.86 -8.89 2.58
N THR G 83 20.66 -8.93 3.16
CA THR G 83 19.56 -8.14 2.66
C THR G 83 18.55 -7.85 3.77
N LEU G 84 17.78 -6.77 3.59
CA LEU G 84 16.72 -6.46 4.54
C LEU G 84 15.33 -6.73 3.95
N LYS G 85 15.31 -7.29 2.75
CA LYS G 85 14.07 -7.75 2.12
C LYS G 85 13.67 -9.04 2.82
N PRO G 86 12.36 -9.30 2.88
CA PRO G 86 11.84 -10.53 3.48
C PRO G 86 12.42 -11.77 2.80
N VAL G 87 12.87 -12.74 3.60
CA VAL G 87 13.39 -13.98 3.07
C VAL G 87 12.55 -15.17 3.53
N ILE G 88 12.07 -15.95 2.58
CA ILE G 88 11.28 -17.14 2.87
C ILE G 88 12.12 -18.39 2.62
N GLY G 89 12.15 -19.30 3.59
CA GLY G 89 12.94 -20.51 3.45
C GLY G 89 12.06 -21.74 3.35
N VAL G 90 12.30 -22.53 2.31
CA VAL G 90 11.60 -23.80 2.13
C VAL G 90 12.55 -24.97 2.39
N PRO G 91 12.29 -25.74 3.46
CA PRO G 91 13.12 -26.90 3.76
C PRO G 91 12.81 -28.04 2.80
N ALA G 93 12.73 -32.03 1.51
CA ALA G 93 12.36 -33.24 2.24
C ALA G 93 13.34 -34.40 2.02
N GLY G 94 14.24 -34.25 1.06
CA GLY G 94 15.20 -35.29 0.74
C GLY G 94 15.99 -35.75 1.95
N GLY G 95 16.59 -36.94 1.85
CA GLY G 95 17.45 -37.43 2.91
C GLY G 95 16.72 -38.24 3.97
N SER G 96 17.50 -38.86 4.86
CA SER G 96 16.99 -39.84 5.81
C SER G 96 16.27 -39.26 7.03
N LEU G 97 16.25 -37.94 7.16
CA LEU G 97 15.61 -37.32 8.32
C LEU G 97 14.30 -36.61 7.95
N GLY G 98 13.88 -36.77 6.70
CA GLY G 98 12.59 -36.26 6.26
C GLY G 98 12.46 -34.75 6.29
N GLY G 99 13.59 -34.04 6.29
CA GLY G 99 13.58 -32.59 6.27
C GLY G 99 13.55 -31.98 7.65
N LEU G 100 13.61 -32.83 8.68
CA LEU G 100 13.68 -32.34 10.05
C LEU G 100 14.94 -31.51 10.25
N ASP G 101 16.05 -31.97 9.69
CA ASP G 101 17.30 -31.20 9.78
C ASP G 101 17.20 -29.90 8.98
N ALA G 102 16.60 -29.96 7.80
CA ALA G 102 16.39 -28.77 6.99
C ALA G 102 15.46 -27.78 7.69
N LEU G 103 14.46 -28.31 8.39
CA LEU G 103 13.49 -27.47 9.09
C LEU G 103 14.15 -26.65 10.20
N LEU G 104 14.84 -27.33 11.10
CA LEU G 104 15.47 -26.67 12.24
C LEU G 104 16.62 -25.78 11.78
N SER G 105 17.29 -26.21 10.71
CA SER G 105 18.39 -25.45 10.16
C SER G 105 17.90 -24.12 9.61
N THR G 106 16.64 -24.10 9.16
CA THR G 106 16.07 -22.93 8.50
C THR G 106 15.37 -21.97 9.45
N VAL G 107 14.58 -22.53 10.37
CA VAL G 107 13.68 -21.72 11.18
C VAL G 107 14.34 -21.10 12.42
N GLN G 108 15.35 -21.77 12.96
CA GLN G 108 15.97 -21.35 14.22
C GLN G 108 17.01 -20.23 14.08
N PRO G 110 18.79 -16.62 14.87
CA PRO G 110 18.92 -15.83 16.11
C PRO G 110 18.14 -14.52 16.00
N GLY G 111 17.75 -13.94 17.14
CA GLY G 111 16.99 -12.70 17.13
C GLY G 111 17.70 -11.60 16.36
N GLY G 112 16.98 -10.95 15.46
CA GLY G 112 17.55 -9.84 14.70
C GLY G 112 17.75 -10.11 13.21
N VAL G 113 17.74 -11.39 12.85
CA VAL G 113 17.89 -11.77 11.44
C VAL G 113 16.86 -12.84 11.11
N PRO G 114 15.62 -12.42 10.82
CA PRO G 114 14.52 -13.35 10.59
C PRO G 114 14.54 -14.04 9.23
N VAL G 115 13.98 -15.25 9.20
CA VAL G 115 13.64 -15.93 7.97
C VAL G 115 12.25 -16.50 8.17
N ALA G 116 11.38 -16.30 7.19
CA ALA G 116 10.04 -16.88 7.25
C ALA G 116 10.12 -18.31 6.77
N CYS G 117 9.92 -19.26 7.68
CA CYS G 117 10.00 -20.67 7.31
C CYS G 117 8.62 -21.25 7.00
N THR G 118 8.54 -22.01 5.91
CA THR G 118 7.30 -22.69 5.55
C THR G 118 7.44 -24.21 5.73
N ALA G 119 6.37 -24.92 5.38
CA ALA G 119 6.33 -26.37 5.54
C ALA G 119 7.38 -27.08 4.69
N ILE G 120 7.60 -28.36 4.99
CA ILE G 120 8.55 -29.18 4.26
C ILE G 120 7.98 -29.57 2.89
N GLY G 121 8.83 -29.52 1.87
CA GLY G 121 8.52 -30.07 0.56
C GLY G 121 7.66 -29.21 -0.35
N LYS G 122 6.88 -29.87 -1.21
CA LYS G 122 6.02 -29.19 -2.18
C LYS G 122 5.01 -28.28 -1.50
N ALA G 123 4.48 -28.74 -0.38
CA ALA G 123 3.54 -27.94 0.40
C ALA G 123 4.15 -26.57 0.69
N GLY G 124 5.40 -26.58 1.12
CA GLY G 124 6.11 -25.35 1.47
C GLY G 124 6.43 -24.50 0.26
N ALA G 125 6.73 -25.15 -0.86
CA ALA G 125 7.04 -24.42 -2.09
C ALA G 125 5.84 -23.60 -2.54
N LYS G 126 4.67 -24.21 -2.55
CA LYS G 126 3.46 -23.49 -2.90
C LYS G 126 3.19 -22.37 -1.90
N ASN G 127 3.34 -22.69 -0.62
CA ASN G 127 3.13 -21.69 0.42
C ASN G 127 4.11 -20.53 0.34
N ALA G 128 5.33 -20.80 -0.08
CA ALA G 128 6.33 -19.75 -0.23
C ALA G 128 5.91 -18.76 -1.31
N ALA G 129 5.43 -19.30 -2.43
CA ALA G 129 4.97 -18.47 -3.54
C ALA G 129 3.75 -17.65 -3.13
N ILE G 130 2.84 -18.27 -2.38
CA ILE G 130 1.63 -17.61 -1.95
C ILE G 130 1.91 -16.56 -0.89
N LEU G 131 2.86 -16.84 0.00
CA LEU G 131 3.26 -15.87 1.01
C LEU G 131 3.89 -14.66 0.33
N ALA G 132 4.74 -14.91 -0.66
CA ALA G 132 5.35 -13.83 -1.42
C ALA G 132 4.29 -12.95 -2.07
N ALA G 133 3.24 -13.58 -2.59
CA ALA G 133 2.14 -12.84 -3.22
C ALA G 133 1.35 -12.02 -2.21
N GLN G 134 1.11 -12.61 -1.04
CA GLN G 134 0.43 -11.91 0.05
C GLN G 134 1.21 -10.67 0.47
N ILE G 135 2.53 -10.80 0.55
CA ILE G 135 3.38 -9.67 0.87
C ILE G 135 3.31 -8.62 -0.22
N ILE G 136 3.40 -9.06 -1.47
CA ILE G 136 3.32 -8.15 -2.61
C ILE G 136 1.94 -7.50 -2.75
N ALA G 137 0.89 -8.23 -2.35
CA ALA G 137 -0.48 -7.73 -2.48
C ALA G 137 -0.77 -6.52 -1.59
N LEU G 138 0.08 -6.28 -0.60
CA LEU G 138 -0.09 -5.13 0.27
C LEU G 138 0.00 -3.82 -0.53
N GLN G 139 0.66 -3.89 -1.69
CA GLN G 139 0.80 -2.73 -2.56
C GLN G 139 0.31 -3.04 -3.97
N ASP G 140 -0.68 -3.92 -4.10
CA ASP G 140 -1.28 -4.21 -5.38
C ASP G 140 -2.62 -4.94 -5.24
N LYS G 141 -3.72 -4.18 -5.34
CA LYS G 141 -5.05 -4.75 -5.17
C LYS G 141 -5.38 -5.78 -6.25
N SER G 142 -4.69 -5.71 -7.39
CA SER G 142 -4.87 -6.69 -8.44
C SER G 142 -4.51 -8.10 -7.97
N ILE G 143 -3.33 -8.24 -7.37
CA ILE G 143 -2.89 -9.52 -6.84
C ILE G 143 -3.78 -9.91 -5.66
N ALA G 144 -4.13 -8.92 -4.83
CA ALA G 144 -5.04 -9.15 -3.71
C ALA G 144 -6.30 -9.86 -4.19
N GLN G 145 -6.93 -9.30 -5.22
CA GLN G 145 -8.15 -9.85 -5.79
C GLN G 145 -7.94 -11.27 -6.32
N LYS G 146 -6.80 -11.50 -6.96
CA LYS G 146 -6.49 -12.82 -7.49
C LYS G 146 -6.39 -13.86 -6.37
N LEU G 147 -5.78 -13.47 -5.27
CA LEU G 147 -5.61 -14.36 -4.13
C LEU G 147 -6.93 -14.76 -3.52
N VAL G 148 -7.83 -13.78 -3.36
CA VAL G 148 -9.16 -14.04 -2.84
C VAL G 148 -9.90 -15.04 -3.73
N GLN G 149 -9.95 -14.76 -5.02
CA GLN G 149 -10.68 -15.62 -5.95
C GLN G 149 -10.04 -17.00 -6.09
N GLN G 150 -8.75 -17.06 -5.81
CA GLN G 150 -8.04 -18.34 -5.82
C GLN G 150 -8.60 -19.23 -4.70
N ARG G 151 -8.82 -18.64 -3.54
CA ARG G 151 -9.38 -19.37 -2.40
C ARG G 151 -10.84 -19.74 -2.64
N THR G 152 -11.58 -18.86 -3.29
CA THR G 152 -12.98 -19.14 -3.62
C THR G 152 -13.06 -20.36 -4.53
N ALA G 153 -12.19 -20.41 -5.54
CA ALA G 153 -12.13 -21.55 -6.44
C ALA G 153 -11.85 -22.85 -5.69
N LYS G 154 -11.04 -22.78 -4.64
CA LYS G 154 -10.67 -23.96 -3.87
C LYS G 154 -11.82 -24.45 -2.99
N ARG G 155 -12.60 -23.51 -2.46
CA ARG G 155 -13.82 -23.86 -1.75
C ARG G 155 -14.79 -24.58 -2.69
N GLU G 156 -14.87 -24.10 -3.93
CA GLU G 156 -15.69 -24.75 -4.95
C GLU G 156 -15.24 -26.19 -5.19
N THR G 157 -13.93 -26.38 -5.28
CA THR G 157 -13.36 -27.70 -5.54
C THR G 157 -13.62 -28.69 -4.39
N LEU G 158 -13.52 -28.20 -3.17
CA LEU G 158 -13.79 -29.03 -1.99
C LEU G 158 -15.26 -29.36 -1.86
N LYS G 159 -16.12 -28.42 -2.23
CA LYS G 159 -17.55 -28.61 -2.17
C LYS G 159 -17.97 -29.70 -3.15
N LYS G 160 -17.36 -29.69 -4.33
CA LYS G 160 -17.59 -30.73 -5.32
C LYS G 160 -17.18 -32.08 -4.77
N ALA G 161 -15.99 -32.13 -4.18
CA ALA G 161 -15.43 -33.36 -3.63
C ALA G 161 -16.33 -33.92 -2.53
N ASP G 162 -17.02 -33.03 -1.84
CA ASP G 162 -17.90 -33.46 -0.75
C ASP G 162 -19.25 -33.97 -1.27
N GLU G 163 -19.78 -33.31 -2.28
CA GLU G 163 -20.98 -33.78 -2.96
C GLU G 163 -20.71 -35.17 -3.52
N ASN G 164 -19.57 -35.30 -4.19
CA ASN G 164 -19.18 -36.57 -4.78
C ASN G 164 -19.01 -37.69 -3.76
N LEU G 165 -18.66 -37.33 -2.52
CA LEU G 165 -18.50 -38.34 -1.48
C LEU G 165 -19.85 -38.83 -0.98
N GLN G 166 -20.83 -37.93 -0.90
CA GLN G 166 -22.16 -38.29 -0.46
C GLN G 166 -22.76 -39.35 -1.36
N THR G 167 -22.48 -39.27 -2.66
CA THR G 167 -22.99 -40.25 -3.62
C THR G 167 -22.42 -41.64 -3.35
N GLN G 168 -21.19 -41.70 -2.86
CA GLN G 168 -20.50 -42.96 -2.64
C GLN G 168 -20.81 -43.61 -1.29
N LEU G 169 -21.53 -42.89 -0.44
CA LEU G 169 -21.91 -43.41 0.88
C LEU G 169 -23.33 -43.95 0.87
N ILE H 7 52.44 -21.78 12.70
CA ILE H 7 51.23 -22.58 12.60
C ILE H 7 50.28 -22.32 13.77
N PHE H 8 49.05 -21.95 13.46
CA PHE H 8 48.08 -21.65 14.52
C PHE H 8 46.69 -22.16 14.22
N VAL H 9 45.87 -22.21 15.27
CA VAL H 9 44.47 -22.55 15.15
C VAL H 9 43.65 -21.26 15.25
N ALA H 10 42.66 -21.12 14.39
CA ALA H 10 41.79 -19.95 14.44
C ALA H 10 40.41 -20.34 14.99
N ILE H 11 40.02 -19.69 16.09
CA ILE H 11 38.73 -19.97 16.69
C ILE H 11 37.77 -18.81 16.46
N LEU H 12 36.60 -19.13 15.94
CA LEU H 12 35.53 -18.15 15.76
C LEU H 12 34.28 -18.57 16.54
N GLY H 14 29.98 -17.10 17.35
CA GLY H 14 28.94 -16.15 16.97
C GLY H 14 28.67 -15.08 18.01
N SER H 15 28.72 -15.46 19.28
CA SER H 15 28.38 -14.53 20.34
C SER H 15 29.37 -14.60 21.52
N ASP H 16 29.52 -13.47 22.21
CA ASP H 16 30.31 -13.43 23.44
C ASP H 16 29.75 -14.44 24.44
N SER H 17 28.50 -14.84 24.22
CA SER H 17 27.83 -15.78 25.11
C SER H 17 28.29 -17.21 24.88
N ASP H 18 29.11 -17.42 23.86
CA ASP H 18 29.69 -18.73 23.59
C ASP H 18 31.03 -18.87 24.29
N LEU H 19 31.57 -17.74 24.74
CA LEU H 19 32.84 -17.72 25.44
C LEU H 19 32.84 -18.68 26.64
N SER H 20 31.75 -18.65 27.39
CA SER H 20 31.60 -19.55 28.52
C SER H 20 32.03 -20.98 28.17
N THR H 21 31.49 -21.50 27.08
CA THR H 21 31.80 -22.87 26.67
C THR H 21 33.18 -22.98 26.03
N GLU H 23 35.98 -21.37 26.36
CA GLU H 23 37.16 -21.26 27.22
C GLU H 23 37.77 -22.64 27.46
N THR H 24 36.94 -23.67 27.39
CA THR H 24 37.40 -25.04 27.58
C THR H 24 38.38 -25.43 26.47
N ALA H 25 38.20 -24.86 25.29
CA ALA H 25 39.13 -25.09 24.18
C ALA H 25 40.36 -24.21 24.34
N PHE H 26 40.14 -22.97 24.78
CA PHE H 26 41.25 -22.07 25.08
C PHE H 26 42.22 -22.77 26.02
N THR H 27 41.68 -23.40 27.06
CA THR H 27 42.50 -24.06 28.06
C THR H 27 43.26 -25.26 27.53
N GLU H 28 42.60 -26.06 26.69
CA GLU H 28 43.22 -27.25 26.08
C GLU H 28 44.41 -26.88 25.20
N LEU H 29 44.26 -25.85 24.37
CA LEU H 29 45.33 -25.43 23.47
C LEU H 29 46.46 -24.73 24.22
N LYS H 30 46.11 -23.89 25.18
CA LYS H 30 47.11 -23.29 26.06
C LYS H 30 48.02 -24.37 26.62
N SER H 31 47.42 -25.48 27.06
CA SER H 31 48.16 -26.55 27.73
C SER H 31 49.00 -27.42 26.78
N LEU H 32 48.62 -27.47 25.51
CA LEU H 32 49.37 -28.27 24.55
C LEU H 32 50.45 -27.44 23.88
N GLY H 33 50.53 -26.17 24.25
CA GLY H 33 51.50 -25.26 23.68
C GLY H 33 51.19 -24.91 22.23
N ILE H 34 49.90 -24.76 21.94
CA ILE H 34 49.44 -24.51 20.58
C ILE H 34 48.85 -23.10 20.46
N PRO H 35 49.49 -22.24 19.66
CA PRO H 35 49.01 -20.85 19.51
C PRO H 35 47.67 -20.81 18.79
N PHE H 36 46.81 -19.89 19.16
CA PHE H 36 45.53 -19.75 18.49
C PHE H 36 45.06 -18.30 18.49
N GLU H 37 44.16 -18.00 17.57
CA GLU H 37 43.51 -16.70 17.54
C GLU H 37 42.02 -16.91 17.72
N ALA H 38 41.40 -16.10 18.57
CA ALA H 38 39.97 -16.22 18.84
C ALA H 38 39.27 -14.91 18.50
N HIS H 39 38.03 -15.02 18.02
CA HIS H 39 37.30 -13.82 17.61
C HIS H 39 35.80 -14.00 17.69
N ILE H 40 35.10 -12.90 17.99
CA ILE H 40 33.66 -12.85 17.88
C ILE H 40 33.30 -12.45 16.45
N LEU H 41 32.86 -13.42 15.67
CA LEU H 41 32.50 -13.22 14.26
C LEU H 41 31.28 -14.05 13.90
N SER H 42 30.22 -13.38 13.47
CA SER H 42 28.97 -14.06 13.18
C SER H 42 28.71 -14.15 11.69
N ALA H 43 28.26 -15.33 11.25
CA ALA H 43 27.91 -15.55 9.86
C ALA H 43 26.62 -14.83 9.50
N HIS H 44 25.80 -14.56 10.51
CA HIS H 44 24.51 -13.90 10.31
C HIS H 44 24.60 -12.38 10.45
N ARG H 45 25.39 -11.92 11.42
CA ARG H 45 25.43 -10.49 11.75
C ARG H 45 26.64 -9.74 11.16
N THR H 46 27.77 -10.41 11.03
CA THR H 46 28.96 -9.78 10.46
C THR H 46 29.57 -10.63 9.35
N PRO H 47 28.77 -10.98 8.34
CA PRO H 47 29.19 -11.92 7.29
C PRO H 47 30.42 -11.46 6.51
N LYS H 48 30.48 -10.19 6.15
CA LYS H 48 31.64 -9.64 5.45
C LYS H 48 32.90 -9.80 6.29
N GLU H 49 32.82 -9.40 7.55
CA GLU H 49 33.95 -9.49 8.46
C GLU H 49 34.38 -10.94 8.65
N THR H 50 33.42 -11.85 8.77
CA THR H 50 33.74 -13.26 8.95
C THR H 50 34.54 -13.82 7.78
N VAL H 51 34.07 -13.58 6.57
CA VAL H 51 34.74 -14.09 5.38
C VAL H 51 36.13 -13.47 5.19
N GLU H 52 36.25 -12.17 5.44
CA GLU H 52 37.54 -11.50 5.36
C GLU H 52 38.55 -12.13 6.31
N PHE H 53 38.13 -12.46 7.52
CA PHE H 53 39.06 -13.07 8.47
C PHE H 53 39.48 -14.48 8.08
N VAL H 54 38.53 -15.28 7.59
CA VAL H 54 38.85 -16.65 7.19
C VAL H 54 39.89 -16.64 6.10
N GLU H 55 39.62 -15.88 5.04
CA GLU H 55 40.53 -15.81 3.92
C GLU H 55 41.91 -15.31 4.37
N ASN H 56 41.92 -14.36 5.29
CA ASN H 56 43.17 -13.81 5.81
C ASN H 56 44.00 -14.80 6.63
N ALA H 57 43.36 -15.46 7.59
CA ALA H 57 44.05 -16.40 8.46
C ALA H 57 44.61 -17.56 7.63
N ASP H 58 43.84 -18.00 6.66
CA ASP H 58 44.22 -19.06 5.74
C ASP H 58 45.53 -18.69 5.03
N ASN H 59 45.56 -17.49 4.47
CA ASN H 59 46.74 -16.97 3.78
C ASN H 59 47.96 -16.90 4.68
N ARG H 60 47.72 -16.69 5.98
CA ARG H 60 48.79 -16.51 6.95
C ARG H 60 49.35 -17.80 7.52
N GLY H 61 48.71 -18.92 7.20
CA GLY H 61 49.19 -20.22 7.63
C GLY H 61 48.38 -20.86 8.73
N CYS H 62 47.09 -20.51 8.79
CA CYS H 62 46.18 -21.16 9.72
C CYS H 62 46.03 -22.62 9.31
N ALA H 63 46.24 -23.53 10.25
CA ALA H 63 46.15 -24.95 9.95
C ALA H 63 44.72 -25.46 10.07
N VAL H 64 44.07 -25.09 11.16
CA VAL H 64 42.73 -25.59 11.47
C VAL H 64 41.81 -24.47 11.94
N PHE H 65 40.57 -24.51 11.49
CA PHE H 65 39.55 -23.59 12.01
C PHE H 65 38.61 -24.34 12.95
N ILE H 66 38.32 -23.71 14.09
CA ILE H 66 37.30 -24.22 15.00
C ILE H 66 36.16 -23.22 15.08
N ALA H 67 34.93 -23.71 14.96
CA ALA H 67 33.77 -22.82 14.96
C ALA H 67 32.72 -23.27 15.97
N ALA H 68 32.22 -22.32 16.75
CA ALA H 68 31.17 -22.59 17.72
C ALA H 68 29.92 -21.80 17.41
N ALA H 69 28.77 -22.47 17.43
CA ALA H 69 27.49 -21.80 17.20
C ALA H 69 26.33 -22.58 17.77
N GLY H 70 25.28 -21.86 18.16
CA GLY H 70 24.06 -22.47 18.68
C GLY H 70 22.91 -22.36 17.70
N LEU H 71 21.74 -22.84 18.11
CA LEU H 71 20.53 -22.76 17.30
C LEU H 71 20.78 -23.24 15.87
N ALA H 72 20.27 -22.51 14.89
CA ALA H 72 20.57 -22.82 13.51
C ALA H 72 22.03 -22.43 13.24
N ALA H 73 22.94 -23.34 13.54
CA ALA H 73 24.38 -23.05 13.47
C ALA H 73 24.90 -23.05 12.04
N HIS H 74 25.25 -21.86 11.55
CA HIS H 74 25.73 -21.71 10.18
C HIS H 74 27.20 -21.29 10.09
N LEU H 75 27.83 -20.99 11.21
CA LEU H 75 29.19 -20.45 11.20
C LEU H 75 30.20 -21.40 10.55
N ALA H 76 30.25 -22.63 11.03
CA ALA H 76 31.18 -23.63 10.50
C ALA H 76 30.97 -23.82 8.99
N GLY H 77 29.70 -23.86 8.58
CA GLY H 77 29.37 -24.02 7.18
C GLY H 77 29.86 -22.86 6.33
N THR H 78 29.79 -21.66 6.89
CA THR H 78 30.25 -20.47 6.16
C THR H 78 31.76 -20.50 6.01
N ILE H 79 32.47 -20.96 7.04
CA ILE H 79 33.93 -21.04 6.98
C ILE H 79 34.37 -22.06 5.94
N ALA H 80 33.86 -23.28 6.05
CA ALA H 80 34.20 -24.37 5.14
C ALA H 80 34.01 -23.99 3.67
N ALA H 81 33.08 -23.08 3.39
CA ALA H 81 32.79 -22.68 2.03
C ALA H 81 33.85 -21.74 1.48
N HIS H 82 34.62 -21.11 2.36
CA HIS H 82 35.60 -20.14 1.93
C HIS H 82 37.05 -20.57 2.16
N THR H 83 37.24 -21.82 2.56
CA THR H 83 38.59 -22.34 2.81
C THR H 83 38.67 -23.83 2.60
N LEU H 84 39.88 -24.32 2.30
CA LEU H 84 40.13 -25.74 2.17
C LEU H 84 40.89 -26.31 3.37
N LYS H 85 41.14 -25.47 4.36
CA LYS H 85 41.70 -25.91 5.63
C LYS H 85 40.61 -26.67 6.39
N PRO H 86 41.00 -27.67 7.20
CA PRO H 86 39.98 -28.40 7.96
C PRO H 86 39.18 -27.48 8.89
N VAL H 87 37.88 -27.76 8.99
CA VAL H 87 37.00 -26.97 9.84
C VAL H 87 36.27 -27.87 10.82
N ILE H 88 36.39 -27.54 12.11
CA ILE H 88 35.71 -28.29 13.16
C ILE H 88 34.57 -27.45 13.73
N GLY H 89 33.38 -28.03 13.78
CA GLY H 89 32.22 -27.33 14.29
C GLY H 89 31.78 -27.84 15.65
N VAL H 90 31.55 -26.92 16.57
CA VAL H 90 31.07 -27.27 17.90
C VAL H 90 29.66 -26.72 18.08
N PRO H 91 28.68 -27.61 18.22
CA PRO H 91 27.31 -27.14 18.51
C PRO H 91 27.10 -26.74 19.98
N ALA H 93 24.75 -25.69 23.32
CA ALA H 93 23.57 -26.36 23.89
C ALA H 93 22.43 -25.44 24.31
N GLY H 94 22.71 -24.14 24.44
CA GLY H 94 21.67 -23.20 24.85
C GLY H 94 20.44 -23.23 23.97
N GLY H 95 19.27 -23.03 24.55
CA GLY H 95 18.01 -23.08 23.83
C GLY H 95 17.15 -24.26 24.24
N SER H 96 15.87 -24.19 23.91
CA SER H 96 14.89 -25.18 24.37
C SER H 96 15.04 -26.56 23.74
N LEU H 97 15.90 -26.68 22.73
CA LEU H 97 16.08 -27.97 22.06
C LEU H 97 17.36 -28.68 22.50
N GLY H 98 18.15 -28.01 23.34
CA GLY H 98 19.33 -28.60 23.94
C GLY H 98 20.43 -28.89 22.93
N GLY H 99 20.51 -28.08 21.89
CA GLY H 99 21.58 -28.23 20.91
C GLY H 99 21.34 -29.26 19.82
N LEU H 100 20.17 -29.90 19.83
CA LEU H 100 19.84 -30.83 18.76
C LEU H 100 19.79 -30.08 17.43
N ASP H 101 19.24 -28.88 17.46
CA ASP H 101 19.17 -28.05 16.26
C ASP H 101 20.55 -27.64 15.78
N ALA H 102 21.44 -27.29 16.72
CA ALA H 102 22.80 -26.91 16.39
C ALA H 102 23.57 -28.10 15.81
N LEU H 103 23.35 -29.28 16.37
CA LEU H 103 24.02 -30.50 15.93
C LEU H 103 23.72 -30.84 14.46
N LEU H 104 22.44 -31.00 14.14
CA LEU H 104 22.03 -31.30 12.78
C LEU H 104 22.42 -30.19 11.82
N SER H 105 22.36 -28.94 12.29
CA SER H 105 22.66 -27.80 11.43
C SER H 105 24.16 -27.65 11.17
N THR H 106 24.98 -28.38 11.92
CA THR H 106 26.42 -28.32 11.74
C THR H 106 26.93 -29.53 10.97
N VAL H 107 26.41 -30.72 11.29
CA VAL H 107 26.96 -31.95 10.77
C VAL H 107 26.45 -32.36 9.38
N GLN H 108 25.21 -31.98 9.05
CA GLN H 108 24.56 -32.47 7.84
C GLN H 108 24.96 -31.72 6.56
N PRO H 110 26.42 -31.16 2.76
CA PRO H 110 26.36 -31.89 1.49
C PRO H 110 27.75 -32.37 1.08
N GLY H 111 27.82 -33.40 0.26
CA GLY H 111 29.08 -33.96 -0.20
C GLY H 111 29.91 -32.97 -0.99
N GLY H 112 31.15 -32.77 -0.55
CA GLY H 112 32.04 -31.82 -1.20
C GLY H 112 32.58 -30.74 -0.27
N VAL H 113 31.79 -30.37 0.74
CA VAL H 113 32.17 -29.31 1.66
C VAL H 113 32.07 -29.78 3.10
N PRO H 114 33.05 -30.58 3.53
CA PRO H 114 33.01 -31.21 4.86
C PRO H 114 33.18 -30.26 6.05
N VAL H 115 32.53 -30.63 7.15
CA VAL H 115 32.78 -30.03 8.45
C VAL H 115 32.89 -31.17 9.46
N ALA H 116 33.98 -31.21 10.21
CA ALA H 116 34.13 -32.22 11.24
C ALA H 116 33.36 -31.76 12.47
N CYS H 117 32.29 -32.48 12.82
CA CYS H 117 31.47 -32.10 13.96
C CYS H 117 31.82 -32.89 15.21
N THR H 118 31.82 -32.20 16.36
CA THR H 118 32.05 -32.85 17.64
C THR H 118 30.79 -32.80 18.52
N ALA H 119 30.92 -33.25 19.75
CA ALA H 119 29.80 -33.32 20.67
C ALA H 119 29.31 -31.93 21.05
N ILE H 120 28.06 -31.88 21.53
CA ILE H 120 27.48 -30.63 22.01
C ILE H 120 28.18 -30.21 23.30
N GLY H 121 28.31 -28.89 23.48
CA GLY H 121 28.77 -28.34 24.74
C GLY H 121 30.27 -28.39 25.00
N LYS H 122 30.63 -28.40 26.27
CA LYS H 122 32.03 -28.33 26.70
C LYS H 122 32.84 -29.56 26.27
N ALA H 123 32.19 -30.72 26.23
CA ALA H 123 32.85 -31.94 25.78
C ALA H 123 33.29 -31.75 24.33
N GLY H 124 32.44 -31.10 23.53
CA GLY H 124 32.77 -30.82 22.15
C GLY H 124 33.86 -29.77 22.05
N ALA H 125 33.76 -28.73 22.87
CA ALA H 125 34.77 -27.69 22.91
C ALA H 125 36.15 -28.29 23.16
N LYS H 126 36.24 -29.15 24.16
CA LYS H 126 37.52 -29.79 24.49
C LYS H 126 38.00 -30.74 23.40
N ASN H 127 37.08 -31.50 22.81
CA ASN H 127 37.45 -32.41 21.75
C ASN H 127 37.85 -31.72 20.44
N ALA H 128 37.29 -30.54 20.21
CA ALA H 128 37.68 -29.74 19.05
C ALA H 128 39.14 -29.32 19.18
N ALA H 129 39.52 -28.89 20.37
CA ALA H 129 40.90 -28.49 20.63
C ALA H 129 41.85 -29.66 20.43
N ILE H 130 41.49 -30.80 20.99
CA ILE H 130 42.31 -32.01 20.90
C ILE H 130 42.38 -32.57 19.48
N LEU H 131 41.27 -32.48 18.74
CA LEU H 131 41.28 -32.92 17.34
C LEU H 131 42.21 -32.01 16.54
N ALA H 132 42.17 -30.72 16.85
CA ALA H 132 43.06 -29.76 16.21
C ALA H 132 44.51 -30.17 16.48
N ALA H 133 44.78 -30.53 17.72
CA ALA H 133 46.12 -30.96 18.13
C ALA H 133 46.53 -32.24 17.40
N GLN H 134 45.58 -33.16 17.23
CA GLN H 134 45.86 -34.41 16.54
C GLN H 134 46.27 -34.14 15.09
N ILE H 135 45.62 -33.17 14.47
CA ILE H 135 45.91 -32.84 13.07
C ILE H 135 47.26 -32.15 12.95
N ILE H 136 47.49 -31.16 13.81
CA ILE H 136 48.75 -30.44 13.80
C ILE H 136 49.92 -31.37 14.16
N ALA H 137 49.61 -32.43 14.90
CA ALA H 137 50.64 -33.35 15.37
C ALA H 137 51.16 -34.27 14.27
N LEU H 138 50.49 -34.30 13.13
CA LEU H 138 50.97 -35.08 12.00
C LEU H 138 52.23 -34.44 11.41
N GLN H 139 52.47 -33.18 11.74
CA GLN H 139 53.65 -32.47 11.22
C GLN H 139 54.50 -31.86 12.33
N ASP H 140 54.10 -32.06 13.59
CA ASP H 140 54.79 -31.44 14.72
C ASP H 140 54.96 -32.40 15.90
N LYS H 141 56.14 -32.99 16.02
CA LYS H 141 56.39 -34.04 17.01
C LYS H 141 56.28 -33.59 18.46
N SER H 142 56.65 -32.36 18.73
CA SER H 142 56.47 -31.79 20.06
C SER H 142 55.06 -32.09 20.55
N ILE H 143 54.07 -31.70 19.75
CA ILE H 143 52.67 -31.84 20.10
C ILE H 143 52.22 -33.30 20.21
N ALA H 144 52.65 -34.11 19.25
CA ALA H 144 52.28 -35.53 19.22
C ALA H 144 52.55 -36.21 20.57
N GLN H 145 53.69 -35.91 21.16
CA GLN H 145 54.12 -36.54 22.41
C GLN H 145 53.43 -35.93 23.64
N LYS H 146 53.01 -34.67 23.54
CA LYS H 146 52.20 -34.04 24.58
C LYS H 146 50.82 -34.69 24.69
N LEU H 147 50.21 -34.94 23.52
CA LEU H 147 48.91 -35.60 23.47
C LEU H 147 49.00 -36.97 24.13
N VAL H 148 50.16 -37.60 23.98
CA VAL H 148 50.40 -38.93 24.53
C VAL H 148 50.49 -38.89 26.05
N GLN H 149 51.09 -37.84 26.59
CA GLN H 149 51.19 -37.70 28.04
C GLN H 149 49.85 -37.30 28.65
N GLN H 150 49.09 -36.46 27.93
CA GLN H 150 47.75 -36.10 28.38
C GLN H 150 46.92 -37.33 28.72
N ARG H 151 46.89 -38.30 27.80
CA ARG H 151 46.09 -39.52 28.01
C ARG H 151 46.66 -40.41 29.11
N THR H 152 47.98 -40.45 29.23
CA THR H 152 48.61 -41.23 30.28
C THR H 152 48.23 -40.66 31.65
N ALA H 153 48.19 -39.33 31.75
CA ALA H 153 47.85 -38.67 33.00
C ALA H 153 46.38 -38.84 33.35
N LYS H 154 45.51 -38.86 32.34
CA LYS H 154 44.09 -39.03 32.56
C LYS H 154 43.79 -40.43 33.09
N ARG H 155 44.59 -41.41 32.66
CA ARG H 155 44.42 -42.77 33.15
C ARG H 155 44.82 -42.87 34.61
N GLU H 156 45.53 -41.84 35.10
CA GLU H 156 45.85 -41.74 36.52
C GLU H 156 44.68 -41.18 37.28
N THR H 157 44.19 -40.02 36.85
CA THR H 157 43.01 -39.42 37.44
C THR H 157 41.93 -40.46 37.60
N LEU H 158 41.55 -41.10 36.49
CA LEU H 158 40.54 -42.15 36.54
C LEU H 158 40.94 -43.29 37.46
N LYS H 159 42.22 -43.71 37.40
CA LYS H 159 42.67 -44.80 38.25
C LYS H 159 42.67 -44.39 39.72
N LYS H 160 43.08 -43.16 39.99
CA LYS H 160 43.03 -42.61 41.33
C LYS H 160 41.62 -42.71 41.88
N ALA H 161 40.65 -42.29 41.06
CA ALA H 161 39.25 -42.25 41.47
C ALA H 161 38.68 -43.63 41.74
N ASP H 162 39.17 -44.64 41.03
CA ASP H 162 38.65 -45.99 41.18
C ASP H 162 39.04 -46.58 42.52
N GLU H 163 40.29 -46.36 42.90
CA GLU H 163 40.79 -46.79 44.20
C GLU H 163 39.98 -46.09 45.29
N ASN H 164 39.79 -44.79 45.11
CA ASN H 164 38.90 -44.01 45.97
C ASN H 164 37.56 -44.71 46.15
N LEU H 165 36.95 -45.12 45.04
CA LEU H 165 35.64 -45.76 45.07
C LEU H 165 35.66 -47.10 45.80
N GLN H 166 36.80 -47.78 45.80
CA GLN H 166 36.89 -49.08 46.45
C GLN H 166 36.70 -48.99 47.96
N THR H 167 37.19 -47.91 48.56
CA THR H 167 37.05 -47.71 50.00
C THR H 167 35.59 -47.40 50.34
N GLN H 168 34.98 -46.51 49.56
CA GLN H 168 33.60 -46.10 49.77
C GLN H 168 32.62 -47.27 49.68
N LEU H 169 33.05 -48.36 49.08
CA LEU H 169 32.20 -49.52 48.94
C LEU H 169 32.23 -50.39 50.20
N ASN I 5 -54.46 56.31 -14.83
CA ASN I 5 -53.82 56.15 -16.13
C ASN I 5 -52.97 57.37 -16.50
N LYS I 6 -51.97 57.63 -15.68
CA LYS I 6 -50.99 58.67 -15.97
C LYS I 6 -49.65 58.01 -16.25
N ILE I 7 -48.84 58.66 -17.07
CA ILE I 7 -47.55 58.10 -17.42
C ILE I 7 -46.56 58.20 -16.26
N PHE I 8 -46.04 57.05 -15.85
CA PHE I 8 -45.04 56.99 -14.79
C PHE I 8 -44.01 55.90 -15.10
N VAL I 9 -42.97 55.85 -14.28
CA VAL I 9 -41.94 54.82 -14.41
C VAL I 9 -41.99 53.92 -13.18
N ALA I 10 -41.94 52.61 -13.40
CA ALA I 10 -41.93 51.67 -12.30
C ALA I 10 -40.54 51.12 -12.09
N ILE I 11 -40.06 51.21 -10.85
CA ILE I 11 -38.73 50.74 -10.49
C ILE I 11 -38.85 49.55 -9.54
N LEU I 12 -38.31 48.41 -9.96
CA LEU I 12 -38.28 47.22 -9.11
C LEU I 12 -36.85 46.83 -8.75
N GLY I 14 -34.78 43.62 -6.26
CA GLY I 14 -34.98 42.39 -5.52
C GLY I 14 -34.59 42.46 -4.06
N SER I 15 -33.93 43.54 -3.67
CA SER I 15 -33.42 43.65 -2.31
C SER I 15 -33.21 45.09 -1.85
N ASP I 16 -33.35 45.30 -0.54
CA ASP I 16 -33.19 46.61 0.08
C ASP I 16 -31.75 47.10 0.03
N SER I 17 -30.83 46.21 -0.32
CA SER I 17 -29.43 46.59 -0.44
C SER I 17 -29.15 47.19 -1.81
N ASP I 18 -30.08 47.00 -2.74
CA ASP I 18 -29.98 47.60 -4.07
C ASP I 18 -30.25 49.10 -3.99
N LEU I 19 -30.89 49.52 -2.89
CA LEU I 19 -31.35 50.90 -2.74
C LEU I 19 -30.25 51.95 -2.75
N SER I 20 -29.14 51.68 -2.08
CA SER I 20 -28.03 52.62 -2.07
C SER I 20 -27.60 53.01 -3.48
N THR I 21 -27.76 52.08 -4.42
CA THR I 21 -27.45 52.35 -5.81
C THR I 21 -28.61 53.02 -6.53
N GLU I 23 -30.98 54.89 -5.47
CA GLU I 23 -31.27 56.25 -5.03
C GLU I 23 -30.93 57.21 -6.15
N THR I 24 -29.85 56.91 -6.86
CA THR I 24 -29.39 57.74 -7.98
C THR I 24 -30.46 57.90 -9.05
N ALA I 25 -31.23 56.83 -9.26
CA ALA I 25 -32.33 56.87 -10.22
C ALA I 25 -33.46 57.75 -9.68
N PHE I 26 -33.85 57.51 -8.43
CA PHE I 26 -34.88 58.33 -7.79
C PHE I 26 -34.56 59.82 -7.98
N THR I 27 -33.32 60.19 -7.66
CA THR I 27 -32.88 61.57 -7.77
C THR I 27 -32.98 62.12 -9.19
N GLU I 28 -32.54 61.33 -10.17
CA GLU I 28 -32.61 61.75 -11.56
C GLU I 28 -34.07 61.95 -11.99
N LEU I 29 -34.91 60.97 -11.69
CA LEU I 29 -36.34 61.08 -11.99
C LEU I 29 -36.96 62.28 -11.26
N LYS I 30 -36.70 62.38 -9.97
CA LYS I 30 -37.19 63.50 -9.17
C LYS I 30 -36.85 64.84 -9.84
N SER I 31 -35.65 64.94 -10.42
CA SER I 31 -35.17 66.21 -10.98
C SER I 31 -35.71 66.57 -12.36
N LEU I 32 -36.20 65.57 -13.09
CA LEU I 32 -36.77 65.80 -14.42
C LEU I 32 -38.29 65.93 -14.32
N GLY I 33 -38.82 65.68 -13.12
CA GLY I 33 -40.25 65.81 -12.90
C GLY I 33 -41.06 64.64 -13.41
N ILE I 34 -40.45 63.47 -13.48
CA ILE I 34 -41.15 62.26 -13.91
C ILE I 34 -41.59 61.45 -12.71
N PRO I 35 -42.90 61.23 -12.57
CA PRO I 35 -43.43 60.46 -11.43
C PRO I 35 -43.07 58.98 -11.55
N PHE I 36 -42.82 58.33 -10.42
CA PHE I 36 -42.41 56.93 -10.44
C PHE I 36 -42.93 56.16 -9.23
N GLU I 37 -42.99 54.84 -9.39
CA GLU I 37 -43.25 53.95 -8.27
C GLU I 37 -42.03 53.05 -8.08
N ALA I 38 -41.78 52.64 -6.84
CA ALA I 38 -40.62 51.81 -6.53
C ALA I 38 -41.01 50.75 -5.51
N HIS I 39 -40.52 49.54 -5.71
CA HIS I 39 -40.86 48.44 -4.82
C HIS I 39 -39.72 47.44 -4.71
N ILE I 40 -39.61 46.85 -3.53
CA ILE I 40 -38.75 45.69 -3.35
C ILE I 40 -39.59 44.49 -3.79
N LEU I 41 -39.27 43.95 -4.95
CA LEU I 41 -39.95 42.78 -5.48
C LEU I 41 -38.95 41.83 -6.10
N SER I 42 -38.97 40.58 -5.64
CA SER I 42 -37.95 39.61 -6.03
C SER I 42 -38.49 38.55 -6.99
N ALA I 43 -37.81 38.39 -8.12
CA ALA I 43 -38.21 37.37 -9.09
C ALA I 43 -38.07 35.98 -8.49
N HIS I 44 -37.18 35.84 -7.51
CA HIS I 44 -36.91 34.53 -6.89
C HIS I 44 -37.71 34.29 -5.61
N ARG I 45 -37.84 35.31 -4.77
CA ARG I 45 -38.51 35.16 -3.48
C ARG I 45 -40.02 35.45 -3.51
N THR I 46 -40.44 36.39 -4.34
CA THR I 46 -41.86 36.68 -4.50
C THR I 46 -42.24 36.76 -5.97
N PRO I 47 -42.23 35.61 -6.66
CA PRO I 47 -42.51 35.62 -8.10
C PRO I 47 -43.96 35.99 -8.42
N LYS I 48 -44.92 35.46 -7.67
CA LYS I 48 -46.33 35.77 -7.89
C LYS I 48 -46.56 37.27 -7.73
N GLU I 49 -46.05 37.82 -6.64
CA GLU I 49 -46.25 39.22 -6.31
C GLU I 49 -45.59 40.14 -7.34
N THR I 50 -44.45 39.72 -7.87
CA THR I 50 -43.73 40.50 -8.87
C THR I 50 -44.50 40.57 -10.19
N VAL I 51 -45.02 39.42 -10.62
CA VAL I 51 -45.82 39.34 -11.84
C VAL I 51 -47.11 40.15 -11.67
N GLU I 52 -47.77 39.99 -10.52
CA GLU I 52 -48.99 40.73 -10.24
C GLU I 52 -48.77 42.23 -10.36
N PHE I 53 -47.69 42.74 -9.77
CA PHE I 53 -47.43 44.17 -9.86
C PHE I 53 -47.12 44.62 -11.27
N VAL I 54 -46.35 43.84 -12.01
CA VAL I 54 -46.00 44.21 -13.38
C VAL I 54 -47.22 44.34 -14.28
N GLU I 55 -48.09 43.34 -14.26
CA GLU I 55 -49.30 43.39 -15.07
C GLU I 55 -50.22 44.54 -14.61
N ASN I 56 -50.27 44.76 -13.31
CA ASN I 56 -51.03 45.86 -12.74
C ASN I 56 -50.53 47.23 -13.20
N ALA I 57 -49.22 47.46 -13.05
CA ALA I 57 -48.60 48.73 -13.43
C ALA I 57 -48.74 49.02 -14.93
N ASP I 58 -48.49 48.00 -15.74
CA ASP I 58 -48.61 48.10 -17.19
C ASP I 58 -49.96 48.68 -17.59
N ASN I 59 -51.02 48.06 -17.09
CA ASN I 59 -52.38 48.48 -17.43
C ASN I 59 -52.79 49.78 -16.79
N ARG I 60 -52.04 50.21 -15.78
CA ARG I 60 -52.35 51.45 -15.08
C ARG I 60 -51.65 52.63 -15.71
N GLY I 61 -50.87 52.36 -16.75
CA GLY I 61 -50.23 53.43 -17.51
C GLY I 61 -48.73 53.54 -17.38
N CYS I 62 -48.08 52.50 -16.89
CA CYS I 62 -46.62 52.48 -16.78
C CYS I 62 -45.98 52.49 -18.15
N ALA I 63 -45.16 53.50 -18.41
CA ALA I 63 -44.51 53.66 -19.71
C ALA I 63 -43.20 52.88 -19.82
N VAL I 64 -42.45 52.81 -18.72
CA VAL I 64 -41.15 52.15 -18.73
C VAL I 64 -40.91 51.45 -17.41
N PHE I 65 -40.37 50.24 -17.45
CA PHE I 65 -39.92 49.55 -16.25
C PHE I 65 -38.40 49.60 -16.12
N ILE I 66 -37.92 49.88 -14.92
CA ILE I 66 -36.50 49.79 -14.61
C ILE I 66 -36.31 48.74 -13.52
N ALA I 67 -35.41 47.79 -13.75
CA ALA I 67 -35.18 46.74 -12.79
C ALA I 67 -33.70 46.66 -12.44
N ALA I 68 -33.40 46.53 -11.16
CA ALA I 68 -32.03 46.42 -10.69
C ALA I 68 -31.84 45.09 -9.97
N ALA I 69 -30.83 44.34 -10.38
CA ALA I 69 -30.50 43.07 -9.73
C ALA I 69 -29.01 42.78 -9.83
N GLY I 70 -28.49 42.02 -8.87
CA GLY I 70 -27.10 41.62 -8.86
C GLY I 70 -26.94 40.11 -8.96
N LEU I 71 -25.70 39.65 -9.03
CA LEU I 71 -25.42 38.23 -9.14
C LEU I 71 -26.12 37.62 -10.34
N ALA I 72 -26.87 36.53 -10.13
CA ALA I 72 -27.67 35.96 -11.21
C ALA I 72 -28.94 36.79 -11.36
N ALA I 73 -28.84 37.87 -12.15
CA ALA I 73 -29.89 38.87 -12.23
C ALA I 73 -31.04 38.47 -13.15
N HIS I 74 -32.12 37.93 -12.57
CA HIS I 74 -33.26 37.43 -13.35
C HIS I 74 -34.47 38.37 -13.35
N LEU I 75 -34.37 39.50 -12.66
CA LEU I 75 -35.55 40.36 -12.46
C LEU I 75 -36.02 41.06 -13.74
N ALA I 76 -35.09 41.65 -14.48
CA ALA I 76 -35.42 42.30 -15.74
C ALA I 76 -35.99 41.31 -16.74
N GLY I 77 -35.40 40.11 -16.77
CA GLY I 77 -35.89 39.07 -17.67
C GLY I 77 -37.30 38.68 -17.34
N THR I 78 -37.60 38.61 -16.04
CA THR I 78 -38.93 38.24 -15.57
C THR I 78 -39.98 39.27 -15.95
N ILE I 79 -39.65 40.55 -15.78
CA ILE I 79 -40.58 41.63 -16.11
C ILE I 79 -40.89 41.66 -17.59
N ALA I 80 -39.84 41.61 -18.40
CA ALA I 80 -39.98 41.65 -19.85
C ALA I 80 -40.83 40.49 -20.36
N ALA I 81 -40.80 39.37 -19.63
CA ALA I 81 -41.56 38.20 -20.03
C ALA I 81 -43.06 38.38 -19.85
N HIS I 82 -43.45 39.46 -19.19
CA HIS I 82 -44.85 39.67 -18.86
C HIS I 82 -45.40 41.02 -19.30
N THR I 83 -44.70 41.70 -20.20
CA THR I 83 -45.15 43.02 -20.65
C THR I 83 -44.45 43.36 -21.95
N LEU I 84 -45.09 44.24 -22.72
CA LEU I 84 -44.52 44.70 -23.98
C LEU I 84 -44.03 46.13 -23.86
N LYS I 85 -44.11 46.66 -22.64
CA LYS I 85 -43.51 47.95 -22.30
C LYS I 85 -42.00 47.78 -22.21
N PRO I 86 -41.26 48.82 -22.60
CA PRO I 86 -39.80 48.76 -22.55
C PRO I 86 -39.30 48.44 -21.15
N VAL I 87 -38.39 47.48 -21.05
CA VAL I 87 -37.78 47.16 -19.77
C VAL I 87 -36.30 47.49 -19.78
N ILE I 88 -35.88 48.30 -18.82
CA ILE I 88 -34.47 48.65 -18.67
C ILE I 88 -33.91 47.90 -17.47
N GLY I 89 -32.77 47.25 -17.67
CA GLY I 89 -32.12 46.50 -16.62
C GLY I 89 -30.82 47.14 -16.21
N VAL I 90 -30.62 47.31 -14.90
CA VAL I 90 -29.38 47.84 -14.37
C VAL I 90 -28.71 46.75 -13.55
N PRO I 91 -27.52 46.31 -13.98
CA PRO I 91 -26.85 45.30 -13.16
C PRO I 91 -26.12 45.92 -11.96
N ALA I 93 -23.27 45.96 -8.84
CA ALA I 93 -21.83 45.69 -8.87
C ALA I 93 -21.31 44.79 -7.76
N GLY I 94 -22.10 44.61 -6.71
CA GLY I 94 -21.69 43.80 -5.57
C GLY I 94 -21.27 42.38 -5.92
N GLY I 95 -20.78 41.65 -4.93
CA GLY I 95 -20.29 40.30 -5.16
C GLY I 95 -18.88 40.30 -5.71
N SER I 96 -18.21 39.16 -5.63
CA SER I 96 -16.78 39.10 -5.92
C SER I 96 -16.37 39.20 -7.39
N LEU I 97 -17.34 39.21 -8.30
CA LEU I 97 -17.01 39.23 -9.73
C LEU I 97 -17.21 40.61 -10.36
N GLY I 98 -17.45 41.62 -9.52
CA GLY I 98 -17.54 42.99 -9.99
C GLY I 98 -18.73 43.27 -10.90
N GLY I 99 -19.79 42.52 -10.73
CA GLY I 99 -21.01 42.75 -11.50
C GLY I 99 -20.98 42.18 -12.90
N LEU I 100 -19.95 41.39 -13.22
CA LEU I 100 -19.84 40.77 -14.54
C LEU I 100 -20.97 39.77 -14.76
N ASP I 101 -21.25 38.96 -13.74
CA ASP I 101 -22.33 38.01 -13.79
C ASP I 101 -23.68 38.69 -13.97
N ALA I 102 -23.92 39.76 -13.21
CA ALA I 102 -25.16 40.53 -13.32
C ALA I 102 -25.33 41.04 -14.74
N LEU I 103 -24.25 41.56 -15.32
CA LEU I 103 -24.29 42.14 -16.65
C LEU I 103 -24.69 41.12 -17.71
N LEU I 104 -23.96 40.02 -17.78
CA LEU I 104 -24.23 38.98 -18.77
C LEU I 104 -25.64 38.39 -18.59
N SER I 105 -26.04 38.24 -17.34
CA SER I 105 -27.33 37.64 -17.00
C SER I 105 -28.48 38.58 -17.34
N THR I 106 -28.16 39.85 -17.51
CA THR I 106 -29.16 40.86 -17.83
C THR I 106 -29.25 41.12 -19.34
N VAL I 107 -28.09 41.19 -19.99
CA VAL I 107 -28.05 41.64 -21.37
C VAL I 107 -28.27 40.51 -22.39
N GLN I 108 -27.82 39.30 -22.07
CA GLN I 108 -27.84 38.19 -23.04
C GLN I 108 -29.21 37.53 -23.24
N PRO I 110 -32.52 36.12 -25.18
CA PRO I 110 -32.76 35.50 -26.48
C PRO I 110 -33.54 36.46 -27.37
N GLY I 111 -33.46 36.28 -28.68
CA GLY I 111 -34.23 37.13 -29.58
C GLY I 111 -35.70 37.01 -29.30
N GLY I 112 -36.39 38.14 -29.23
CA GLY I 112 -37.82 38.16 -29.04
C GLY I 112 -38.28 38.84 -27.76
N VAL I 113 -37.47 38.74 -26.70
CA VAL I 113 -37.79 39.37 -25.44
C VAL I 113 -36.66 40.27 -25.01
N PRO I 114 -36.62 41.51 -25.54
CA PRO I 114 -35.53 42.44 -25.27
C PRO I 114 -35.54 43.03 -23.87
N VAL I 115 -34.35 43.27 -23.34
CA VAL I 115 -34.15 44.09 -22.15
C VAL I 115 -33.05 45.08 -22.49
N ALA I 116 -33.35 46.38 -22.37
CA ALA I 116 -32.34 47.40 -22.54
C ALA I 116 -31.43 47.43 -21.32
N CYS I 117 -30.20 46.98 -21.50
CA CYS I 117 -29.25 46.93 -20.39
C CYS I 117 -28.37 48.18 -20.36
N THR I 118 -28.14 48.71 -19.16
CA THR I 118 -27.26 49.86 -19.00
C THR I 118 -26.00 49.46 -18.24
N ALA I 119 -25.14 50.44 -17.95
CA ALA I 119 -23.88 50.20 -17.27
C ALA I 119 -24.05 49.63 -15.85
N ILE I 120 -23.02 48.93 -15.38
CA ILE I 120 -23.03 48.42 -14.02
C ILE I 120 -23.04 49.57 -13.04
N GLY I 121 -23.81 49.44 -11.95
CA GLY I 121 -23.74 50.35 -10.84
C GLY I 121 -24.46 51.69 -10.98
N LYS I 122 -23.97 52.68 -10.25
CA LYS I 122 -24.60 54.00 -10.17
C LYS I 122 -24.67 54.72 -11.52
N ALA I 123 -23.68 54.45 -12.37
CA ALA I 123 -23.70 54.98 -13.72
C ALA I 123 -24.90 54.42 -14.47
N GLY I 124 -25.17 53.14 -14.26
CA GLY I 124 -26.29 52.49 -14.91
C GLY I 124 -27.61 53.03 -14.38
N ALA I 125 -27.70 53.20 -13.07
CA ALA I 125 -28.90 53.74 -12.44
C ALA I 125 -29.29 55.10 -13.03
N LYS I 126 -28.31 55.98 -13.17
CA LYS I 126 -28.59 57.31 -13.71
C LYS I 126 -29.02 57.21 -15.17
N ASN I 127 -28.33 56.38 -15.95
CA ASN I 127 -28.64 56.25 -17.37
C ASN I 127 -29.98 55.59 -17.64
N ALA I 128 -30.41 54.69 -16.76
CA ALA I 128 -31.73 54.10 -16.85
C ALA I 128 -32.80 55.17 -16.70
N ALA I 129 -32.63 56.02 -15.69
CA ALA I 129 -33.56 57.11 -15.43
C ALA I 129 -33.61 58.07 -16.62
N ILE I 130 -32.45 58.46 -17.12
CA ILE I 130 -32.38 59.36 -18.26
C ILE I 130 -32.98 58.70 -19.51
N LEU I 131 -32.68 57.42 -19.71
CA LEU I 131 -33.21 56.67 -20.85
C LEU I 131 -34.73 56.60 -20.80
N ALA I 132 -35.28 56.37 -19.61
CA ALA I 132 -36.73 56.34 -19.44
C ALA I 132 -37.31 57.70 -19.79
N ALA I 133 -36.62 58.76 -19.40
CA ALA I 133 -37.04 60.13 -19.72
C ALA I 133 -37.03 60.36 -21.23
N GLN I 134 -35.97 59.90 -21.89
CA GLN I 134 -35.86 60.06 -23.34
C GLN I 134 -36.99 59.32 -24.05
N ILE I 135 -37.40 58.18 -23.50
CA ILE I 135 -38.47 57.41 -24.09
C ILE I 135 -39.78 58.20 -23.90
N ILE I 136 -39.95 58.76 -22.71
CA ILE I 136 -41.14 59.53 -22.38
C ILE I 136 -41.20 60.87 -23.13
N ALA I 137 -40.04 61.40 -23.49
CA ALA I 137 -39.97 62.71 -24.13
C ALA I 137 -40.38 62.72 -25.60
N LEU I 138 -40.65 61.55 -26.16
CA LEU I 138 -41.15 61.49 -27.54
C LEU I 138 -42.59 62.00 -27.58
N GLN I 139 -43.28 61.87 -26.45
CA GLN I 139 -44.67 62.29 -26.33
C GLN I 139 -44.87 63.47 -25.40
N ASP I 140 -43.82 63.87 -24.68
CA ASP I 140 -43.94 64.91 -23.67
C ASP I 140 -42.92 66.02 -23.84
N LYS I 141 -43.37 67.16 -24.35
CA LYS I 141 -42.49 68.26 -24.73
C LYS I 141 -41.68 68.85 -23.59
N SER I 142 -42.29 68.95 -22.41
CA SER I 142 -41.62 69.55 -21.26
C SER I 142 -40.41 68.72 -20.83
N ILE I 143 -40.58 67.40 -20.84
CA ILE I 143 -39.48 66.49 -20.52
C ILE I 143 -38.33 66.70 -21.49
N ALA I 144 -38.66 66.72 -22.78
CA ALA I 144 -37.68 66.90 -23.83
C ALA I 144 -36.85 68.17 -23.62
N GLN I 145 -37.50 69.23 -23.17
CA GLN I 145 -36.78 70.49 -22.95
C GLN I 145 -35.93 70.41 -21.68
N LYS I 146 -36.43 69.72 -20.66
CA LYS I 146 -35.67 69.52 -19.44
C LYS I 146 -34.40 68.72 -19.72
N LEU I 147 -34.53 67.70 -20.57
CA LEU I 147 -33.40 66.86 -20.94
C LEU I 147 -32.32 67.66 -21.67
N VAL I 148 -32.74 68.57 -22.54
CA VAL I 148 -31.81 69.41 -23.28
C VAL I 148 -30.99 70.30 -22.35
N GLN I 149 -31.67 71.02 -21.47
CA GLN I 149 -31.01 71.92 -20.53
C GLN I 149 -30.15 71.15 -19.54
N GLN I 150 -30.49 69.89 -19.29
CA GLN I 150 -29.64 69.04 -18.48
C GLN I 150 -28.26 68.96 -19.13
N ARG I 151 -28.23 68.72 -20.43
CA ARG I 151 -26.95 68.64 -21.13
C ARG I 151 -26.23 69.99 -21.21
N THR I 152 -26.98 71.07 -21.36
CA THR I 152 -26.38 72.40 -21.34
C THR I 152 -25.67 72.62 -20.00
N ALA I 153 -26.31 72.19 -18.92
CA ALA I 153 -25.78 72.38 -17.57
C ALA I 153 -24.45 71.67 -17.34
N LYS I 154 -24.37 70.39 -17.68
CA LYS I 154 -23.14 69.64 -17.46
C LYS I 154 -22.00 70.14 -18.33
N ARG I 155 -22.32 70.57 -19.55
CA ARG I 155 -21.30 71.14 -20.41
C ARG I 155 -20.72 72.38 -19.73
N GLU I 156 -21.53 73.03 -18.92
CA GLU I 156 -21.07 74.14 -18.09
C GLU I 156 -20.13 73.61 -17.02
N THR I 157 -20.65 72.75 -16.17
CA THR I 157 -19.86 72.07 -15.14
C THR I 157 -18.46 71.71 -15.64
N LEU I 158 -18.40 70.89 -16.68
CA LEU I 158 -17.12 70.47 -17.25
C LEU I 158 -16.28 71.66 -17.71
N LYS I 159 -16.93 72.65 -18.31
CA LYS I 159 -16.22 73.83 -18.79
C LYS I 159 -15.61 74.62 -17.65
N LYS I 160 -16.30 74.62 -16.51
CA LYS I 160 -15.78 75.23 -15.29
C LYS I 160 -14.56 74.44 -14.81
N ALA I 161 -14.78 73.15 -14.57
CA ALA I 161 -13.74 72.26 -14.07
C ALA I 161 -12.49 72.36 -14.95
N ASP I 162 -12.71 72.64 -16.23
CA ASP I 162 -11.61 72.76 -17.19
C ASP I 162 -10.74 73.98 -16.90
N GLU I 163 -11.40 75.11 -16.63
CA GLU I 163 -10.70 76.35 -16.35
C GLU I 163 -10.01 76.29 -14.99
N ASN I 164 -10.61 75.53 -14.06
CA ASN I 164 -9.93 75.24 -12.81
C ASN I 164 -8.64 74.51 -13.11
N LEU I 165 -8.73 73.47 -13.94
CA LEU I 165 -7.56 72.70 -14.33
C LEU I 165 -6.45 73.60 -14.85
N GLN I 166 -6.81 74.65 -15.56
CA GLN I 166 -5.83 75.57 -16.11
C GLN I 166 -5.14 76.41 -15.03
N THR I 167 -5.85 76.68 -13.93
CA THR I 167 -5.24 77.46 -12.84
C THR I 167 -4.14 76.66 -12.14
N GLN I 168 -4.21 75.34 -12.24
CA GLN I 168 -3.28 74.46 -11.54
C GLN I 168 -2.16 73.96 -12.46
N LEU I 169 -1.96 74.65 -13.59
CA LEU I 169 -0.93 74.28 -14.55
C LEU I 169 0.11 75.38 -14.74
N LYS J 6 -3.75 4.20 9.86
CA LYS J 6 -2.78 3.88 8.82
C LYS J 6 -2.32 2.44 8.93
N ILE J 7 -1.03 2.20 8.71
CA ILE J 7 -0.49 0.84 8.67
C ILE J 7 -0.10 0.34 10.04
N PHE J 8 -0.72 -0.75 10.48
CA PHE J 8 -0.40 -1.30 11.79
C PHE J 8 -0.27 -2.83 11.83
N VAL J 9 0.42 -3.31 12.85
CA VAL J 9 0.58 -4.74 13.09
C VAL J 9 -0.38 -5.18 14.18
N ALA J 10 -0.97 -6.36 14.01
CA ALA J 10 -1.88 -6.91 15.01
C ALA J 10 -1.28 -8.16 15.62
N ILE J 11 -1.15 -8.17 16.94
CA ILE J 11 -0.52 -9.28 17.64
C ILE J 11 -1.53 -10.01 18.54
N LEU J 12 -1.69 -11.31 18.30
CA LEU J 12 -2.61 -12.13 19.08
C LEU J 12 -1.87 -13.20 19.87
N GLY J 14 -2.99 -16.53 22.85
CA GLY J 14 -4.12 -17.25 23.42
C GLY J 14 -4.18 -17.18 24.93
N SER J 15 -3.06 -16.86 25.57
CA SER J 15 -3.01 -16.75 27.02
C SER J 15 -2.06 -15.63 27.46
N ASP J 16 -2.41 -14.97 28.56
CA ASP J 16 -1.61 -13.86 29.07
C ASP J 16 -0.22 -14.32 29.52
N SER J 17 -0.07 -15.63 29.73
CA SER J 17 1.21 -16.18 30.12
C SER J 17 2.18 -16.21 28.94
N ASP J 18 1.66 -15.93 27.74
CA ASP J 18 2.52 -15.80 26.55
C ASP J 18 3.14 -14.40 26.50
N LEU J 19 2.60 -13.49 27.34
CA LEU J 19 3.06 -12.11 27.36
C LEU J 19 4.52 -11.95 27.74
N SER J 20 5.00 -12.79 28.65
CA SER J 20 6.41 -12.73 29.05
C SER J 20 7.30 -12.73 27.82
N THR J 21 6.99 -13.62 26.87
CA THR J 21 7.75 -13.74 25.64
C THR J 21 7.45 -12.62 24.62
N GLU J 23 6.43 -9.58 24.85
CA GLU J 23 6.87 -8.22 25.16
C GLU J 23 8.05 -7.84 24.28
N THR J 24 8.87 -8.84 23.93
CA THR J 24 10.03 -8.64 23.07
C THR J 24 9.60 -8.04 21.74
N ALA J 25 8.50 -8.56 21.18
CA ALA J 25 7.94 -8.01 19.95
C ALA J 25 7.51 -6.56 20.15
N PHE J 26 6.73 -6.30 21.20
CA PHE J 26 6.28 -4.95 21.51
C PHE J 26 7.47 -3.98 21.46
N THR J 27 8.55 -4.38 22.10
CA THR J 27 9.75 -3.56 22.23
C THR J 27 10.32 -3.18 20.86
N GLU J 28 10.49 -4.16 19.99
CA GLU J 28 11.01 -3.91 18.65
C GLU J 28 10.12 -2.94 17.88
N LEU J 29 8.83 -3.22 17.85
CA LEU J 29 7.89 -2.38 17.11
C LEU J 29 7.89 -0.94 17.62
N LYS J 30 7.85 -0.77 18.93
CA LYS J 30 7.92 0.55 19.55
C LYS J 30 9.14 1.33 19.06
N SER J 31 10.30 0.71 19.18
CA SER J 31 11.55 1.35 18.77
C SER J 31 11.56 1.73 17.29
N LEU J 32 10.89 0.92 16.46
CA LEU J 32 10.82 1.18 15.03
C LEU J 32 9.72 2.18 14.69
N GLY J 33 8.87 2.51 15.67
CA GLY J 33 7.78 3.42 15.46
C GLY J 33 6.63 2.82 14.67
N ILE J 34 6.54 1.49 14.69
CA ILE J 34 5.45 0.81 14.01
C ILE J 34 4.33 0.55 14.99
N PRO J 35 3.20 1.23 14.81
CA PRO J 35 2.05 1.05 15.68
C PRO J 35 1.50 -0.38 15.63
N PHE J 36 1.02 -0.87 16.77
CA PHE J 36 0.47 -2.21 16.84
C PHE J 36 -0.71 -2.28 17.79
N GLU J 37 -1.52 -3.33 17.63
CA GLU J 37 -2.55 -3.65 18.60
C GLU J 37 -2.22 -5.04 19.12
N ALA J 38 -2.44 -5.25 20.41
CA ALA J 38 -2.21 -6.54 21.02
C ALA J 38 -3.46 -7.01 21.76
N HIS J 39 -3.74 -8.31 21.68
CA HIS J 39 -4.94 -8.85 22.30
C HIS J 39 -4.75 -10.27 22.77
N ILE J 40 -5.47 -10.63 23.82
CA ILE J 40 -5.53 -12.01 24.26
C ILE J 40 -6.73 -12.65 23.59
N LEU J 41 -6.47 -13.56 22.66
CA LEU J 41 -7.54 -14.22 21.91
C LEU J 41 -7.17 -15.68 21.67
N SER J 42 -8.14 -16.56 21.89
CA SER J 42 -7.89 -18.00 21.83
C SER J 42 -8.70 -18.67 20.73
N ALA J 43 -8.02 -19.37 19.83
CA ALA J 43 -8.69 -20.11 18.78
C ALA J 43 -9.60 -21.16 19.40
N HIS J 44 -9.21 -21.63 20.58
CA HIS J 44 -9.93 -22.70 21.27
C HIS J 44 -11.06 -22.20 22.18
N ARG J 45 -10.77 -21.18 22.98
CA ARG J 45 -11.71 -20.71 23.99
C ARG J 45 -12.63 -19.59 23.52
N THR J 46 -12.11 -18.69 22.69
CA THR J 46 -12.89 -17.57 22.17
C THR J 46 -12.82 -17.49 20.64
N PRO J 47 -13.21 -18.57 19.94
CA PRO J 47 -13.00 -18.63 18.49
C PRO J 47 -13.85 -17.61 17.72
N LYS J 48 -15.06 -17.33 18.19
CA LYS J 48 -15.90 -16.35 17.53
C LYS J 48 -15.28 -14.96 17.65
N GLU J 49 -14.83 -14.61 18.85
CA GLU J 49 -14.20 -13.31 19.07
C GLU J 49 -12.89 -13.18 18.29
N THR J 50 -12.10 -14.24 18.24
CA THR J 50 -10.85 -14.24 17.49
C THR J 50 -11.10 -13.85 16.04
N VAL J 51 -12.11 -14.48 15.44
CA VAL J 51 -12.44 -14.24 14.03
C VAL J 51 -13.05 -12.87 13.76
N GLU J 52 -13.85 -12.38 14.68
CA GLU J 52 -14.42 -11.04 14.55
C GLU J 52 -13.28 -10.04 14.42
N PHE J 53 -12.32 -10.15 15.34
CA PHE J 53 -11.20 -9.22 15.38
C PHE J 53 -10.36 -9.26 14.12
N VAL J 54 -9.98 -10.46 13.68
CA VAL J 54 -9.20 -10.61 12.47
C VAL J 54 -9.88 -9.92 11.28
N GLU J 55 -11.13 -10.28 11.03
CA GLU J 55 -11.86 -9.68 9.92
C GLU J 55 -11.95 -8.18 10.08
N ASN J 56 -12.10 -7.72 11.32
CA ASN J 56 -12.17 -6.29 11.61
C ASN J 56 -10.83 -5.58 11.38
N ALA J 57 -9.77 -6.13 11.96
CA ALA J 57 -8.43 -5.55 11.84
C ALA J 57 -7.98 -5.54 10.39
N ASP J 58 -8.30 -6.62 9.69
CA ASP J 58 -8.00 -6.72 8.26
C ASP J 58 -8.58 -5.51 7.51
N ASN J 59 -9.89 -5.29 7.68
CA ASN J 59 -10.56 -4.20 6.99
C ASN J 59 -10.11 -2.80 7.43
N ARG J 60 -9.67 -2.68 8.68
CA ARG J 60 -9.21 -1.41 9.22
C ARG J 60 -7.81 -1.04 8.74
N GLY J 61 -7.20 -1.90 7.92
CA GLY J 61 -5.91 -1.62 7.30
C GLY J 61 -4.69 -2.29 7.92
N CYS J 62 -4.92 -3.33 8.71
CA CYS J 62 -3.83 -4.08 9.30
C CYS J 62 -2.92 -4.66 8.21
N ALA J 63 -1.61 -4.51 8.39
CA ALA J 63 -0.65 -4.95 7.40
C ALA J 63 -0.21 -6.39 7.61
N VAL J 64 -0.03 -6.77 8.87
CA VAL J 64 0.56 -8.06 9.21
C VAL J 64 0.00 -8.57 10.52
N PHE J 65 -0.24 -9.88 10.60
CA PHE J 65 -0.67 -10.49 11.85
C PHE J 65 0.48 -11.25 12.51
N ILE J 66 0.57 -11.13 13.82
CA ILE J 66 1.53 -11.93 14.58
C ILE J 66 0.76 -12.72 15.64
N ALA J 67 1.01 -14.03 15.69
CA ALA J 67 0.28 -14.91 16.59
C ALA J 67 1.24 -15.79 17.37
N ALA J 68 1.10 -15.77 18.69
CA ALA J 68 1.94 -16.59 19.56
C ALA J 68 1.14 -17.68 20.23
N ALA J 69 1.67 -18.90 20.25
CA ALA J 69 0.99 -20.01 20.91
C ALA J 69 1.96 -21.14 21.22
N GLY J 70 1.66 -21.90 22.27
CA GLY J 70 2.46 -23.05 22.65
C GLY J 70 1.78 -24.39 22.42
N LEU J 71 2.43 -25.45 22.88
CA LEU J 71 1.89 -26.81 22.77
C LEU J 71 1.30 -27.09 21.37
N ALA J 72 0.01 -27.37 21.32
CA ALA J 72 -0.68 -27.51 20.05
C ALA J 72 -1.13 -26.12 19.60
N ALA J 73 -0.28 -25.46 18.82
CA ALA J 73 -0.51 -24.08 18.41
C ALA J 73 -1.40 -24.02 17.17
N HIS J 74 -2.64 -23.57 17.36
CA HIS J 74 -3.62 -23.47 16.29
C HIS J 74 -4.01 -22.03 15.99
N LEU J 75 -3.46 -21.08 16.74
CA LEU J 75 -3.88 -19.68 16.60
C LEU J 75 -3.50 -19.09 15.24
N ALA J 76 -2.26 -19.34 14.82
CA ALA J 76 -1.75 -18.80 13.57
C ALA J 76 -2.56 -19.36 12.39
N GLY J 77 -2.84 -20.65 12.42
CA GLY J 77 -3.61 -21.29 11.37
C GLY J 77 -5.03 -20.75 11.26
N THR J 78 -5.64 -20.48 12.39
CA THR J 78 -7.00 -19.96 12.43
C THR J 78 -7.05 -18.56 11.82
N ILE J 79 -6.07 -17.73 12.15
CA ILE J 79 -6.01 -16.37 11.62
C ILE J 79 -5.82 -16.41 10.11
N ALA J 80 -4.89 -17.25 9.65
CA ALA J 80 -4.56 -17.33 8.24
C ALA J 80 -5.75 -17.78 7.42
N ALA J 81 -6.60 -18.62 8.01
CA ALA J 81 -7.77 -19.14 7.32
C ALA J 81 -8.80 -18.05 7.06
N HIS J 82 -8.65 -16.91 7.72
CA HIS J 82 -9.64 -15.85 7.65
C HIS J 82 -9.14 -14.53 7.07
N THR J 83 -7.93 -14.52 6.54
CA THR J 83 -7.36 -13.32 5.96
C THR J 83 -6.31 -13.67 4.94
N LEU J 84 -6.03 -12.75 4.03
CA LEU J 84 -4.96 -12.93 3.06
C LEU J 84 -3.77 -12.02 3.37
N LYS J 85 -3.88 -11.27 4.47
CA LYS J 85 -2.74 -10.57 5.02
C LYS J 85 -1.72 -11.60 5.48
N PRO J 86 -0.43 -11.27 5.41
CA PRO J 86 0.60 -12.17 5.89
C PRO J 86 0.42 -12.52 7.37
N VAL J 87 0.57 -13.79 7.70
CA VAL J 87 0.46 -14.22 9.10
C VAL J 87 1.78 -14.84 9.57
N ILE J 88 2.28 -14.34 10.69
CA ILE J 88 3.55 -14.80 11.24
C ILE J 88 3.29 -15.56 12.53
N GLY J 89 3.81 -16.78 12.61
CA GLY J 89 3.60 -17.62 13.76
C GLY J 89 4.81 -17.73 14.66
N VAL J 90 4.62 -17.57 15.97
CA VAL J 90 5.72 -17.69 16.92
C VAL J 90 5.46 -18.86 17.87
N PRO J 91 6.24 -19.93 17.74
CA PRO J 91 6.12 -21.11 18.62
C PRO J 91 6.61 -20.78 20.02
N ALA J 93 7.97 -21.58 23.79
CA ALA J 93 8.91 -22.59 24.28
C ALA J 93 8.32 -23.46 25.38
N GLY J 94 7.11 -23.13 25.82
CA GLY J 94 6.49 -23.80 26.95
C GLY J 94 6.36 -25.30 26.82
N GLY J 95 6.13 -25.96 27.96
CA GLY J 95 5.86 -27.38 27.98
C GLY J 95 7.10 -28.25 28.03
N SER J 96 6.89 -29.55 28.23
CA SER J 96 7.97 -30.52 28.33
C SER J 96 8.56 -30.90 26.97
N LEU J 97 8.00 -30.35 25.89
CA LEU J 97 8.48 -30.65 24.54
C LEU J 97 9.44 -29.59 24.02
N GLY J 98 9.65 -28.53 24.80
CA GLY J 98 10.57 -27.47 24.46
C GLY J 98 10.21 -26.72 23.19
N GLY J 99 8.93 -26.71 22.86
CA GLY J 99 8.43 -25.95 21.73
C GLY J 99 8.38 -26.70 20.41
N LEU J 100 8.95 -27.90 20.37
CA LEU J 100 8.95 -28.67 19.14
C LEU J 100 7.53 -28.93 18.64
N ASP J 101 6.61 -29.13 19.57
CA ASP J 101 5.23 -29.41 19.22
C ASP J 101 4.53 -28.17 18.68
N ALA J 102 4.81 -27.02 19.29
CA ALA J 102 4.28 -25.76 18.80
C ALA J 102 4.85 -25.45 17.41
N LEU J 103 6.13 -25.74 17.24
CA LEU J 103 6.82 -25.47 15.97
C LEU J 103 6.20 -26.27 14.84
N LEU J 104 6.20 -27.58 14.97
CA LEU J 104 5.64 -28.46 13.94
C LEU J 104 4.18 -28.15 13.67
N SER J 105 3.44 -27.82 14.74
CA SER J 105 2.03 -27.49 14.61
C SER J 105 1.79 -26.13 13.94
N THR J 106 2.77 -25.25 14.02
CA THR J 106 2.64 -23.91 13.43
C THR J 106 3.04 -23.90 11.96
N VAL J 107 4.11 -24.63 11.64
CA VAL J 107 4.75 -24.48 10.33
C VAL J 107 4.21 -25.43 9.26
N GLN J 108 3.69 -26.57 9.68
CA GLN J 108 3.27 -27.61 8.72
C GLN J 108 1.90 -27.36 8.12
N PRO J 110 -0.96 -26.74 5.18
CA PRO J 110 -1.20 -27.30 3.85
C PRO J 110 -1.01 -26.25 2.77
N GLY J 111 -0.53 -26.65 1.60
CA GLY J 111 -0.31 -25.74 0.50
C GLY J 111 -1.55 -24.91 0.21
N GLY J 112 -1.38 -23.59 0.17
CA GLY J 112 -2.50 -22.70 -0.09
C GLY J 112 -2.79 -21.75 1.06
N VAL J 113 -2.49 -22.17 2.28
CA VAL J 113 -2.73 -21.35 3.46
C VAL J 113 -1.45 -21.23 4.28
N PRO J 114 -0.52 -20.37 3.84
CA PRO J 114 0.80 -20.26 4.48
C PRO J 114 0.77 -19.55 5.83
N VAL J 115 1.70 -19.93 6.69
CA VAL J 115 2.03 -19.16 7.88
C VAL J 115 3.55 -19.04 7.93
N ALA J 116 4.04 -17.81 8.02
CA ALA J 116 5.48 -17.60 8.18
C ALA J 116 5.88 -17.94 9.61
N CYS J 117 6.59 -19.04 9.78
CA CYS J 117 7.02 -19.48 11.10
C CYS J 117 8.42 -18.99 11.44
N THR J 118 8.59 -18.49 12.66
CA THR J 118 9.91 -18.08 13.14
C THR J 118 10.43 -19.05 14.18
N ALA J 119 11.57 -18.73 14.76
CA ALA J 119 12.22 -19.57 15.75
C ALA J 119 11.40 -19.62 17.04
N ILE J 120 11.78 -20.55 17.90
CA ILE J 120 11.10 -20.76 19.17
C ILE J 120 11.45 -19.69 20.20
N GLY J 121 10.45 -19.20 20.93
CA GLY J 121 10.71 -18.34 22.07
C GLY J 121 10.96 -16.88 21.77
N LYS J 122 11.81 -16.25 22.59
CA LYS J 122 12.10 -14.83 22.49
C LYS J 122 12.76 -14.47 21.17
N ALA J 123 13.63 -15.35 20.68
CA ALA J 123 14.21 -15.18 19.36
C ALA J 123 13.09 -14.97 18.34
N GLY J 124 12.09 -15.86 18.37
CA GLY J 124 10.98 -15.83 17.44
C GLY J 124 10.15 -14.57 17.54
N ALA J 125 9.90 -14.11 18.76
CA ALA J 125 9.12 -12.90 18.96
C ALA J 125 9.82 -11.71 18.33
N LYS J 126 11.11 -11.56 18.62
CA LYS J 126 11.89 -10.46 18.06
C LYS J 126 11.89 -10.53 16.54
N ASN J 127 12.11 -11.72 16.00
CA ASN J 127 12.17 -11.89 14.55
C ASN J 127 10.82 -11.67 13.88
N ALA J 128 9.75 -11.99 14.61
CA ALA J 128 8.40 -11.76 14.09
C ALA J 128 8.17 -10.27 13.87
N ALA J 129 8.62 -9.45 14.82
CA ALA J 129 8.44 -8.01 14.74
C ALA J 129 9.31 -7.43 13.63
N ILE J 130 10.52 -7.96 13.51
CA ILE J 130 11.46 -7.50 12.49
C ILE J 130 11.02 -7.90 11.08
N LEU J 131 10.51 -9.12 10.94
CA LEU J 131 9.96 -9.59 9.67
C LEU J 131 8.77 -8.71 9.26
N ALA J 132 7.90 -8.41 10.22
CA ALA J 132 6.77 -7.50 9.99
C ALA J 132 7.25 -6.13 9.52
N ALA J 133 8.36 -5.67 10.10
CA ALA J 133 8.93 -4.37 9.74
C ALA J 133 9.54 -4.40 8.34
N GLN J 134 10.16 -5.52 8.00
CA GLN J 134 10.77 -5.69 6.68
C GLN J 134 9.71 -5.72 5.59
N ILE J 135 8.57 -6.33 5.90
CA ILE J 135 7.45 -6.36 4.99
C ILE J 135 6.87 -4.95 4.81
N ILE J 136 6.71 -4.24 5.92
CA ILE J 136 6.17 -2.90 5.88
C ILE J 136 7.14 -1.90 5.23
N ALA J 137 8.43 -2.19 5.32
CA ALA J 137 9.46 -1.28 4.79
C ALA J 137 9.49 -1.27 3.26
N LEU J 138 8.84 -2.25 2.64
CA LEU J 138 8.78 -2.28 1.18
C LEU J 138 8.07 -1.05 0.64
N GLN J 139 7.21 -0.46 1.47
CA GLN J 139 6.54 0.80 1.10
C GLN J 139 6.73 1.90 2.12
N ASP J 140 7.80 1.79 2.92
CA ASP J 140 8.14 2.86 3.87
C ASP J 140 9.65 3.06 3.95
N LYS J 141 10.14 4.10 3.29
CA LYS J 141 11.57 4.39 3.27
C LYS J 141 12.12 4.63 4.67
N SER J 142 11.30 5.22 5.53
CA SER J 142 11.71 5.49 6.90
C SER J 142 12.07 4.21 7.65
N ILE J 143 11.18 3.22 7.63
CA ILE J 143 11.41 1.96 8.30
C ILE J 143 12.63 1.23 7.74
N ALA J 144 12.75 1.23 6.43
CA ALA J 144 13.87 0.58 5.75
C ALA J 144 15.20 1.07 6.32
N GLN J 145 15.30 2.38 6.51
CA GLN J 145 16.52 3.02 6.98
C GLN J 145 16.83 2.67 8.44
N LYS J 146 15.79 2.60 9.26
CA LYS J 146 15.95 2.20 10.66
C LYS J 146 16.45 0.76 10.81
N LEU J 147 16.00 -0.11 9.91
CA LEU J 147 16.39 -1.51 9.94
C LEU J 147 17.86 -1.68 9.54
N VAL J 148 18.34 -0.80 8.65
CA VAL J 148 19.76 -0.78 8.30
C VAL J 148 20.60 -0.31 9.49
N GLN J 149 20.13 0.73 10.18
CA GLN J 149 20.86 1.25 11.34
C GLN J 149 20.93 0.22 12.46
N GLN J 150 19.84 -0.52 12.67
CA GLN J 150 19.84 -1.62 13.63
C GLN J 150 20.98 -2.57 13.33
N ARG J 151 21.06 -3.01 12.09
CA ARG J 151 22.12 -3.91 11.66
C ARG J 151 23.50 -3.32 11.91
N THR J 152 23.68 -2.07 11.47
CA THR J 152 24.96 -1.39 11.63
C THR J 152 25.34 -1.28 13.10
N ALA J 153 24.38 -0.90 13.93
CA ALA J 153 24.60 -0.80 15.36
C ALA J 153 25.04 -2.14 15.94
N LYS J 154 24.39 -3.22 15.51
CA LYS J 154 24.73 -4.54 16.01
C LYS J 154 26.18 -4.90 15.66
N ARG J 155 26.64 -4.43 14.50
CA ARG J 155 28.01 -4.72 14.07
C ARG J 155 29.05 -3.99 14.93
N GLU J 156 28.76 -2.74 15.30
CA GLU J 156 29.66 -2.00 16.18
C GLU J 156 29.79 -2.76 17.49
N THR J 157 28.66 -3.25 17.99
CA THR J 157 28.62 -4.00 19.25
C THR J 157 29.48 -5.25 19.21
N LEU J 158 29.34 -6.05 18.14
CA LEU J 158 30.12 -7.27 18.01
C LEU J 158 31.60 -6.98 17.85
N LYS J 159 31.91 -5.86 17.18
CA LYS J 159 33.29 -5.42 17.00
C LYS J 159 33.88 -5.07 18.36
N LYS J 160 33.14 -4.27 19.13
CA LYS J 160 33.52 -3.89 20.48
C LYS J 160 33.78 -5.11 21.36
N ALA J 161 32.94 -6.13 21.19
CA ALA J 161 33.07 -7.35 21.98
C ALA J 161 34.29 -8.15 21.55
N ASP J 162 34.61 -8.09 20.26
CA ASP J 162 35.77 -8.77 19.70
C ASP J 162 37.06 -8.10 20.19
N GLU J 163 37.05 -6.77 20.20
CA GLU J 163 38.20 -6.01 20.69
C GLU J 163 38.41 -6.23 22.19
N ASN J 164 37.32 -6.20 22.96
CA ASN J 164 37.40 -6.55 24.37
C ASN J 164 37.99 -7.94 24.56
N LEU J 165 37.64 -8.86 23.68
CA LEU J 165 38.10 -10.23 23.80
C LEU J 165 39.61 -10.36 23.61
N GLN J 166 40.17 -9.55 22.71
CA GLN J 166 41.61 -9.62 22.46
C GLN J 166 42.42 -9.18 23.68
N THR J 167 41.81 -8.37 24.55
CA THR J 167 42.48 -7.96 25.78
C THR J 167 42.31 -9.03 26.85
N GLN J 168 41.20 -9.77 26.78
CA GLN J 168 40.97 -10.88 27.69
C GLN J 168 41.84 -12.07 27.33
N LEU J 169 42.55 -11.99 26.21
CA LEU J 169 43.40 -13.08 25.75
C LEU J 169 44.87 -12.88 26.11
N LYS K 6 7.66 74.73 -31.87
CA LYS K 6 6.44 74.63 -31.08
C LYS K 6 5.86 73.22 -31.11
N ILE K 7 6.72 72.23 -30.83
CA ILE K 7 6.26 70.88 -30.61
C ILE K 7 5.70 70.78 -29.20
N PHE K 8 4.45 70.36 -29.09
CA PHE K 8 3.84 70.16 -27.77
C PHE K 8 2.93 68.95 -27.73
N VAL K 9 2.59 68.52 -26.53
CA VAL K 9 1.74 67.37 -26.32
C VAL K 9 0.40 67.83 -25.76
N ALA K 10 -0.68 67.33 -26.35
CA ALA K 10 -2.01 67.66 -25.88
C ALA K 10 -2.66 66.51 -25.14
N ILE K 11 -3.02 66.75 -23.89
CA ILE K 11 -3.66 65.74 -23.06
C ILE K 11 -5.13 66.05 -22.83
N LEU K 12 -5.98 65.07 -23.05
CA LEU K 12 -7.41 65.24 -22.84
C LEU K 12 -7.94 64.20 -21.86
N GLY K 14 -11.90 63.03 -19.87
CA GLY K 14 -13.34 63.23 -19.94
C GLY K 14 -14.02 63.65 -18.64
N SER K 15 -13.31 63.48 -17.53
CA SER K 15 -13.85 63.82 -16.22
C SER K 15 -12.72 64.26 -15.30
N ASP K 16 -13.03 65.12 -14.33
CA ASP K 16 -12.01 65.59 -13.40
C ASP K 16 -11.54 64.48 -12.46
N SER K 17 -12.35 63.42 -12.35
CA SER K 17 -12.00 62.28 -11.51
C SER K 17 -10.80 61.52 -12.05
N ASP K 18 -10.38 61.86 -13.26
CA ASP K 18 -9.24 61.20 -13.88
C ASP K 18 -7.92 61.90 -13.53
N LEU K 19 -8.03 63.04 -12.84
CA LEU K 19 -6.84 63.81 -12.47
C LEU K 19 -5.96 63.08 -11.47
N SER K 20 -6.58 62.35 -10.55
CA SER K 20 -5.84 61.49 -9.66
C SER K 20 -4.75 60.83 -10.50
N THR K 21 -5.17 60.32 -11.65
CA THR K 21 -4.31 59.50 -12.50
C THR K 21 -3.35 60.29 -13.40
N GLU K 23 -2.02 63.14 -13.16
CA GLU K 23 -0.96 63.91 -12.51
C GLU K 23 0.38 63.27 -12.85
N THR K 24 0.43 61.95 -12.75
CA THR K 24 1.63 61.18 -13.06
C THR K 24 2.28 61.63 -14.37
N ALA K 25 1.46 61.83 -15.39
CA ALA K 25 1.96 62.20 -16.72
C ALA K 25 2.44 63.65 -16.79
N PHE K 26 1.69 64.56 -16.17
CA PHE K 26 2.10 65.96 -16.11
C PHE K 26 3.53 66.04 -15.61
N THR K 27 3.79 65.33 -14.52
CA THR K 27 5.11 65.29 -13.91
C THR K 27 6.16 64.77 -14.88
N GLU K 28 5.94 63.56 -15.39
CA GLU K 28 6.86 62.98 -16.37
C GLU K 28 7.21 64.00 -17.45
N LEU K 29 6.18 64.65 -17.99
CA LEU K 29 6.38 65.63 -19.04
C LEU K 29 7.12 66.87 -18.53
N LYS K 30 6.90 67.22 -17.27
CA LYS K 30 7.65 68.30 -16.65
C LYS K 30 9.12 67.94 -16.55
N SER K 31 9.40 66.80 -15.94
CA SER K 31 10.78 66.34 -15.74
C SER K 31 11.59 66.40 -17.04
N LEU K 32 11.02 65.89 -18.12
CA LEU K 32 11.71 65.81 -19.39
C LEU K 32 11.64 67.13 -20.16
N GLY K 33 10.96 68.11 -19.59
CA GLY K 33 10.89 69.43 -20.20
C GLY K 33 10.15 69.46 -21.52
N ILE K 34 9.07 68.69 -21.62
CA ILE K 34 8.24 68.70 -22.81
C ILE K 34 6.99 69.53 -22.57
N PRO K 35 6.73 70.51 -23.45
CA PRO K 35 5.59 71.42 -23.30
C PRO K 35 4.29 70.68 -23.55
N PHE K 36 3.26 70.96 -22.75
CA PHE K 36 1.98 70.30 -22.95
C PHE K 36 0.78 71.19 -22.65
N GLU K 37 -0.40 70.70 -22.99
CA GLU K 37 -1.66 71.32 -22.63
C GLU K 37 -2.59 70.21 -22.17
N ALA K 38 -3.42 70.49 -21.17
CA ALA K 38 -4.35 69.49 -20.67
C ALA K 38 -5.72 70.11 -20.54
N HIS K 39 -6.75 69.32 -20.83
CA HIS K 39 -8.12 69.81 -20.78
C HIS K 39 -9.07 68.76 -20.22
N ILE K 40 -10.14 69.21 -19.62
CA ILE K 40 -11.27 68.34 -19.37
C ILE K 40 -12.16 68.47 -20.59
N LEU K 41 -12.30 67.38 -21.33
CA LEU K 41 -13.03 67.39 -22.59
C LEU K 41 -13.59 66.00 -22.83
N SER K 42 -14.91 65.91 -22.93
CA SER K 42 -15.57 64.62 -23.01
C SER K 42 -16.02 64.30 -24.43
N ALA K 43 -15.73 63.08 -24.88
CA ALA K 43 -16.19 62.63 -26.18
C ALA K 43 -17.71 62.55 -26.16
N HIS K 44 -18.25 62.25 -24.98
CA HIS K 44 -19.69 62.04 -24.83
C HIS K 44 -20.45 63.31 -24.46
N ARG K 45 -19.90 64.11 -23.55
CA ARG K 45 -20.61 65.26 -23.02
C ARG K 45 -20.34 66.57 -23.78
N THR K 46 -19.11 66.75 -24.26
CA THR K 46 -18.75 67.97 -24.98
C THR K 46 -18.15 67.66 -26.35
N PRO K 47 -18.85 66.83 -27.14
CA PRO K 47 -18.27 66.32 -28.39
C PRO K 47 -17.86 67.40 -29.40
N LYS K 48 -18.65 68.45 -29.53
CA LYS K 48 -18.31 69.51 -30.49
C LYS K 48 -17.04 70.25 -30.10
N GLU K 49 -16.88 70.52 -28.81
CA GLU K 49 -15.67 71.21 -28.33
C GLU K 49 -14.46 70.30 -28.42
N THR K 50 -14.68 69.01 -28.16
CA THR K 50 -13.59 68.04 -28.24
C THR K 50 -12.99 68.04 -29.65
N VAL K 51 -13.86 68.09 -30.66
CA VAL K 51 -13.41 68.08 -32.05
C VAL K 51 -12.73 69.38 -32.46
N GLU K 52 -13.27 70.52 -32.04
CA GLU K 52 -12.68 71.81 -32.35
C GLU K 52 -11.24 71.87 -31.86
N PHE K 53 -11.03 71.48 -30.61
CA PHE K 53 -9.72 71.54 -30.00
C PHE K 53 -8.70 70.66 -30.72
N VAL K 54 -9.11 69.45 -31.10
CA VAL K 54 -8.20 68.50 -31.71
C VAL K 54 -7.66 69.01 -33.05
N GLU K 55 -8.56 69.45 -33.92
CA GLU K 55 -8.18 69.96 -35.22
C GLU K 55 -7.32 71.21 -35.08
N ASN K 56 -7.74 72.11 -34.20
CA ASN K 56 -6.99 73.32 -33.90
C ASN K 56 -5.56 73.03 -33.46
N ALA K 57 -5.42 72.23 -32.40
CA ALA K 57 -4.12 71.90 -31.84
C ALA K 57 -3.24 71.16 -32.85
N ASP K 58 -3.86 70.30 -33.64
CA ASP K 58 -3.17 69.61 -34.71
C ASP K 58 -2.50 70.64 -35.60
N ASN K 59 -3.27 71.66 -35.97
CA ASN K 59 -2.78 72.70 -36.87
C ASN K 59 -1.73 73.62 -36.24
N ARG K 60 -1.69 73.65 -34.91
CA ARG K 60 -0.74 74.48 -34.20
C ARG K 60 0.56 73.73 -33.93
N GLY K 61 0.58 72.45 -34.30
CA GLY K 61 1.80 71.66 -34.21
C GLY K 61 1.84 70.67 -33.06
N CYS K 62 0.69 70.26 -32.56
CA CYS K 62 0.64 69.16 -31.62
C CYS K 62 1.27 67.96 -32.32
N ALA K 63 2.22 67.31 -31.66
CA ALA K 63 2.88 66.16 -32.25
C ALA K 63 2.17 64.88 -31.82
N VAL K 64 1.70 64.86 -30.58
CA VAL K 64 1.06 63.69 -30.01
C VAL K 64 -0.11 64.07 -29.10
N PHE K 65 -1.22 63.33 -29.22
CA PHE K 65 -2.34 63.49 -28.31
C PHE K 65 -2.33 62.35 -27.30
N ILE K 66 -2.62 62.69 -26.03
CA ILE K 66 -2.76 61.69 -24.98
C ILE K 66 -4.15 61.79 -24.41
N ALA K 67 -4.90 60.69 -24.43
CA ALA K 67 -6.28 60.70 -23.96
C ALA K 67 -6.53 59.68 -22.84
N ALA K 68 -7.21 60.11 -21.78
CA ALA K 68 -7.52 59.24 -20.66
C ALA K 68 -9.03 59.10 -20.49
N ALA K 69 -9.48 57.87 -20.28
CA ALA K 69 -10.90 57.62 -20.08
C ALA K 69 -11.13 56.28 -19.38
N GLY K 70 -12.25 56.21 -18.65
CA GLY K 70 -12.61 55.00 -17.93
C GLY K 70 -13.86 54.34 -18.49
N LEU K 71 -14.21 53.19 -17.92
CA LEU K 71 -15.38 52.43 -18.37
C LEU K 71 -15.38 52.26 -19.89
N ALA K 72 -16.43 52.74 -20.55
CA ALA K 72 -16.47 52.72 -22.00
C ALA K 72 -15.68 53.92 -22.55
N ALA K 73 -14.37 53.75 -22.67
CA ALA K 73 -13.46 54.83 -23.09
C ALA K 73 -13.54 55.07 -24.60
N HIS K 74 -14.08 56.23 -25.00
CA HIS K 74 -14.28 56.57 -26.40
C HIS K 74 -13.47 57.78 -26.83
N LEU K 75 -12.81 58.43 -25.88
CA LEU K 75 -12.11 59.68 -26.16
C LEU K 75 -10.97 59.53 -27.18
N ALA K 76 -10.14 58.50 -27.01
CA ALA K 76 -9.00 58.28 -27.89
C ALA K 76 -9.45 57.95 -29.31
N GLY K 77 -10.47 57.10 -29.43
CA GLY K 77 -11.01 56.77 -30.74
C GLY K 77 -11.56 57.99 -31.44
N THR K 78 -12.26 58.84 -30.69
CA THR K 78 -12.79 60.08 -31.23
C THR K 78 -11.69 61.04 -31.70
N ILE K 79 -10.59 61.11 -30.95
CA ILE K 79 -9.48 61.97 -31.32
C ILE K 79 -8.80 61.44 -32.59
N ALA K 80 -8.60 60.13 -32.66
CA ALA K 80 -7.91 59.51 -33.78
C ALA K 80 -8.71 59.65 -35.07
N ALA K 81 -10.03 59.75 -34.95
CA ALA K 81 -10.89 59.91 -36.12
C ALA K 81 -10.71 61.27 -36.77
N HIS K 82 -10.10 62.21 -36.05
CA HIS K 82 -10.02 63.59 -36.50
C HIS K 82 -8.62 64.17 -36.70
N THR K 83 -7.59 63.32 -36.58
CA THR K 83 -6.23 63.77 -36.83
C THR K 83 -5.39 62.60 -37.32
N LEU K 84 -4.23 62.92 -37.87
CA LEU K 84 -3.29 61.89 -38.31
C LEU K 84 -2.08 61.84 -37.39
N LYS K 85 -2.12 62.67 -36.35
CA LYS K 85 -1.10 62.64 -35.31
C LYS K 85 -1.27 61.39 -34.48
N PRO K 86 -0.15 60.78 -34.05
CA PRO K 86 -0.27 59.62 -33.17
C PRO K 86 -1.17 59.95 -31.99
N VAL K 87 -2.03 59.02 -31.61
CA VAL K 87 -2.89 59.20 -30.44
C VAL K 87 -2.67 58.08 -29.44
N ILE K 88 -2.32 58.45 -28.22
CA ILE K 88 -2.10 57.47 -27.17
C ILE K 88 -3.31 57.39 -26.25
N GLY K 89 -3.75 56.17 -25.94
CA GLY K 89 -4.88 55.96 -25.07
C GLY K 89 -4.46 55.38 -23.74
N VAL K 90 -4.88 56.01 -22.65
CA VAL K 90 -4.66 55.48 -21.31
C VAL K 90 -6.00 55.09 -20.67
N PRO K 91 -6.16 53.80 -20.38
CA PRO K 91 -7.38 53.30 -19.71
C PRO K 91 -7.35 53.56 -18.21
N ALA K 93 -8.63 52.96 -14.28
CA ALA K 93 -8.84 51.69 -13.58
C ALA K 93 -10.07 51.67 -12.65
N GLY K 94 -10.74 52.80 -12.54
CA GLY K 94 -11.93 52.88 -11.70
C GLY K 94 -13.01 51.93 -12.17
N GLY K 95 -13.90 51.53 -11.26
CA GLY K 95 -15.00 50.65 -11.61
C GLY K 95 -14.80 49.22 -11.16
N SER K 96 -15.90 48.48 -11.07
CA SER K 96 -15.89 47.10 -10.54
C SER K 96 -15.21 46.11 -11.48
N LEU K 97 -14.96 46.53 -12.72
CA LEU K 97 -14.30 45.66 -13.70
C LEU K 97 -12.82 45.99 -13.85
N GLY K 98 -12.31 46.79 -12.93
CA GLY K 98 -10.90 47.15 -12.87
C GLY K 98 -10.32 47.80 -14.13
N GLY K 99 -11.19 48.33 -14.98
CA GLY K 99 -10.73 49.03 -16.15
C GLY K 99 -10.49 48.07 -17.32
N LEU K 100 -10.92 46.82 -17.15
CA LEU K 100 -10.87 45.86 -18.25
C LEU K 100 -11.76 46.33 -19.39
N ASP K 101 -12.91 46.90 -19.03
CA ASP K 101 -13.80 47.51 -20.00
C ASP K 101 -13.10 48.65 -20.73
N ALA K 102 -12.36 49.47 -19.99
CA ALA K 102 -11.63 50.60 -20.56
C ALA K 102 -10.50 50.15 -21.49
N LEU K 103 -9.85 49.04 -21.14
CA LEU K 103 -8.74 48.53 -21.93
C LEU K 103 -9.23 48.08 -23.30
N LEU K 104 -10.16 47.12 -23.31
CA LEU K 104 -10.71 46.62 -24.55
C LEU K 104 -11.31 47.76 -25.39
N SER K 105 -11.99 48.67 -24.71
CA SER K 105 -12.63 49.80 -25.37
C SER K 105 -11.63 50.71 -26.07
N THR K 106 -10.39 50.74 -25.59
CA THR K 106 -9.37 51.63 -26.14
C THR K 106 -8.47 50.97 -27.19
N VAL K 107 -8.11 49.70 -26.97
CA VAL K 107 -7.10 49.07 -27.82
C VAL K 107 -7.67 48.39 -29.06
N GLN K 108 -8.92 47.92 -28.99
CA GLN K 108 -9.52 47.16 -30.08
C GLN K 108 -10.02 48.03 -31.24
N PRO K 110 -10.36 49.26 -35.08
CA PRO K 110 -10.42 48.53 -36.35
C PRO K 110 -9.29 48.94 -37.28
N GLY K 111 -8.87 48.03 -38.14
CA GLY K 111 -7.82 48.32 -39.10
C GLY K 111 -8.07 49.62 -39.84
N GLY K 112 -7.13 50.56 -39.71
CA GLY K 112 -7.23 51.82 -40.44
C GLY K 112 -7.06 53.06 -39.57
N VAL K 113 -7.51 52.98 -38.32
CA VAL K 113 -7.48 54.13 -37.41
C VAL K 113 -6.88 53.74 -36.06
N PRO K 114 -5.53 53.79 -35.97
CA PRO K 114 -4.80 53.25 -34.83
C PRO K 114 -4.85 54.12 -33.58
N VAL K 115 -4.90 53.48 -32.42
CA VAL K 115 -4.67 54.14 -31.15
C VAL K 115 -3.61 53.35 -30.39
N ALA K 116 -2.59 54.05 -29.91
CA ALA K 116 -1.54 53.41 -29.14
C ALA K 116 -1.98 53.30 -27.69
N CYS K 117 -2.27 52.08 -27.26
CA CYS K 117 -2.79 51.87 -25.91
C CYS K 117 -1.69 51.46 -24.92
N THR K 118 -1.75 52.03 -23.73
CA THR K 118 -0.82 51.67 -22.68
C THR K 118 -1.53 50.97 -21.52
N ALA K 119 -0.78 50.71 -20.46
CA ALA K 119 -1.30 49.97 -19.32
C ALA K 119 -2.40 50.72 -18.57
N ILE K 120 -3.14 49.99 -17.74
CA ILE K 120 -4.21 50.57 -16.94
C ILE K 120 -3.67 51.47 -15.84
N GLY K 121 -4.29 52.64 -15.69
CA GLY K 121 -3.98 53.52 -14.57
C GLY K 121 -2.65 54.27 -14.63
N LYS K 122 -2.05 54.46 -13.46
CA LYS K 122 -0.85 55.29 -13.34
C LYS K 122 0.32 54.79 -14.16
N ALA K 123 0.48 53.47 -14.27
CA ALA K 123 1.53 52.91 -15.09
C ALA K 123 1.37 53.39 -16.53
N GLY K 124 0.14 53.30 -17.04
CA GLY K 124 -0.15 53.73 -18.39
C GLY K 124 0.07 55.23 -18.54
N ALA K 125 -0.38 55.98 -17.54
CA ALA K 125 -0.24 57.43 -17.57
C ALA K 125 1.22 57.86 -17.65
N LYS K 126 2.09 57.20 -16.89
CA LYS K 126 3.51 57.50 -16.98
C LYS K 126 4.07 57.05 -18.33
N ASN K 127 3.67 55.86 -18.76
CA ASN K 127 4.15 55.32 -20.04
C ASN K 127 3.71 56.14 -21.25
N ALA K 128 2.52 56.74 -21.16
CA ALA K 128 2.02 57.57 -22.26
C ALA K 128 2.93 58.77 -22.43
N ALA K 129 3.33 59.37 -21.31
CA ALA K 129 4.23 60.52 -21.32
C ALA K 129 5.58 60.14 -21.93
N ILE K 130 6.13 59.02 -21.47
CA ILE K 130 7.43 58.56 -21.97
C ILE K 130 7.36 58.21 -23.46
N LEU K 131 6.24 57.63 -23.87
CA LEU K 131 6.05 57.27 -25.28
C LEU K 131 5.92 58.53 -26.14
N ALA K 132 5.20 59.51 -25.64
CA ALA K 132 5.13 60.81 -26.31
C ALA K 132 6.55 61.34 -26.47
N ALA K 133 7.31 61.28 -25.38
CA ALA K 133 8.70 61.73 -25.37
C ALA K 133 9.54 60.99 -26.40
N GLN K 134 9.37 59.67 -26.48
CA GLN K 134 10.15 58.85 -27.39
C GLN K 134 9.84 59.18 -28.85
N ILE K 135 8.61 59.57 -29.11
CA ILE K 135 8.21 59.95 -30.46
C ILE K 135 8.85 61.29 -30.82
N ILE K 136 8.77 62.24 -29.88
CA ILE K 136 9.34 63.56 -30.08
C ILE K 136 10.86 63.52 -30.19
N ALA K 137 11.48 62.63 -29.43
CA ALA K 137 12.94 62.50 -29.42
C ALA K 137 13.49 62.09 -30.78
N LEU K 138 12.63 61.54 -31.63
CA LEU K 138 13.04 61.18 -32.98
C LEU K 138 13.53 62.41 -33.75
N GLN K 139 13.21 63.59 -33.22
CA GLN K 139 13.58 64.83 -33.87
C GLN K 139 14.14 65.86 -32.88
N ASP K 140 14.55 65.38 -31.71
CA ASP K 140 15.14 66.23 -30.68
C ASP K 140 16.05 65.41 -29.77
N LYS K 141 17.34 65.36 -30.09
CA LYS K 141 18.30 64.56 -29.34
C LYS K 141 18.48 65.04 -27.90
N SER K 142 18.07 66.27 -27.61
CA SER K 142 18.14 66.79 -26.26
C SER K 142 17.13 66.07 -25.36
N ILE K 143 15.98 65.70 -25.93
CA ILE K 143 15.02 64.86 -25.24
C ILE K 143 15.56 63.43 -25.20
N ALA K 144 16.07 62.97 -26.34
CA ALA K 144 16.67 61.65 -26.43
C ALA K 144 17.70 61.45 -25.32
N GLN K 145 18.48 62.50 -25.05
CA GLN K 145 19.53 62.42 -24.03
C GLN K 145 18.95 62.32 -22.61
N LYS K 146 17.90 63.08 -22.35
CA LYS K 146 17.23 63.03 -21.06
C LYS K 146 16.65 61.64 -20.79
N LEU K 147 16.03 61.07 -21.81
CA LEU K 147 15.41 59.75 -21.71
C LEU K 147 16.44 58.71 -21.33
N VAL K 148 17.65 58.83 -21.87
CA VAL K 148 18.71 57.89 -21.55
C VAL K 148 19.18 58.07 -20.10
N GLN K 149 19.42 59.31 -19.69
CA GLN K 149 19.82 59.56 -18.32
C GLN K 149 18.73 59.13 -17.34
N GLN K 150 17.48 59.20 -17.79
CA GLN K 150 16.36 58.78 -16.94
C GLN K 150 16.40 57.28 -16.64
N ARG K 151 16.76 56.47 -17.64
CA ARG K 151 16.91 55.03 -17.42
C ARG K 151 18.09 54.71 -16.52
N THR K 152 19.19 55.42 -16.73
CA THR K 152 20.36 55.26 -15.88
C THR K 152 19.99 55.46 -14.41
N ALA K 153 19.22 56.52 -14.15
CA ALA K 153 18.83 56.85 -12.79
C ALA K 153 17.99 55.76 -12.12
N LYS K 154 17.01 55.23 -12.86
CA LYS K 154 16.15 54.17 -12.32
C LYS K 154 16.96 52.90 -12.05
N ARG K 155 17.96 52.63 -12.89
CA ARG K 155 18.84 51.50 -12.65
C ARG K 155 19.62 51.67 -11.35
N GLU K 156 20.11 52.87 -11.10
CA GLU K 156 20.80 53.15 -9.85
C GLU K 156 19.85 53.01 -8.67
N THR K 157 18.62 53.44 -8.87
CA THR K 157 17.57 53.28 -7.87
C THR K 157 17.37 51.81 -7.52
N LEU K 158 17.27 50.97 -8.54
CA LEU K 158 17.07 49.54 -8.32
C LEU K 158 18.29 48.90 -7.66
N LYS K 159 19.48 49.37 -8.02
CA LYS K 159 20.71 48.82 -7.45
C LYS K 159 20.77 49.08 -5.96
N LYS K 160 20.43 50.30 -5.58
CA LYS K 160 20.38 50.69 -4.18
C LYS K 160 19.35 49.86 -3.41
N ALA K 161 18.22 49.60 -4.07
CA ALA K 161 17.16 48.81 -3.46
C ALA K 161 17.62 47.38 -3.24
N ASP K 162 18.38 46.85 -4.21
CA ASP K 162 18.94 45.52 -4.07
C ASP K 162 19.99 45.49 -2.98
N GLU K 163 20.75 46.58 -2.87
CA GLU K 163 21.76 46.70 -1.82
C GLU K 163 21.11 46.68 -0.44
N ASN K 164 20.01 47.41 -0.29
CA ASN K 164 19.26 47.40 0.96
C ASN K 164 18.71 46.00 1.29
N LEU K 165 18.26 45.29 0.26
CA LEU K 165 17.80 43.91 0.46
C LEU K 165 18.92 43.05 1.03
N GLN K 166 20.12 43.18 0.45
CA GLN K 166 21.24 42.36 0.89
C GLN K 166 21.51 42.45 2.39
N THR K 167 21.47 43.66 2.95
CA THR K 167 21.76 43.85 4.38
C THR K 167 20.77 43.12 5.29
N GLN K 168 19.54 42.93 4.80
CA GLN K 168 18.49 42.29 5.60
C GLN K 168 18.42 40.77 5.44
N LEU K 169 19.25 40.22 4.56
CA LEU K 169 19.14 38.79 4.26
C LEU K 169 19.94 37.91 5.23
N ILE L 7 -29.70 -40.29 16.89
CA ILE L 7 -28.32 -40.31 17.35
C ILE L 7 -27.38 -40.86 16.28
N PHE L 8 -26.33 -40.09 15.98
CA PHE L 8 -25.39 -40.49 14.94
C PHE L 8 -23.99 -39.97 15.21
N VAL L 9 -23.01 -40.54 14.50
CA VAL L 9 -21.62 -40.11 14.58
C VAL L 9 -21.26 -39.30 13.34
N ALA L 10 -20.68 -38.12 13.55
CA ALA L 10 -20.27 -37.28 12.42
C ALA L 10 -18.77 -37.35 12.23
N ILE L 11 -18.36 -37.67 11.01
CA ILE L 11 -16.95 -37.84 10.68
C ILE L 11 -16.48 -36.76 9.69
N LEU L 12 -15.46 -35.99 10.09
CA LEU L 12 -14.91 -34.95 9.23
C LEU L 12 -13.46 -35.22 8.83
N GLY L 14 -10.19 -33.37 6.21
CA GLY L 14 -9.80 -32.15 5.55
C GLY L 14 -9.45 -32.28 4.07
N SER L 15 -9.21 -33.51 3.62
CA SER L 15 -8.88 -33.74 2.22
C SER L 15 -9.38 -35.10 1.75
N ASP L 16 -9.71 -35.21 0.47
CA ASP L 16 -10.21 -36.48 -0.05
C ASP L 16 -9.13 -37.56 0.01
N SER L 17 -7.91 -37.16 0.34
CA SER L 17 -6.80 -38.10 0.47
C SER L 17 -6.90 -38.91 1.76
N ASP L 18 -7.55 -38.34 2.78
CA ASP L 18 -7.71 -39.02 4.05
C ASP L 18 -8.69 -40.19 3.94
N LEU L 19 -9.49 -40.19 2.88
CA LEU L 19 -10.45 -41.26 2.63
C LEU L 19 -9.81 -42.64 2.73
N SER L 20 -8.67 -42.80 2.05
CA SER L 20 -7.94 -44.05 2.06
C SER L 20 -7.88 -44.65 3.46
N THR L 21 -7.70 -43.78 4.46
CA THR L 21 -7.56 -44.23 5.84
C THR L 21 -8.89 -44.36 6.55
N GLU L 23 -11.86 -45.04 5.47
CA GLU L 23 -12.74 -46.12 5.04
C GLU L 23 -12.83 -47.13 6.18
N THR L 24 -11.71 -47.29 6.89
CA THR L 24 -11.60 -48.26 7.97
C THR L 24 -12.52 -47.93 9.14
N ALA L 25 -12.80 -46.65 9.32
CA ALA L 25 -13.74 -46.21 10.34
C ALA L 25 -15.18 -46.41 9.86
N PHE L 26 -15.41 -46.12 8.58
CA PHE L 26 -16.70 -46.36 7.95
C PHE L 26 -17.11 -47.81 8.14
N THR L 27 -16.23 -48.70 7.67
CA THR L 27 -16.45 -50.12 7.74
C THR L 27 -16.82 -50.57 9.15
N GLU L 28 -16.06 -50.11 10.14
CA GLU L 28 -16.29 -50.46 11.54
C GLU L 28 -17.68 -50.07 12.03
N LEU L 29 -18.13 -48.86 11.69
CA LEU L 29 -19.42 -48.35 12.15
C LEU L 29 -20.61 -49.03 11.46
N LYS L 30 -20.45 -49.34 10.18
CA LYS L 30 -21.48 -50.08 9.46
C LYS L 30 -21.71 -51.42 10.16
N SER L 31 -20.62 -52.10 10.50
CA SER L 31 -20.68 -53.42 11.12
C SER L 31 -21.22 -53.38 12.54
N LEU L 32 -21.30 -52.19 13.11
CA LEU L 32 -21.79 -52.03 14.48
C LEU L 32 -23.22 -51.54 14.49
N GLY L 33 -23.76 -51.29 13.30
CA GLY L 33 -25.11 -50.75 13.19
C GLY L 33 -25.19 -49.34 13.74
N ILE L 34 -24.15 -48.55 13.47
CA ILE L 34 -24.15 -47.14 13.83
C ILE L 34 -24.13 -46.29 12.58
N PRO L 35 -25.15 -45.43 12.43
CA PRO L 35 -25.27 -44.54 11.27
C PRO L 35 -24.30 -43.39 11.41
N PHE L 36 -23.86 -42.84 10.29
CA PHE L 36 -22.93 -41.74 10.33
C PHE L 36 -23.02 -40.81 9.13
N GLU L 37 -22.55 -39.59 9.34
CA GLU L 37 -22.39 -38.65 8.25
C GLU L 37 -20.90 -38.41 8.10
N ALA L 38 -20.45 -38.28 6.86
CA ALA L 38 -19.06 -38.00 6.58
C ALA L 38 -19.00 -36.84 5.62
N HIS L 39 -18.03 -35.96 5.82
CA HIS L 39 -17.88 -34.80 4.95
C HIS L 39 -16.42 -34.43 4.78
N ILE L 40 -16.07 -33.96 3.59
CA ILE L 40 -14.81 -33.28 3.40
C ILE L 40 -15.01 -31.85 3.87
N LEU L 41 -14.35 -31.49 4.96
CA LEU L 41 -14.43 -30.14 5.49
C LEU L 41 -13.07 -29.79 6.08
N SER L 42 -12.58 -28.59 5.76
CA SER L 42 -11.24 -28.19 6.17
C SER L 42 -11.26 -27.01 7.15
N ALA L 43 -10.51 -27.15 8.24
CA ALA L 43 -10.36 -26.06 9.19
C ALA L 43 -9.72 -24.84 8.52
N HIS L 44 -8.83 -25.10 7.56
CA HIS L 44 -8.04 -24.03 6.94
C HIS L 44 -8.66 -23.48 5.65
N ARG L 45 -9.37 -24.32 4.91
CA ARG L 45 -9.83 -23.94 3.57
C ARG L 45 -11.32 -23.59 3.51
N THR L 46 -12.12 -24.21 4.38
CA THR L 46 -13.54 -23.92 4.46
C THR L 46 -13.94 -23.74 5.92
N PRO L 47 -13.36 -22.72 6.58
CA PRO L 47 -13.57 -22.49 8.01
C PRO L 47 -15.04 -22.24 8.37
N LYS L 48 -15.70 -21.37 7.62
CA LYS L 48 -17.10 -21.05 7.89
C LYS L 48 -17.96 -22.31 7.75
N GLU L 49 -17.76 -23.07 6.67
CA GLU L 49 -18.57 -24.24 6.42
C GLU L 49 -18.32 -25.34 7.45
N THR L 50 -17.09 -25.46 7.92
CA THR L 50 -16.79 -26.41 8.99
C THR L 50 -17.59 -26.07 10.24
N VAL L 51 -17.57 -24.79 10.64
CA VAL L 51 -18.25 -24.38 11.85
C VAL L 51 -19.77 -24.49 11.74
N GLU L 52 -20.31 -24.14 10.57
CA GLU L 52 -21.76 -24.27 10.37
C GLU L 52 -22.20 -25.72 10.53
N PHE L 53 -21.52 -26.63 9.84
CA PHE L 53 -21.88 -28.04 9.92
C PHE L 53 -21.77 -28.59 11.34
N VAL L 54 -20.71 -28.21 12.05
CA VAL L 54 -20.50 -28.70 13.41
C VAL L 54 -21.63 -28.31 14.34
N GLU L 55 -22.05 -27.06 14.25
CA GLU L 55 -23.15 -26.58 15.08
C GLU L 55 -24.47 -27.20 14.64
N ASN L 56 -24.65 -27.36 13.33
CA ASN L 56 -25.82 -28.01 12.79
C ASN L 56 -25.96 -29.48 13.24
N ALA L 57 -24.88 -30.24 13.08
CA ALA L 57 -24.88 -31.65 13.43
C ALA L 57 -25.09 -31.89 14.93
N ASP L 58 -24.58 -30.95 15.74
CA ASP L 58 -24.71 -31.04 17.18
C ASP L 58 -26.18 -30.89 17.59
N ASN L 59 -26.85 -29.92 17.00
CA ASN L 59 -28.26 -29.65 17.30
C ASN L 59 -29.18 -30.76 16.80
N ARG L 60 -28.80 -31.41 15.71
CA ARG L 60 -29.60 -32.49 15.15
C ARG L 60 -29.31 -33.82 15.82
N GLY L 61 -28.57 -33.77 16.92
CA GLY L 61 -28.38 -34.95 17.74
C GLY L 61 -27.11 -35.77 17.50
N CYS L 62 -26.05 -35.13 17.02
CA CYS L 62 -24.78 -35.82 16.87
C CYS L 62 -24.27 -36.20 18.25
N ALA L 63 -23.89 -37.46 18.41
CA ALA L 63 -23.40 -37.94 19.69
C ALA L 63 -21.89 -37.75 19.81
N VAL L 64 -21.19 -38.07 18.73
CA VAL L 64 -19.73 -38.05 18.71
C VAL L 64 -19.17 -37.50 17.40
N PHE L 65 -18.19 -36.61 17.51
CA PHE L 65 -17.47 -36.16 16.32
C PHE L 65 -16.16 -36.91 16.19
N ILE L 66 -15.79 -37.25 14.97
CA ILE L 66 -14.50 -37.86 14.68
C ILE L 66 -13.80 -37.04 13.60
N ALA L 67 -12.59 -36.59 13.89
CA ALA L 67 -11.84 -35.77 12.95
C ALA L 67 -10.53 -36.44 12.52
N ALA L 68 -10.32 -36.51 11.22
CA ALA L 68 -9.09 -37.05 10.68
C ALA L 68 -8.31 -35.96 9.97
N ALA L 69 -7.01 -35.87 10.24
CA ALA L 69 -6.16 -34.88 9.59
C ALA L 69 -4.67 -35.10 9.90
N GLY L 70 -3.81 -34.70 8.95
CA GLY L 70 -2.39 -34.88 9.09
C GLY L 70 -1.60 -33.59 9.12
N LEU L 71 -0.27 -33.71 9.20
CA LEU L 71 0.63 -32.56 9.24
C LEU L 71 0.28 -31.63 10.39
N ALA L 72 0.01 -30.36 10.10
CA ALA L 72 -0.47 -29.46 11.13
C ALA L 72 -1.97 -29.67 11.31
N ALA L 73 -2.33 -30.63 12.15
CA ALA L 73 -3.73 -31.04 12.32
C ALA L 73 -4.47 -30.11 13.26
N HIS L 74 -5.41 -29.35 12.70
CA HIS L 74 -6.20 -28.39 13.48
C HIS L 74 -7.69 -28.68 13.39
N LEU L 75 -8.07 -29.75 12.70
CA LEU L 75 -9.48 -30.07 12.50
C LEU L 75 -10.19 -30.40 13.81
N ALA L 76 -9.59 -31.28 14.60
CA ALA L 76 -10.17 -31.71 15.87
C ALA L 76 -10.34 -30.55 16.85
N GLY L 77 -9.32 -29.69 16.93
CA GLY L 77 -9.34 -28.56 17.83
C GLY L 77 -10.41 -27.55 17.48
N THR L 78 -10.57 -27.32 16.18
CA THR L 78 -11.60 -26.39 15.70
C THR L 78 -12.99 -26.90 16.02
N ILE L 79 -13.22 -28.19 15.80
CA ILE L 79 -14.51 -28.80 16.13
C ILE L 79 -14.76 -28.69 17.63
N ALA L 80 -13.81 -29.18 18.42
CA ALA L 80 -13.91 -29.15 19.87
C ALA L 80 -14.26 -27.76 20.39
N ALA L 81 -13.75 -26.73 19.73
CA ALA L 81 -13.96 -25.35 20.17
C ALA L 81 -15.40 -24.89 19.94
N HIS L 82 -16.15 -25.64 19.15
CA HIS L 82 -17.50 -25.21 18.76
C HIS L 82 -18.61 -26.16 19.16
N THR L 83 -18.31 -27.10 20.05
CA THR L 83 -19.30 -28.03 20.57
C THR L 83 -18.82 -28.63 21.88
N LEU L 84 -19.75 -29.14 22.67
CA LEU L 84 -19.40 -29.81 23.91
C LEU L 84 -19.60 -31.32 23.80
N LYS L 85 -19.98 -31.77 22.62
CA LYS L 85 -19.99 -33.19 22.31
C LYS L 85 -18.55 -33.67 22.30
N PRO L 86 -18.33 -34.94 22.66
CA PRO L 86 -16.96 -35.49 22.63
C PRO L 86 -16.41 -35.46 21.22
N VAL L 87 -15.16 -35.04 21.08
CA VAL L 87 -14.49 -35.02 19.78
C VAL L 87 -13.29 -35.97 19.79
N ILE L 88 -13.24 -36.85 18.81
CA ILE L 88 -12.12 -37.77 18.69
C ILE L 88 -11.21 -37.35 17.53
N GLY L 89 -9.91 -37.24 17.81
CA GLY L 89 -8.95 -36.82 16.81
C GLY L 89 -8.16 -37.98 16.26
N VAL L 90 -8.10 -38.09 14.94
CA VAL L 90 -7.32 -39.13 14.29
C VAL L 90 -6.18 -38.53 13.49
N PRO L 91 -4.95 -38.76 13.94
CA PRO L 91 -3.70 -38.30 13.33
C PRO L 91 -3.28 -39.15 12.13
N ALA L 93 -0.84 -40.42 9.04
CA ALA L 93 0.57 -40.79 9.12
C ALA L 93 1.41 -40.27 7.96
N GLY L 94 0.77 -39.62 7.00
CA GLY L 94 1.48 -39.11 5.85
C GLY L 94 2.56 -38.09 6.20
N GLY L 95 3.22 -37.56 5.18
CA GLY L 95 4.26 -36.58 5.39
C GLY L 95 5.58 -37.19 5.81
N SER L 96 6.67 -36.49 5.50
CA SER L 96 8.01 -36.96 5.81
C SER L 96 8.22 -37.24 7.29
N LEU L 97 7.29 -36.78 8.12
CA LEU L 97 7.46 -36.83 9.58
C LEU L 97 6.84 -38.05 10.26
N GLY L 98 6.10 -38.86 9.51
CA GLY L 98 5.55 -40.10 10.02
C GLY L 98 4.33 -39.95 10.91
N GLY L 99 3.72 -38.77 10.87
CA GLY L 99 2.52 -38.51 11.66
C GLY L 99 2.82 -38.08 13.08
N LEU L 100 4.10 -37.97 13.43
CA LEU L 100 4.50 -37.51 14.75
C LEU L 100 3.95 -36.11 14.98
N ASP L 101 4.10 -35.26 13.99
CA ASP L 101 3.58 -33.90 14.03
C ASP L 101 2.08 -33.89 14.26
N ALA L 102 1.33 -34.53 13.37
CA ALA L 102 -0.12 -34.58 13.48
C ALA L 102 -0.55 -35.06 14.86
N LEU L 103 0.18 -36.04 15.39
CA LEU L 103 -0.12 -36.58 16.71
C LEU L 103 -0.01 -35.52 17.80
N LEU L 104 1.14 -34.85 17.85
CA LEU L 104 1.36 -33.80 18.84
C LEU L 104 0.37 -32.66 18.67
N SER L 105 0.07 -32.32 17.42
CA SER L 105 -0.82 -31.21 17.13
C SER L 105 -2.28 -31.51 17.47
N THR L 106 -2.59 -32.80 17.60
CA THR L 106 -3.95 -33.22 17.96
C THR L 106 -4.13 -33.28 19.47
N VAL L 107 -3.14 -33.86 20.15
CA VAL L 107 -3.27 -34.22 21.55
C VAL L 107 -2.97 -33.09 22.55
N GLN L 108 -2.01 -32.24 22.21
CA GLN L 108 -1.55 -31.20 23.14
C GLN L 108 -2.54 -30.05 23.30
N PRO L 110 -5.06 -27.43 25.15
CA PRO L 110 -4.97 -26.78 26.46
C PRO L 110 -6.05 -27.30 27.38
N GLY L 111 -5.90 -27.08 28.68
CA GLY L 111 -6.89 -27.53 29.64
C GLY L 111 -8.21 -26.79 29.51
N GLY L 112 -9.28 -27.52 29.27
CA GLY L 112 -10.61 -26.92 29.18
C GLY L 112 -11.34 -27.24 27.90
N VAL L 113 -10.59 -27.53 26.84
CA VAL L 113 -11.18 -27.90 25.56
C VAL L 113 -10.53 -29.17 25.04
N PRO L 114 -10.94 -30.32 25.60
CA PRO L 114 -10.30 -31.60 25.28
C PRO L 114 -10.66 -32.18 23.91
N VAL L 115 -9.72 -32.92 23.35
CA VAL L 115 -9.93 -33.76 22.17
C VAL L 115 -9.40 -35.14 22.54
N ALA L 116 -10.16 -36.18 22.22
CA ALA L 116 -9.71 -37.54 22.49
C ALA L 116 -8.90 -38.03 21.31
N CYS L 117 -7.62 -38.31 21.55
CA CYS L 117 -6.71 -38.70 20.47
C CYS L 117 -6.44 -40.20 20.42
N THR L 118 -6.46 -40.76 19.21
CA THR L 118 -6.21 -42.18 19.02
C THR L 118 -4.92 -42.41 18.26
N ALA L 119 -4.61 -43.68 18.02
CA ALA L 119 -3.38 -44.07 17.35
C ALA L 119 -3.21 -43.41 15.98
N ILE L 120 -1.98 -43.41 15.49
CA ILE L 120 -1.69 -42.94 14.16
C ILE L 120 -2.23 -43.92 13.11
N GLY L 121 -2.85 -43.40 12.07
CA GLY L 121 -3.19 -44.19 10.90
C GLY L 121 -4.44 -45.05 11.00
N LYS L 122 -4.43 -46.17 10.27
CA LYS L 122 -5.60 -47.04 10.17
C LYS L 122 -5.94 -47.67 11.51
N ALA L 123 -4.93 -47.90 12.34
CA ALA L 123 -5.17 -48.36 13.70
C ALA L 123 -6.09 -47.37 14.41
N GLY L 124 -5.80 -46.09 14.26
CA GLY L 124 -6.58 -45.05 14.91
C GLY L 124 -7.97 -44.88 14.32
N ALA L 125 -8.09 -45.08 13.01
CA ALA L 125 -9.38 -44.98 12.34
C ALA L 125 -10.35 -46.03 12.90
N LYS L 126 -9.86 -47.24 13.06
CA LYS L 126 -10.67 -48.30 13.64
C LYS L 126 -11.05 -47.96 15.08
N ASN L 127 -10.05 -47.57 15.87
CA ASN L 127 -10.28 -47.26 17.29
C ASN L 127 -11.18 -46.06 17.52
N ALA L 128 -11.16 -45.10 16.60
CA ALA L 128 -12.07 -43.97 16.66
C ALA L 128 -13.51 -44.49 16.53
N ALA L 129 -13.71 -45.35 15.54
CA ALA L 129 -15.03 -45.95 15.31
C ALA L 129 -15.49 -46.72 16.53
N ILE L 130 -14.61 -47.57 17.06
CA ILE L 130 -14.92 -48.35 18.26
C ILE L 130 -15.20 -47.46 19.46
N LEU L 131 -14.28 -46.54 19.73
CA LEU L 131 -14.40 -45.63 20.87
C LEU L 131 -15.73 -44.89 20.81
N ALA L 132 -16.11 -44.44 19.62
CA ALA L 132 -17.38 -43.76 19.44
C ALA L 132 -18.53 -44.68 19.87
N ALA L 133 -18.42 -45.96 19.53
CA ALA L 133 -19.44 -46.93 19.89
C ALA L 133 -19.53 -47.11 21.40
N GLN L 134 -18.37 -47.16 22.05
CA GLN L 134 -18.33 -47.36 23.50
C GLN L 134 -19.01 -46.22 24.25
N ILE L 135 -18.89 -45.01 23.71
CA ILE L 135 -19.55 -43.86 24.31
C ILE L 135 -21.06 -43.97 24.11
N ILE L 136 -21.46 -44.46 22.94
CA ILE L 136 -22.88 -44.58 22.61
C ILE L 136 -23.54 -45.78 23.31
N ALA L 137 -22.74 -46.78 23.65
CA ALA L 137 -23.27 -48.00 24.29
C ALA L 137 -23.63 -47.78 25.76
N LEU L 138 -23.33 -46.59 26.28
CA LEU L 138 -23.75 -46.24 27.63
C LEU L 138 -25.24 -45.89 27.64
N GLN L 139 -25.82 -45.75 26.45
CA GLN L 139 -27.27 -45.54 26.35
C GLN L 139 -27.97 -46.44 25.32
N ASP L 140 -27.21 -47.32 24.68
CA ASP L 140 -27.79 -48.28 23.74
C ASP L 140 -27.25 -49.69 23.98
N LYS L 141 -28.08 -50.52 24.62
CA LYS L 141 -27.65 -51.87 24.99
C LYS L 141 -27.37 -52.78 23.80
N SER L 142 -28.00 -52.51 22.67
CA SER L 142 -27.75 -53.28 21.46
C SER L 142 -26.30 -53.14 21.00
N ILE L 143 -25.78 -51.92 21.10
CA ILE L 143 -24.39 -51.67 20.70
C ILE L 143 -23.42 -52.30 21.68
N ALA L 144 -23.68 -52.10 22.97
CA ALA L 144 -22.86 -52.70 24.00
C ALA L 144 -22.68 -54.20 23.73
N GLN L 145 -23.76 -54.83 23.29
CA GLN L 145 -23.77 -56.27 23.03
C GLN L 145 -22.97 -56.63 21.78
N LYS L 146 -23.08 -55.79 20.75
CA LYS L 146 -22.34 -56.04 19.52
C LYS L 146 -20.84 -55.86 19.75
N LEU L 147 -20.49 -54.92 20.63
CA LEU L 147 -19.09 -54.69 20.97
C LEU L 147 -18.46 -55.93 21.61
N VAL L 148 -19.18 -56.55 22.53
CA VAL L 148 -18.66 -57.71 23.26
C VAL L 148 -18.44 -58.90 22.33
N GLN L 149 -19.26 -59.00 21.29
CA GLN L 149 -19.12 -60.10 20.34
C GLN L 149 -18.02 -59.82 19.32
N GLN L 150 -17.70 -58.54 19.12
CA GLN L 150 -16.55 -58.17 18.30
C GLN L 150 -15.28 -58.67 18.98
N ARG L 151 -15.14 -58.36 20.27
CA ARG L 151 -13.98 -58.80 21.04
C ARG L 151 -13.93 -60.32 21.21
N THR L 152 -15.09 -60.93 21.41
CA THR L 152 -15.16 -62.38 21.51
C THR L 152 -14.70 -63.00 20.19
N ALA L 153 -15.25 -62.51 19.08
CA ALA L 153 -14.86 -63.00 17.75
C ALA L 153 -13.37 -62.83 17.49
N LYS L 154 -12.85 -61.64 17.72
CA LYS L 154 -11.43 -61.38 17.45
C LYS L 154 -10.50 -62.26 18.30
N ARG L 155 -10.95 -62.63 19.50
CA ARG L 155 -10.16 -63.54 20.33
C ARG L 155 -10.11 -64.91 19.68
N GLU L 156 -11.21 -65.29 19.03
CA GLU L 156 -11.27 -66.57 18.31
C GLU L 156 -10.31 -66.55 17.12
N THR L 157 -10.27 -65.43 16.42
CA THR L 157 -9.33 -65.25 15.32
C THR L 157 -7.90 -65.55 15.76
N LEU L 158 -7.46 -64.85 16.80
CA LEU L 158 -6.09 -64.99 17.30
C LEU L 158 -5.77 -66.42 17.69
N LYS L 159 -6.71 -67.07 18.38
CA LYS L 159 -6.54 -68.46 18.78
C LYS L 159 -6.41 -69.34 17.54
N LYS L 160 -7.15 -68.96 16.50
CA LYS L 160 -7.12 -69.67 15.23
C LYS L 160 -5.76 -69.58 14.57
N ALA L 161 -5.18 -68.39 14.56
CA ALA L 161 -3.86 -68.17 14.00
C ALA L 161 -2.80 -68.85 14.86
N ASP L 162 -3.05 -68.85 16.17
CA ASP L 162 -2.12 -69.46 17.12
C ASP L 162 -2.14 -70.97 17.01
N GLU L 163 -3.34 -71.54 16.87
CA GLU L 163 -3.46 -72.97 16.62
C GLU L 163 -2.77 -73.29 15.30
N ASN L 164 -2.85 -72.36 14.36
CA ASN L 164 -2.20 -72.48 13.07
C ASN L 164 -0.68 -72.37 13.17
N LEU L 165 -0.18 -71.73 14.22
CA LEU L 165 1.25 -71.59 14.42
C LEU L 165 1.89 -72.90 14.87
N GLN L 166 1.18 -73.63 15.73
CA GLN L 166 1.70 -74.88 16.28
C GLN L 166 2.05 -75.89 15.20
N THR L 167 1.24 -75.93 14.14
CA THR L 167 1.47 -76.86 13.05
C THR L 167 2.76 -76.53 12.31
N GLN L 168 3.07 -75.24 12.25
CA GLN L 168 4.28 -74.79 11.58
C GLN L 168 5.49 -74.87 12.50
N LEU L 169 5.24 -75.02 13.80
CA LEU L 169 6.32 -75.14 14.78
C LEU L 169 6.80 -76.58 14.89
N LYS M 6 54.60 -44.83 3.71
CA LYS M 6 54.14 -43.50 3.36
C LYS M 6 52.69 -43.29 3.76
N ILE M 7 52.27 -42.03 3.76
CA ILE M 7 50.93 -41.65 4.19
C ILE M 7 49.83 -42.32 3.39
N PHE M 8 48.92 -42.98 4.10
CA PHE M 8 47.70 -43.49 3.50
C PHE M 8 46.53 -43.28 4.46
N VAL M 9 45.33 -43.58 3.99
CA VAL M 9 44.13 -43.48 4.80
C VAL M 9 43.62 -44.89 5.06
N ALA M 10 43.28 -45.19 6.31
CA ALA M 10 42.75 -46.51 6.65
C ALA M 10 41.24 -46.44 6.82
N ILE M 11 40.52 -47.26 6.07
CA ILE M 11 39.08 -47.30 6.16
C ILE M 11 38.57 -48.62 6.72
N LEU M 12 37.79 -48.53 7.80
CA LEU M 12 37.18 -49.70 8.42
C LEU M 12 35.66 -49.58 8.39
N GLY M 14 32.10 -52.03 9.73
CA GLY M 14 31.71 -53.19 10.51
C GLY M 14 31.10 -54.30 9.68
N SER M 15 30.69 -53.98 8.46
CA SER M 15 29.95 -54.93 7.63
C SER M 15 30.10 -54.65 6.13
N ASP M 16 29.91 -55.69 5.32
CA ASP M 16 30.01 -55.54 3.87
C ASP M 16 28.83 -54.76 3.31
N SER M 17 27.72 -54.76 4.04
CA SER M 17 26.54 -54.01 3.62
C SER M 17 26.80 -52.50 3.74
N ASP M 18 27.99 -52.15 4.21
CA ASP M 18 28.38 -50.75 4.33
C ASP M 18 29.13 -50.30 3.09
N LEU M 19 29.27 -51.20 2.11
CA LEU M 19 30.00 -50.88 0.88
C LEU M 19 29.22 -49.94 -0.02
N SER M 20 27.92 -50.20 -0.17
CA SER M 20 27.07 -49.32 -0.96
C SER M 20 27.46 -47.88 -0.70
N THR M 21 27.55 -47.53 0.58
CA THR M 21 27.84 -46.17 1.00
C THR M 21 29.32 -45.82 0.86
N GLU M 23 31.69 -46.91 -0.94
CA GLU M 23 32.25 -46.84 -2.28
C GLU M 23 32.56 -45.38 -2.61
N THR M 24 31.60 -44.53 -2.32
CA THR M 24 31.70 -43.09 -2.56
C THR M 24 33.01 -42.54 -1.99
N ALA M 25 33.47 -43.15 -0.90
CA ALA M 25 34.72 -42.75 -0.26
C ALA M 25 35.92 -43.23 -1.04
N PHE M 26 35.88 -44.49 -1.48
CA PHE M 26 36.97 -45.05 -2.28
C PHE M 26 37.20 -44.18 -3.51
N THR M 27 36.10 -43.82 -4.17
CA THR M 27 36.15 -43.02 -5.39
C THR M 27 36.82 -41.66 -5.17
N GLU M 28 36.34 -40.91 -4.19
CA GLU M 28 36.92 -39.59 -3.91
C GLU M 28 38.43 -39.68 -3.66
N LEU M 29 38.84 -40.69 -2.89
CA LEU M 29 40.26 -40.88 -2.62
C LEU M 29 41.04 -41.27 -3.88
N LYS M 30 40.46 -42.15 -4.70
CA LYS M 30 41.01 -42.48 -6.00
C LYS M 30 41.15 -41.20 -6.79
N SER M 31 40.04 -40.48 -6.93
CA SER M 31 40.00 -39.27 -7.73
C SER M 31 41.08 -38.29 -7.32
N LEU M 32 41.56 -38.44 -6.09
CA LEU M 32 42.53 -37.50 -5.52
C LEU M 32 43.95 -38.04 -5.45
N GLY M 33 44.14 -39.31 -5.82
CA GLY M 33 45.46 -39.89 -5.82
C GLY M 33 45.98 -40.12 -4.42
N ILE M 34 45.07 -40.31 -3.48
CA ILE M 34 45.41 -40.61 -2.10
C ILE M 34 45.29 -42.09 -1.84
N PRO M 35 46.41 -42.75 -1.53
CA PRO M 35 46.35 -44.20 -1.27
C PRO M 35 45.58 -44.53 0.01
N PHE M 36 44.92 -45.67 0.03
CA PHE M 36 44.12 -46.06 1.17
C PHE M 36 44.03 -47.57 1.31
N GLU M 37 43.63 -48.01 2.49
CA GLU M 37 43.35 -49.42 2.74
C GLU M 37 41.96 -49.53 3.36
N ALA M 38 41.27 -50.63 3.08
CA ALA M 38 39.90 -50.81 3.56
C ALA M 38 39.75 -52.19 4.17
N HIS M 39 38.97 -52.30 5.23
CA HIS M 39 38.79 -53.58 5.90
C HIS M 39 37.40 -53.71 6.52
N ILE M 40 36.88 -54.94 6.51
CA ILE M 40 35.71 -55.27 7.29
C ILE M 40 36.18 -55.71 8.67
N LEU M 41 36.02 -54.82 9.64
CA LEU M 41 36.43 -55.10 11.00
C LEU M 41 35.37 -54.54 11.96
N SER M 42 34.83 -55.43 12.78
CA SER M 42 33.78 -55.05 13.71
C SER M 42 34.36 -54.87 15.11
N ALA M 43 33.94 -53.80 15.79
CA ALA M 43 34.34 -53.59 17.17
C ALA M 43 33.66 -54.64 18.03
N HIS M 44 32.46 -55.04 17.62
CA HIS M 44 31.63 -55.97 18.39
C HIS M 44 32.00 -57.44 18.12
N ARG M 45 32.15 -57.79 16.85
CA ARG M 45 32.39 -59.19 16.47
C ARG M 45 33.87 -59.54 16.37
N THR M 46 34.69 -58.56 15.99
CA THR M 46 36.13 -58.81 15.82
C THR M 46 37.01 -57.80 16.56
N PRO M 47 36.70 -57.55 17.85
CA PRO M 47 37.37 -56.46 18.59
C PRO M 47 38.89 -56.58 18.63
N LYS M 48 39.41 -57.80 18.81
CA LYS M 48 40.84 -58.00 18.90
C LYS M 48 41.55 -57.62 17.61
N GLU M 49 40.93 -57.99 16.50
CA GLU M 49 41.49 -57.78 15.18
C GLU M 49 41.48 -56.29 14.85
N THR M 50 40.38 -55.62 15.19
CA THR M 50 40.29 -54.19 14.97
C THR M 50 41.43 -53.48 15.66
N VAL M 51 41.68 -53.84 16.92
CA VAL M 51 42.70 -53.15 17.73
C VAL M 51 44.12 -53.34 17.19
N GLU M 52 44.43 -54.53 16.71
CA GLU M 52 45.78 -54.81 16.20
C GLU M 52 46.02 -54.03 14.91
N PHE M 53 45.07 -54.11 13.98
CA PHE M 53 45.21 -53.37 12.74
C PHE M 53 45.39 -51.88 13.02
N VAL M 54 44.50 -51.33 13.82
CA VAL M 54 44.56 -49.90 14.14
C VAL M 54 45.94 -49.49 14.64
N GLU M 55 46.48 -50.25 15.60
CA GLU M 55 47.80 -49.94 16.13
C GLU M 55 48.89 -50.20 15.09
N ASN M 56 48.72 -51.26 14.31
CA ASN M 56 49.68 -51.60 13.26
C ASN M 56 49.72 -50.55 12.15
N ALA M 57 48.55 -50.18 11.66
CA ALA M 57 48.45 -49.16 10.61
C ALA M 57 48.99 -47.82 11.12
N ASP M 58 48.71 -47.52 12.39
CA ASP M 58 49.20 -46.31 13.03
C ASP M 58 50.70 -46.15 12.81
N ASN M 59 51.45 -47.22 13.09
CA ASN M 59 52.90 -47.18 13.05
C ASN M 59 53.47 -47.35 11.65
N ARG M 60 52.63 -47.77 10.71
CA ARG M 60 53.03 -47.92 9.31
C ARG M 60 52.91 -46.61 8.55
N GLY M 61 52.30 -45.62 9.18
CA GLY M 61 52.21 -44.29 8.59
C GLY M 61 50.80 -43.76 8.36
N CYS M 62 49.80 -44.51 8.82
CA CYS M 62 48.42 -44.07 8.68
C CYS M 62 48.24 -42.65 9.23
N ALA M 63 47.68 -41.78 8.41
CA ALA M 63 47.50 -40.38 8.80
C ALA M 63 46.10 -40.14 9.36
N VAL M 64 45.13 -40.90 8.88
CA VAL M 64 43.74 -40.66 9.20
C VAL M 64 42.98 -41.98 9.16
N PHE M 65 42.10 -42.19 10.12
CA PHE M 65 41.21 -43.34 10.09
C PHE M 65 39.80 -42.89 9.74
N ILE M 66 39.16 -43.65 8.87
CA ILE M 66 37.75 -43.43 8.57
C ILE M 66 37.01 -44.69 8.96
N ALA M 67 35.96 -44.51 9.75
CA ALA M 67 35.18 -45.64 10.23
C ALA M 67 33.71 -45.44 9.89
N ALA M 68 33.05 -46.52 9.49
CA ALA M 68 31.62 -46.47 9.20
C ALA M 68 30.89 -47.54 10.01
N ALA M 69 29.74 -47.16 10.56
CA ALA M 69 28.89 -48.11 11.26
C ALA M 69 27.48 -47.53 11.40
N GLY M 70 26.50 -48.40 11.51
CA GLY M 70 25.11 -47.99 11.65
C GLY M 70 24.55 -48.29 13.04
N LEU M 71 23.31 -47.85 13.27
CA LEU M 71 22.59 -48.18 14.49
C LEU M 71 23.33 -47.71 15.74
N ALA M 72 23.92 -48.66 16.47
CA ALA M 72 24.76 -48.31 17.61
C ALA M 72 26.21 -48.24 17.16
N ALA M 73 26.56 -47.13 16.53
CA ALA M 73 27.89 -46.97 15.93
C ALA M 73 28.99 -46.88 16.98
N HIS M 74 29.71 -47.99 17.20
CA HIS M 74 30.77 -48.05 18.20
C HIS M 74 32.18 -48.13 17.60
N LEU M 75 32.28 -48.35 16.29
CA LEU M 75 33.57 -48.60 15.67
C LEU M 75 34.52 -47.41 15.79
N ALA M 76 34.06 -46.22 15.44
CA ALA M 76 34.90 -45.03 15.47
C ALA M 76 35.46 -44.78 16.87
N GLY M 77 34.59 -44.84 17.87
CA GLY M 77 34.99 -44.63 19.25
C GLY M 77 36.04 -45.64 19.70
N THR M 78 35.91 -46.87 19.22
CA THR M 78 36.87 -47.92 19.57
C THR M 78 38.22 -47.68 18.92
N ILE M 79 38.21 -47.15 17.70
CA ILE M 79 39.45 -46.80 17.03
C ILE M 79 40.11 -45.61 17.71
N ALA M 80 39.31 -44.58 18.00
CA ALA M 80 39.81 -43.36 18.62
C ALA M 80 40.46 -43.61 19.98
N ALA M 81 39.96 -44.62 20.69
CA ALA M 81 40.48 -44.95 22.01
C ALA M 81 41.86 -45.60 21.95
N HIS M 82 42.30 -45.98 20.75
CA HIS M 82 43.56 -46.69 20.59
C HIS M 82 44.60 -45.97 19.72
N THR M 83 44.26 -44.78 19.25
CA THR M 83 45.20 -44.01 18.42
C THR M 83 45.08 -42.54 18.72
N LEU M 84 46.14 -41.81 18.44
CA LEU M 84 46.12 -40.36 18.57
C LEU M 84 46.06 -39.69 17.19
N LYS M 85 45.90 -40.51 16.17
CA LYS M 85 45.68 -40.07 14.80
C LYS M 85 44.23 -39.67 14.65
N PRO M 86 43.95 -38.65 13.83
CA PRO M 86 42.58 -38.20 13.58
C PRO M 86 41.68 -39.37 13.22
N VAL M 87 40.48 -39.40 13.80
CA VAL M 87 39.50 -40.42 13.44
C VAL M 87 38.19 -39.77 12.97
N ILE M 88 37.75 -40.18 11.79
CA ILE M 88 36.51 -39.67 11.22
C ILE M 88 35.44 -40.76 11.23
N GLY M 89 34.25 -40.41 11.70
CA GLY M 89 33.16 -41.36 11.76
C GLY M 89 32.01 -41.01 10.84
N VAL M 90 31.56 -41.99 10.07
CA VAL M 90 30.42 -41.81 9.18
C VAL M 90 29.25 -42.63 9.69
N PRO M 91 28.16 -41.96 10.08
CA PRO M 91 26.95 -42.69 10.49
C PRO M 91 26.23 -43.29 9.29
N ALA M 93 23.04 -44.80 7.36
CA ALA M 93 21.64 -44.41 7.44
C ALA M 93 20.72 -45.58 7.79
N GLY M 94 21.24 -46.80 7.77
CA GLY M 94 20.44 -47.99 7.96
C GLY M 94 19.50 -47.98 9.16
N GLY M 95 18.45 -48.79 9.09
CA GLY M 95 17.51 -48.92 10.18
C GLY M 95 16.24 -48.10 10.00
N SER M 96 15.50 -47.94 11.10
CA SER M 96 14.22 -47.25 11.08
C SER M 96 14.31 -45.83 11.64
N LEU M 97 15.46 -45.49 12.19
CA LEU M 97 15.63 -44.20 12.85
C LEU M 97 16.40 -43.22 11.98
N GLY M 98 16.61 -43.61 10.72
CA GLY M 98 17.17 -42.72 9.73
C GLY M 98 18.58 -42.23 10.02
N GLY M 99 19.39 -43.08 10.65
CA GLY M 99 20.76 -42.74 10.95
C GLY M 99 20.95 -41.88 12.20
N LEU M 100 19.84 -41.40 12.77
CA LEU M 100 19.91 -40.53 13.94
C LEU M 100 20.58 -41.22 15.13
N ASP M 101 20.39 -42.53 15.25
CA ASP M 101 21.01 -43.30 16.32
C ASP M 101 22.51 -43.43 16.09
N ALA M 102 22.90 -43.71 14.86
CA ALA M 102 24.31 -43.81 14.51
C ALA M 102 25.02 -42.46 14.62
N LEU M 103 24.31 -41.40 14.29
CA LEU M 103 24.85 -40.05 14.38
C LEU M 103 25.16 -39.70 15.83
N LEU M 104 24.14 -39.71 16.67
CA LEU M 104 24.29 -39.43 18.09
C LEU M 104 25.28 -40.37 18.76
N SER M 105 25.30 -41.63 18.31
CA SER M 105 26.20 -42.63 18.86
C SER M 105 27.66 -42.39 18.44
N THR M 106 27.86 -41.65 17.36
CA THR M 106 29.21 -41.40 16.85
C THR M 106 29.78 -40.08 17.38
N VAL M 107 28.92 -39.09 17.54
CA VAL M 107 29.37 -37.71 17.72
C VAL M 107 29.39 -37.25 19.17
N GLN M 108 28.77 -38.02 20.05
CA GLN M 108 28.72 -37.65 21.46
C GLN M 108 29.85 -38.29 22.28
N PRO M 110 33.02 -38.41 24.78
CA PRO M 110 33.34 -37.67 26.01
C PRO M 110 34.57 -36.80 25.81
N GLY M 111 34.66 -35.69 26.53
CA GLY M 111 35.79 -34.80 26.43
C GLY M 111 37.11 -35.50 26.66
N GLY M 112 37.98 -35.47 25.66
CA GLY M 112 39.29 -36.08 25.77
C GLY M 112 39.60 -37.06 24.66
N VAL M 113 38.56 -37.63 24.06
CA VAL M 113 38.74 -38.60 22.97
C VAL M 113 37.85 -38.24 21.79
N PRO M 114 38.32 -37.34 20.92
CA PRO M 114 37.50 -36.86 19.80
C PRO M 114 37.35 -37.85 18.65
N VAL M 115 36.18 -37.81 18.02
CA VAL M 115 35.95 -38.39 16.70
C VAL M 115 35.34 -37.30 15.83
N ALA M 116 35.82 -37.17 14.60
CA ALA M 116 35.26 -36.19 13.67
C ALA M 116 34.07 -36.78 12.94
N CYS M 117 32.88 -36.26 13.22
CA CYS M 117 31.66 -36.81 12.64
C CYS M 117 31.23 -36.05 11.40
N THR M 118 30.83 -36.79 10.37
CA THR M 118 30.26 -36.20 9.16
C THR M 118 28.78 -36.55 9.00
N ALA M 119 28.20 -36.10 7.88
CA ALA M 119 26.78 -36.32 7.61
C ALA M 119 26.43 -37.80 7.51
N ILE M 120 25.14 -38.08 7.58
CA ILE M 120 24.66 -39.44 7.44
C ILE M 120 24.71 -39.88 5.98
N GLY M 121 25.10 -41.13 5.75
CA GLY M 121 25.01 -41.71 4.42
C GLY M 121 26.15 -41.40 3.47
N LYS M 122 25.83 -41.35 2.19
CA LYS M 122 26.81 -41.16 1.13
C LYS M 122 27.43 -39.77 1.13
N ALA M 123 26.67 -38.77 1.59
CA ALA M 123 27.18 -37.42 1.72
C ALA M 123 28.31 -37.39 2.73
N GLY M 124 28.15 -38.16 3.80
CA GLY M 124 29.15 -38.24 4.86
C GLY M 124 30.38 -39.01 4.43
N ALA M 125 30.17 -40.03 3.61
CA ALA M 125 31.27 -40.85 3.12
C ALA M 125 32.16 -40.05 2.18
N LYS M 126 31.54 -39.31 1.27
CA LYS M 126 32.30 -38.44 0.38
C LYS M 126 33.07 -37.41 1.19
N ASN M 127 32.44 -36.88 2.23
CA ASN M 127 33.07 -35.86 3.07
C ASN M 127 34.16 -36.37 4.01
N ALA M 128 34.06 -37.62 4.42
CA ALA M 128 35.13 -38.25 5.21
C ALA M 128 36.40 -38.29 4.35
N ALA M 129 36.22 -38.59 3.08
CA ALA M 129 37.33 -38.65 2.12
C ALA M 129 37.97 -37.28 1.90
N ILE M 130 37.14 -36.28 1.72
CA ILE M 130 37.62 -34.91 1.47
C ILE M 130 38.27 -34.32 2.72
N LEU M 131 37.71 -34.62 3.88
CA LEU M 131 38.30 -34.17 5.14
C LEU M 131 39.69 -34.77 5.30
N ALA M 132 39.78 -36.09 5.12
CA ALA M 132 41.06 -36.78 5.16
C ALA M 132 42.05 -36.16 4.17
N ALA M 133 41.55 -35.75 3.01
CA ALA M 133 42.38 -35.11 2.00
C ALA M 133 42.86 -33.76 2.51
N GLN M 134 41.93 -32.99 3.09
CA GLN M 134 42.24 -31.66 3.62
C GLN M 134 43.27 -31.72 4.74
N ILE M 135 43.18 -32.74 5.58
CA ILE M 135 44.16 -32.93 6.64
C ILE M 135 45.53 -33.24 6.03
N ILE M 136 45.54 -34.18 5.10
CA ILE M 136 46.76 -34.56 4.42
C ILE M 136 47.38 -33.41 3.61
N ALA M 137 46.52 -32.59 3.00
CA ALA M 137 46.98 -31.48 2.17
C ALA M 137 47.78 -30.43 2.93
N LEU M 138 47.75 -30.50 4.26
CA LEU M 138 48.51 -29.56 5.07
C LEU M 138 50.01 -29.70 4.81
N GLN M 139 50.41 -30.85 4.27
CA GLN M 139 51.81 -31.13 4.00
C GLN M 139 52.09 -31.41 2.52
N ASP M 140 51.04 -31.51 1.72
CA ASP M 140 51.18 -31.88 0.31
C ASP M 140 50.50 -30.86 -0.59
N LYS M 141 51.27 -29.94 -1.15
CA LYS M 141 50.71 -28.90 -2.00
C LYS M 141 50.06 -29.48 -3.25
N SER M 142 50.45 -30.70 -3.62
CA SER M 142 49.84 -31.38 -4.75
C SER M 142 48.36 -31.65 -4.51
N ILE M 143 48.05 -32.25 -3.36
CA ILE M 143 46.66 -32.50 -2.99
C ILE M 143 45.90 -31.19 -2.75
N ALA M 144 46.57 -30.25 -2.09
CA ALA M 144 46.01 -28.91 -1.90
C ALA M 144 45.51 -28.37 -3.23
N GLN M 145 46.30 -28.51 -4.28
CA GLN M 145 45.94 -27.96 -5.58
C GLN M 145 44.81 -28.75 -6.25
N LYS M 146 44.76 -30.06 -6.00
CA LYS M 146 43.69 -30.90 -6.54
C LYS M 146 42.36 -30.54 -5.88
N LEU M 147 42.42 -30.25 -4.59
CA LEU M 147 41.22 -29.88 -3.84
C LEU M 147 40.61 -28.60 -4.40
N VAL M 148 41.47 -27.64 -4.73
CA VAL M 148 41.02 -26.36 -5.27
C VAL M 148 40.33 -26.54 -6.62
N GLN M 149 40.96 -27.25 -7.55
CA GLN M 149 40.36 -27.44 -8.87
C GLN M 149 39.06 -28.25 -8.78
N GLN M 150 38.97 -29.10 -7.76
CA GLN M 150 37.75 -29.87 -7.52
C GLN M 150 36.59 -28.91 -7.23
N ARG M 151 36.83 -27.91 -6.40
CA ARG M 151 35.81 -26.91 -6.10
C ARG M 151 35.55 -26.05 -7.33
N THR M 152 36.61 -25.71 -8.05
CA THR M 152 36.51 -24.93 -9.27
C THR M 152 35.63 -25.65 -10.29
N ALA M 153 35.85 -26.95 -10.45
CA ALA M 153 35.06 -27.75 -11.37
C ALA M 153 33.58 -27.76 -11.01
N LYS M 154 33.28 -27.99 -9.73
CA LYS M 154 31.89 -28.06 -9.28
C LYS M 154 31.19 -26.71 -9.47
N ARG M 155 31.95 -25.62 -9.38
CA ARG M 155 31.39 -24.29 -9.58
C ARG M 155 31.00 -24.06 -11.04
N GLU M 156 31.73 -24.69 -11.95
CA GLU M 156 31.40 -24.63 -13.37
C GLU M 156 30.18 -25.50 -13.70
N THR M 157 30.05 -26.60 -12.96
CA THR M 157 28.87 -27.46 -13.08
C THR M 157 27.60 -26.70 -12.72
N LEU M 158 27.65 -25.98 -11.62
CA LEU M 158 26.49 -25.25 -11.14
C LEU M 158 26.10 -24.11 -12.10
N LYS M 159 27.10 -23.46 -12.68
CA LYS M 159 26.82 -22.37 -13.61
C LYS M 159 26.15 -22.91 -14.88
N LYS M 160 26.63 -24.03 -15.39
CA LYS M 160 25.99 -24.69 -16.52
C LYS M 160 24.53 -24.98 -16.20
N ALA M 161 24.33 -25.67 -15.09
CA ALA M 161 22.99 -26.05 -14.66
C ALA M 161 22.08 -24.83 -14.54
N ASP M 162 22.65 -23.71 -14.10
CA ASP M 162 21.88 -22.47 -13.98
C ASP M 162 21.59 -21.86 -15.34
N GLU M 163 22.59 -21.83 -16.21
CA GLU M 163 22.40 -21.34 -17.56
C GLU M 163 21.28 -22.13 -18.25
N ASN M 164 21.26 -23.44 -18.04
CA ASN M 164 20.18 -24.28 -18.54
C ASN M 164 18.82 -23.85 -18.00
N LEU M 165 18.75 -23.63 -16.69
CA LEU M 165 17.49 -23.22 -16.05
C LEU M 165 16.91 -21.99 -16.73
N GLN M 166 17.76 -21.03 -17.05
CA GLN M 166 17.32 -19.76 -17.64
C GLN M 166 16.51 -19.97 -18.91
N THR M 167 16.88 -20.97 -19.71
CA THR M 167 16.20 -21.23 -20.96
C THR M 167 14.87 -21.95 -20.72
N GLN M 168 14.68 -22.44 -19.51
CA GLN M 168 13.49 -23.19 -19.17
C GLN M 168 12.44 -22.33 -18.47
N LEU M 169 12.69 -21.03 -18.39
CA LEU M 169 11.76 -20.10 -17.76
C LEU M 169 11.04 -19.27 -18.79
N LYS N 6 32.66 -68.66 43.06
CA LYS N 6 31.62 -67.90 43.75
C LYS N 6 30.94 -66.92 42.81
N ILE N 7 29.62 -66.81 42.94
CA ILE N 7 28.86 -65.94 42.06
C ILE N 7 28.82 -64.50 42.56
N PHE N 8 29.04 -63.57 41.64
CA PHE N 8 28.94 -62.14 41.96
C PHE N 8 28.58 -61.35 40.72
N VAL N 9 28.17 -60.11 40.93
CA VAL N 9 27.84 -59.21 39.83
C VAL N 9 28.95 -58.20 39.69
N ALA N 10 29.39 -57.98 38.45
CA ALA N 10 30.40 -56.96 38.18
C ALA N 10 29.75 -55.69 37.63
N ILE N 11 29.99 -54.57 38.31
CA ILE N 11 29.44 -53.30 37.89
C ILE N 11 30.55 -52.34 37.45
N LEU N 12 30.40 -51.78 36.26
CA LEU N 12 31.38 -50.83 35.76
C LEU N 12 30.70 -49.55 35.29
N GLY N 14 31.73 -45.45 33.49
CA GLY N 14 32.75 -44.65 32.84
C GLY N 14 33.24 -43.46 33.64
N SER N 15 32.48 -43.05 34.64
CA SER N 15 32.79 -41.83 35.37
C SER N 15 32.25 -41.79 36.80
N ASP N 16 32.96 -41.09 37.67
CA ASP N 16 32.52 -40.91 39.05
C ASP N 16 31.16 -40.25 39.13
N SER N 17 30.81 -39.47 38.11
CA SER N 17 29.53 -38.76 38.09
C SER N 17 28.37 -39.74 37.96
N ASP N 18 28.67 -40.96 37.53
CA ASP N 18 27.65 -41.97 37.32
C ASP N 18 27.21 -42.59 38.63
N LEU N 19 27.98 -42.36 39.69
CA LEU N 19 27.69 -42.95 40.99
C LEU N 19 26.38 -42.45 41.58
N SER N 20 26.09 -41.17 41.36
CA SER N 20 24.82 -40.60 41.80
C SER N 20 23.68 -41.55 41.43
N THR N 21 23.87 -42.26 40.32
CA THR N 21 22.84 -43.14 39.78
C THR N 21 23.06 -44.60 40.17
N GLU N 23 24.59 -45.80 42.75
CA GLU N 23 24.37 -46.04 44.18
C GLU N 23 23.12 -46.90 44.34
N THR N 24 22.09 -46.54 43.57
CA THR N 24 20.79 -47.18 43.65
C THR N 24 20.86 -48.68 43.37
N ALA N 25 21.84 -49.08 42.57
CA ALA N 25 22.03 -50.50 42.26
C ALA N 25 22.81 -51.21 43.37
N PHE N 26 23.81 -50.51 43.93
CA PHE N 26 24.52 -51.03 45.08
C PHE N 26 23.50 -51.38 46.15
N THR N 27 22.61 -50.42 46.40
CA THR N 27 21.61 -50.53 47.46
C THR N 27 20.67 -51.72 47.27
N GLU N 28 20.30 -52.01 46.03
CA GLU N 28 19.40 -53.11 45.74
C GLU N 28 20.06 -54.48 45.85
N LEU N 29 21.28 -54.61 45.34
CA LEU N 29 22.03 -55.87 45.49
C LEU N 29 22.36 -56.14 46.95
N LYS N 30 22.71 -55.08 47.68
CA LYS N 30 22.93 -55.20 49.12
C LYS N 30 21.69 -55.76 49.80
N SER N 31 20.51 -55.30 49.39
CA SER N 31 19.27 -55.75 50.02
C SER N 31 18.87 -57.16 49.58
N LEU N 32 19.36 -57.58 48.41
CA LEU N 32 19.09 -58.94 47.93
C LEU N 32 20.20 -59.92 48.35
N GLY N 33 21.22 -59.39 49.03
CA GLY N 33 22.29 -60.23 49.53
C GLY N 33 23.26 -60.75 48.48
N ILE N 34 23.20 -60.19 47.27
CA ILE N 34 24.12 -60.58 46.21
C ILE N 34 25.41 -59.76 46.29
N PRO N 35 26.55 -60.44 46.21
CA PRO N 35 27.88 -59.80 46.29
C PRO N 35 28.24 -59.13 44.98
N PHE N 36 28.81 -57.93 45.02
CA PHE N 36 29.20 -57.25 43.79
C PHE N 36 30.60 -56.64 43.85
N GLU N 37 31.07 -56.21 42.69
CA GLU N 37 32.28 -55.40 42.57
C GLU N 37 31.97 -54.21 41.67
N ALA N 38 32.54 -53.07 41.99
CA ALA N 38 32.29 -51.87 41.19
C ALA N 38 33.62 -51.25 40.78
N HIS N 39 33.66 -50.70 39.58
CA HIS N 39 34.86 -50.03 39.09
C HIS N 39 34.53 -48.87 38.18
N ILE N 40 35.39 -47.86 38.21
CA ILE N 40 35.36 -46.80 37.23
C ILE N 40 36.24 -47.24 36.08
N LEU N 41 35.62 -47.68 35.00
CA LEU N 41 36.35 -48.15 33.82
C LEU N 41 35.72 -47.60 32.54
N SER N 42 36.54 -46.95 31.73
CA SER N 42 36.06 -46.32 30.52
C SER N 42 36.47 -47.12 29.28
N ALA N 43 35.50 -47.40 28.41
CA ALA N 43 35.80 -48.05 27.14
C ALA N 43 36.66 -47.14 26.27
N HIS N 44 36.64 -45.85 26.58
CA HIS N 44 37.32 -44.83 25.79
C HIS N 44 38.62 -44.36 26.43
N ARG N 45 38.58 -44.03 27.71
CA ARG N 45 39.73 -43.43 28.38
C ARG N 45 40.69 -44.50 28.94
N THR N 46 40.19 -45.72 29.08
CA THR N 46 41.00 -46.81 29.65
C THR N 46 40.60 -48.15 29.06
N PRO N 47 40.75 -48.32 27.73
CA PRO N 47 40.24 -49.52 27.07
C PRO N 47 40.98 -50.80 27.49
N LYS N 48 42.30 -50.73 27.56
CA LYS N 48 43.09 -51.91 27.91
C LYS N 48 42.69 -52.43 29.29
N GLU N 49 42.61 -51.52 30.26
CA GLU N 49 42.21 -51.89 31.61
C GLU N 49 40.82 -52.52 31.62
N THR N 50 39.87 -51.90 30.92
CA THR N 50 38.50 -52.39 30.88
C THR N 50 38.41 -53.83 30.40
N VAL N 51 39.07 -54.13 29.28
CA VAL N 51 39.03 -55.48 28.72
C VAL N 51 39.68 -56.49 29.65
N GLU N 52 40.83 -56.13 30.20
CA GLU N 52 41.54 -56.99 31.14
C GLU N 52 40.63 -57.43 32.28
N PHE N 53 39.94 -56.48 32.88
CA PHE N 53 39.04 -56.78 33.99
C PHE N 53 37.89 -57.69 33.59
N VAL N 54 37.14 -57.28 32.56
CA VAL N 54 36.02 -58.08 32.10
C VAL N 54 36.45 -59.53 31.91
N GLU N 55 37.50 -59.71 31.11
CA GLU N 55 38.02 -61.04 30.84
C GLU N 55 38.51 -61.76 32.10
N ASN N 56 38.96 -60.97 33.08
CA ASN N 56 39.43 -61.51 34.35
C ASN N 56 38.28 -61.88 35.27
N ALA N 57 37.32 -60.96 35.41
CA ALA N 57 36.13 -61.20 36.23
C ALA N 57 35.33 -62.37 35.66
N ASP N 58 35.15 -62.36 34.35
CA ASP N 58 34.46 -63.45 33.67
C ASP N 58 34.99 -64.78 34.22
N ASN N 59 36.28 -65.00 34.06
CA ASN N 59 36.92 -66.25 34.48
C ASN N 59 36.71 -66.60 35.96
N ARG N 60 36.62 -65.59 36.81
CA ARG N 60 36.48 -65.81 38.25
C ARG N 60 35.06 -66.15 38.69
N GLY N 61 34.12 -66.19 37.75
CA GLY N 61 32.75 -66.56 38.06
C GLY N 61 31.82 -65.38 38.23
N CYS N 62 32.02 -64.33 37.45
CA CYS N 62 31.04 -63.26 37.35
C CYS N 62 29.90 -63.79 36.49
N ALA N 63 28.67 -63.63 36.96
CA ALA N 63 27.51 -64.18 36.27
C ALA N 63 26.87 -63.16 35.35
N VAL N 64 26.77 -61.92 35.83
CA VAL N 64 26.22 -60.83 35.05
C VAL N 64 27.12 -59.62 35.16
N PHE N 65 27.34 -58.93 34.05
CA PHE N 65 27.98 -57.63 34.08
C PHE N 65 26.91 -56.55 34.00
N ILE N 66 27.06 -55.51 34.82
CA ILE N 66 26.22 -54.32 34.70
C ILE N 66 27.10 -53.16 34.28
N ALA N 67 26.67 -52.43 33.26
CA ALA N 67 27.45 -51.30 32.76
C ALA N 67 26.62 -50.04 32.65
N ALA N 68 27.17 -48.93 33.14
CA ALA N 68 26.50 -47.66 33.08
C ALA N 68 27.32 -46.64 32.29
N ALA N 69 26.64 -45.88 31.45
CA ALA N 69 27.29 -44.82 30.68
C ALA N 69 26.28 -43.86 30.08
N GLY N 70 26.70 -42.61 29.87
CA GLY N 70 25.85 -41.60 29.28
C GLY N 70 26.37 -41.14 27.93
N LEU N 71 25.60 -40.25 27.29
CA LEU N 71 25.95 -39.77 25.96
C LEU N 71 26.23 -40.97 25.04
N ALA N 72 27.35 -40.94 24.31
CA ALA N 72 27.71 -42.06 23.46
C ALA N 72 28.16 -43.24 24.31
N ALA N 73 27.20 -43.98 24.86
CA ALA N 73 27.49 -45.11 25.74
C ALA N 73 28.10 -46.30 25.00
N HIS N 74 29.40 -46.48 25.14
CA HIS N 74 30.10 -47.57 24.47
C HIS N 74 30.54 -48.68 25.42
N LEU N 75 30.34 -48.48 26.73
CA LEU N 75 30.87 -49.40 27.72
C LEU N 75 30.27 -50.81 27.64
N ALA N 76 28.96 -50.91 27.74
CA ALA N 76 28.28 -52.21 27.67
C ALA N 76 28.69 -52.96 26.40
N GLY N 77 28.63 -52.29 25.25
CA GLY N 77 28.99 -52.90 23.99
C GLY N 77 30.37 -53.52 24.04
N THR N 78 31.30 -52.82 24.69
CA THR N 78 32.69 -53.27 24.79
C THR N 78 32.81 -54.53 25.64
N ILE N 79 32.06 -54.58 26.75
CA ILE N 79 32.08 -55.73 27.63
C ILE N 79 31.51 -56.96 26.92
N ALA N 80 30.34 -56.79 26.33
CA ALA N 80 29.64 -57.89 25.66
C ALA N 80 30.47 -58.51 24.53
N ALA N 81 31.48 -57.79 24.07
CA ALA N 81 32.31 -58.26 22.96
C ALA N 81 33.41 -59.20 23.45
N HIS N 82 33.69 -59.17 24.74
CA HIS N 82 34.77 -59.97 25.31
C HIS N 82 34.28 -61.01 26.33
N THR N 83 32.98 -61.27 26.33
CA THR N 83 32.40 -62.21 27.29
C THR N 83 31.11 -62.78 26.73
N LEU N 84 30.74 -63.96 27.21
CA LEU N 84 29.48 -64.58 26.83
C LEU N 84 28.51 -64.65 28.00
N LYS N 85 28.92 -64.06 29.12
CA LYS N 85 28.01 -63.81 30.22
C LYS N 85 27.02 -62.72 29.80
N PRO N 86 25.83 -62.71 30.41
CA PRO N 86 24.88 -61.63 30.12
C PRO N 86 25.42 -60.28 30.56
N VAL N 87 25.09 -59.24 29.80
CA VAL N 87 25.50 -57.88 30.12
C VAL N 87 24.29 -56.98 30.16
N ILE N 88 24.15 -56.19 31.22
CA ILE N 88 23.06 -55.25 31.31
C ILE N 88 23.59 -53.82 31.18
N GLY N 89 22.99 -53.07 30.26
CA GLY N 89 23.36 -51.69 30.04
C GLY N 89 22.35 -50.73 30.64
N VAL N 90 22.84 -49.79 31.44
CA VAL N 90 22.00 -48.77 32.03
C VAL N 90 22.36 -47.41 31.45
N PRO N 91 21.44 -46.81 30.69
CA PRO N 91 21.72 -45.49 30.13
C PRO N 91 21.57 -44.38 31.18
N ALA N 93 21.12 -40.31 32.25
CA ALA N 93 20.21 -39.29 31.71
C ALA N 93 20.88 -37.93 31.56
N GLY N 94 22.21 -37.90 31.59
CA GLY N 94 22.95 -36.66 31.50
C GLY N 94 23.11 -36.13 30.08
N GLY N 95 23.53 -34.87 29.96
CA GLY N 95 23.61 -34.21 28.66
C GLY N 95 22.29 -33.55 28.33
N SER N 96 22.34 -32.50 27.52
CA SER N 96 21.14 -31.75 27.19
C SER N 96 20.09 -32.60 26.47
N LEU N 97 20.50 -33.77 26.00
CA LEU N 97 19.63 -34.62 25.18
C LEU N 97 18.74 -35.58 25.99
N GLY N 98 18.79 -35.48 27.31
CA GLY N 98 17.87 -36.20 28.17
C GLY N 98 18.04 -37.72 28.23
N GLY N 99 19.16 -38.21 27.74
CA GLY N 99 19.47 -39.63 27.81
C GLY N 99 18.97 -40.45 26.63
N LEU N 100 18.27 -39.79 25.71
CA LEU N 100 17.78 -40.46 24.52
C LEU N 100 18.94 -41.05 23.73
N ASP N 101 20.06 -40.32 23.69
CA ASP N 101 21.24 -40.75 22.96
C ASP N 101 21.89 -41.99 23.57
N ALA N 102 22.10 -41.96 24.89
CA ALA N 102 22.71 -43.10 25.59
C ALA N 102 21.87 -44.36 25.47
N LEU N 103 20.55 -44.19 25.44
CA LEU N 103 19.63 -45.32 25.31
C LEU N 103 19.76 -46.00 23.95
N LEU N 104 19.72 -45.20 22.89
CA LEU N 104 19.86 -45.71 21.54
C LEU N 104 21.22 -46.37 21.38
N SER N 105 22.21 -45.82 22.05
CA SER N 105 23.59 -46.28 21.90
C SER N 105 23.80 -47.65 22.54
N THR N 106 22.95 -47.97 23.52
CA THR N 106 23.08 -49.21 24.27
C THR N 106 22.26 -50.33 23.64
N VAL N 107 20.99 -50.05 23.40
CA VAL N 107 20.03 -51.06 22.98
C VAL N 107 20.23 -51.53 21.53
N GLN N 108 20.57 -50.61 20.64
CA GLN N 108 20.66 -50.91 19.22
C GLN N 108 21.92 -51.73 18.85
N PRO N 110 23.95 -54.78 17.20
CA PRO N 110 23.73 -55.57 15.99
C PRO N 110 23.41 -57.01 16.38
N GLY N 111 22.53 -57.67 15.63
CA GLY N 111 22.23 -59.06 15.88
C GLY N 111 23.51 -59.85 16.05
N GLY N 112 23.56 -60.70 17.06
CA GLY N 112 24.74 -61.52 17.31
C GLY N 112 25.43 -61.27 18.63
N VAL N 113 25.50 -60.00 19.04
CA VAL N 113 26.17 -59.62 20.28
C VAL N 113 25.23 -58.83 21.19
N PRO N 114 24.37 -59.52 21.93
CA PRO N 114 23.30 -58.87 22.68
C PRO N 114 23.75 -58.11 23.93
N VAL N 115 22.97 -57.09 24.27
CA VAL N 115 23.10 -56.38 25.54
C VAL N 115 21.70 -56.12 26.08
N ALA N 116 21.51 -56.35 27.37
CA ALA N 116 20.22 -56.09 28.00
C ALA N 116 20.13 -54.65 28.49
N CYS N 117 19.27 -53.86 27.86
CA CYS N 117 19.14 -52.46 28.24
C CYS N 117 17.94 -52.28 29.16
N THR N 118 18.13 -51.50 30.23
CA THR N 118 17.03 -51.12 31.10
C THR N 118 16.65 -49.66 30.90
N ALA N 119 15.84 -49.14 31.81
CA ALA N 119 15.38 -47.77 31.73
C ALA N 119 16.50 -46.77 31.99
N ILE N 120 16.38 -45.59 31.41
CA ILE N 120 17.29 -44.50 31.71
C ILE N 120 17.28 -44.20 33.21
N GLY N 121 18.44 -43.88 33.77
CA GLY N 121 18.51 -43.35 35.12
C GLY N 121 18.35 -44.32 36.28
N LYS N 122 17.91 -43.78 37.41
CA LYS N 122 17.81 -44.53 38.66
C LYS N 122 16.91 -45.75 38.57
N ALA N 123 15.79 -45.63 37.86
CA ALA N 123 14.88 -46.75 37.72
C ALA N 123 15.55 -47.89 36.97
N GLY N 124 16.39 -47.56 36.00
CA GLY N 124 17.10 -48.55 35.22
C GLY N 124 18.26 -49.15 35.98
N ALA N 125 18.82 -48.37 36.90
CA ALA N 125 19.88 -48.86 37.77
C ALA N 125 19.32 -49.86 38.76
N LYS N 126 18.15 -49.54 39.32
CA LYS N 126 17.45 -50.46 40.22
C LYS N 126 17.08 -51.74 39.48
N ASN N 127 16.50 -51.57 38.29
CA ASN N 127 16.06 -52.73 37.51
C ASN N 127 17.20 -53.61 37.03
N ALA N 128 18.37 -53.02 36.83
CA ALA N 128 19.56 -53.77 36.45
C ALA N 128 19.92 -54.75 37.56
N ALA N 129 19.84 -54.29 38.80
CA ALA N 129 20.12 -55.13 39.96
C ALA N 129 19.11 -56.27 40.05
N ILE N 130 17.83 -55.92 40.04
CA ILE N 130 16.76 -56.92 40.15
C ILE N 130 16.82 -57.94 39.01
N LEU N 131 17.14 -57.47 37.81
CA LEU N 131 17.29 -58.37 36.67
C LEU N 131 18.52 -59.25 36.84
N ALA N 132 19.55 -58.70 37.46
CA ALA N 132 20.75 -59.46 37.79
C ALA N 132 20.38 -60.55 38.79
N ALA N 133 19.53 -60.18 39.75
CA ALA N 133 19.06 -61.10 40.76
C ALA N 133 18.21 -62.22 40.13
N GLN N 134 17.24 -61.83 39.33
CA GLN N 134 16.35 -62.77 38.64
C GLN N 134 17.14 -63.80 37.85
N ILE N 135 18.18 -63.35 37.16
CA ILE N 135 19.02 -64.25 36.38
C ILE N 135 19.76 -65.24 37.28
N ILE N 136 20.32 -64.74 38.37
CA ILE N 136 21.01 -65.57 39.34
C ILE N 136 20.06 -66.54 40.06
N ALA N 137 18.83 -66.10 40.26
CA ALA N 137 17.84 -66.88 41.01
C ALA N 137 17.46 -68.18 40.30
N LEU N 138 17.70 -68.23 38.99
CA LEU N 138 17.42 -69.44 38.22
C LEU N 138 18.26 -70.61 38.73
N GLN N 139 19.09 -70.34 39.74
CA GLN N 139 19.95 -71.37 40.34
C GLN N 139 20.12 -71.16 41.85
N ASP N 140 19.41 -70.19 42.40
CA ASP N 140 19.52 -69.91 43.84
C ASP N 140 18.16 -69.57 44.41
N LYS N 141 17.60 -70.49 45.19
CA LYS N 141 16.25 -70.34 45.71
C LYS N 141 16.14 -69.35 46.86
N SER N 142 17.29 -68.97 47.43
CA SER N 142 17.32 -67.90 48.42
C SER N 142 16.92 -66.60 47.74
N ILE N 143 17.66 -66.24 46.70
CA ILE N 143 17.37 -65.03 45.94
C ILE N 143 15.96 -65.08 45.36
N ALA N 144 15.59 -66.22 44.78
CA ALA N 144 14.25 -66.43 44.25
C ALA N 144 13.20 -66.08 45.30
N GLN N 145 13.56 -66.25 46.57
CA GLN N 145 12.62 -66.03 47.68
C GLN N 145 12.60 -64.58 48.14
N LYS N 146 13.78 -63.97 48.24
CA LYS N 146 13.86 -62.55 48.57
C LYS N 146 13.11 -61.73 47.53
N LEU N 147 13.28 -62.11 46.27
CA LEU N 147 12.59 -61.45 45.16
C LEU N 147 11.08 -61.47 45.34
N VAL N 148 10.53 -62.63 45.65
CA VAL N 148 9.09 -62.77 45.85
C VAL N 148 8.56 -61.83 46.93
N GLN N 149 9.28 -61.74 48.04
CA GLN N 149 8.84 -60.93 49.16
C GLN N 149 9.12 -59.45 48.95
N GLN N 150 9.90 -59.13 47.93
CA GLN N 150 10.04 -57.74 47.52
C GLN N 150 8.71 -57.26 46.94
N ARG N 151 8.23 -57.96 45.91
CA ARG N 151 6.96 -57.59 45.28
C ARG N 151 5.79 -57.63 46.27
N THR N 152 5.87 -58.50 47.27
CA THR N 152 4.81 -58.58 48.27
C THR N 152 4.79 -57.34 49.15
N ALA N 153 5.96 -56.90 49.60
CA ALA N 153 6.06 -55.69 50.42
C ALA N 153 5.53 -54.47 49.68
N LYS N 154 5.96 -54.29 48.43
CA LYS N 154 5.52 -53.16 47.63
C LYS N 154 4.00 -53.17 47.44
N ARG N 155 3.41 -54.34 47.37
CA ARG N 155 1.96 -54.45 47.27
C ARG N 155 1.30 -54.00 48.58
N GLU N 156 2.05 -54.11 49.67
CA GLU N 156 1.61 -53.63 50.98
C GLU N 156 1.70 -52.11 51.04
N THR N 157 2.75 -51.58 50.42
CA THR N 157 3.00 -50.14 50.44
C THR N 157 2.03 -49.41 49.52
N LEU N 158 1.84 -49.93 48.31
CA LEU N 158 0.84 -49.37 47.40
C LEU N 158 -0.53 -49.42 48.03
N LYS N 159 -0.84 -50.52 48.70
CA LYS N 159 -2.13 -50.70 49.36
C LYS N 159 -2.33 -49.64 50.44
N LYS N 160 -1.33 -49.51 51.32
CA LYS N 160 -1.35 -48.50 52.36
C LYS N 160 -1.50 -47.10 51.76
N ALA N 161 -0.68 -46.81 50.75
CA ALA N 161 -0.73 -45.54 50.06
C ALA N 161 -2.16 -45.28 49.60
N ASP N 162 -2.79 -46.33 49.09
CA ASP N 162 -4.16 -46.24 48.59
C ASP N 162 -5.14 -45.88 49.70
N GLU N 163 -5.07 -46.59 50.81
CA GLU N 163 -5.96 -46.36 51.93
C GLU N 163 -5.80 -44.95 52.48
N ASN N 164 -4.56 -44.47 52.47
CA ASN N 164 -4.28 -43.09 52.84
C ASN N 164 -5.10 -42.15 51.96
N LEU N 165 -4.94 -42.32 50.64
CA LEU N 165 -5.68 -41.53 49.67
C LEU N 165 -7.18 -41.58 49.91
N GLN N 166 -7.68 -42.70 50.40
CA GLN N 166 -9.12 -42.84 50.66
C GLN N 166 -9.58 -41.95 51.81
N THR N 167 -8.64 -41.35 52.52
CA THR N 167 -8.97 -40.43 53.59
C THR N 167 -8.93 -38.98 53.09
N GLN N 168 -8.01 -38.70 52.18
CA GLN N 168 -7.90 -37.37 51.57
C GLN N 168 -9.06 -37.07 50.64
N LEU N 169 -9.69 -38.12 50.13
CA LEU N 169 -10.77 -37.97 49.16
C LEU N 169 -12.04 -37.44 49.82
N LYS O 6 -25.66 -45.17 41.51
CA LYS O 6 -25.25 -43.95 40.83
C LYS O 6 -24.37 -44.25 39.62
N ILE O 7 -24.00 -43.20 38.90
CA ILE O 7 -23.03 -43.29 37.82
C ILE O 7 -21.78 -42.55 38.27
N PHE O 8 -20.61 -43.15 38.10
CA PHE O 8 -19.38 -42.55 38.61
C PHE O 8 -18.18 -42.73 37.68
N VAL O 9 -17.13 -41.98 37.95
CA VAL O 9 -15.87 -42.08 37.21
C VAL O 9 -14.81 -42.76 38.06
N ALA O 10 -14.09 -43.72 37.49
CA ALA O 10 -13.03 -44.40 38.23
C ALA O 10 -11.66 -43.92 37.76
N ILE O 11 -10.88 -43.36 38.69
CA ILE O 11 -9.56 -42.83 38.37
C ILE O 11 -8.45 -43.64 39.02
N LEU O 12 -7.69 -44.38 38.20
CA LEU O 12 -6.57 -45.15 38.72
C LEU O 12 -5.23 -44.48 38.38
N GLY O 14 -0.77 -45.26 38.84
CA GLY O 14 0.25 -46.22 39.21
C GLY O 14 0.99 -45.92 40.50
N SER O 15 1.19 -44.65 40.80
CA SER O 15 1.91 -44.26 42.02
C SER O 15 1.27 -43.06 42.69
N ASP O 16 1.79 -42.71 43.86
CA ASP O 16 1.24 -41.63 44.67
C ASP O 16 1.83 -40.28 44.25
N SER O 17 2.93 -40.32 43.51
CA SER O 17 3.57 -39.10 43.05
C SER O 17 2.78 -38.44 41.91
N ASP O 18 1.89 -39.21 41.31
CA ASP O 18 1.06 -38.70 40.22
C ASP O 18 -0.07 -37.86 40.79
N LEU O 19 -0.24 -37.91 42.10
CA LEU O 19 -1.32 -37.18 42.78
C LEU O 19 -1.31 -35.69 42.49
N SER O 20 -0.16 -35.04 42.66
CA SER O 20 -0.05 -33.61 42.44
C SER O 20 -0.71 -33.22 41.13
N THR O 21 -0.51 -34.06 40.11
CA THR O 21 -1.12 -33.82 38.81
C THR O 21 -2.62 -34.06 38.85
N GLU O 23 -4.92 -34.15 41.14
CA GLU O 23 -5.81 -33.33 41.96
C GLU O 23 -6.62 -32.44 41.04
N THR O 24 -5.96 -31.95 40.00
CA THR O 24 -6.61 -31.13 38.98
C THR O 24 -7.87 -31.81 38.47
N ALA O 25 -7.77 -33.11 38.25
CA ALA O 25 -8.90 -33.90 37.78
C ALA O 25 -10.00 -33.99 38.84
N PHE O 26 -9.61 -34.27 40.08
CA PHE O 26 -10.56 -34.33 41.18
C PHE O 26 -11.35 -33.02 41.24
N THR O 27 -10.61 -31.92 41.21
CA THR O 27 -11.21 -30.58 41.32
C THR O 27 -12.31 -30.35 40.29
N GLU O 28 -12.05 -30.72 39.04
CA GLU O 28 -13.01 -30.55 37.96
C GLU O 28 -14.27 -31.37 38.18
N LEU O 29 -14.10 -32.66 38.48
CA LEU O 29 -15.24 -33.54 38.72
C LEU O 29 -16.04 -33.10 39.94
N LYS O 30 -15.39 -32.40 40.85
CA LYS O 30 -16.07 -31.79 41.99
C LYS O 30 -16.95 -30.66 41.50
N SER O 31 -16.33 -29.71 40.81
CA SER O 31 -17.00 -28.49 40.38
C SER O 31 -18.17 -28.76 39.44
N LEU O 32 -18.16 -29.95 38.80
CA LEU O 32 -19.21 -30.30 37.86
C LEU O 32 -20.31 -31.13 38.51
N GLY O 33 -20.07 -31.60 39.73
CA GLY O 33 -21.06 -32.40 40.43
C GLY O 33 -21.00 -33.87 40.04
N ILE O 34 -19.90 -34.27 39.41
CA ILE O 34 -19.73 -35.67 39.01
C ILE O 34 -19.00 -36.45 40.10
N PRO O 35 -19.58 -37.59 40.50
CA PRO O 35 -19.07 -38.47 41.56
C PRO O 35 -17.97 -39.39 41.04
N PHE O 36 -16.82 -39.38 41.70
CA PHE O 36 -15.70 -40.20 41.24
C PHE O 36 -15.13 -41.10 42.33
N GLU O 37 -14.21 -41.97 41.91
CA GLU O 37 -13.45 -42.79 42.84
C GLU O 37 -11.99 -42.81 42.40
N ALA O 38 -11.09 -42.55 43.34
CA ALA O 38 -9.66 -42.61 43.06
C ALA O 38 -9.06 -43.83 43.74
N HIS O 39 -7.95 -44.33 43.21
CA HIS O 39 -7.31 -45.52 43.73
C HIS O 39 -5.89 -45.63 43.18
N ILE O 40 -4.93 -45.94 44.06
CA ILE O 40 -3.56 -46.21 43.63
C ILE O 40 -3.42 -47.67 43.24
N LEU O 41 -3.34 -47.94 41.94
CA LEU O 41 -3.24 -49.31 41.45
C LEU O 41 -2.27 -49.39 40.28
N SER O 42 -1.20 -50.15 40.43
CA SER O 42 -0.20 -50.26 39.39
C SER O 42 -0.48 -51.47 38.48
N ALA O 43 -0.43 -51.24 37.18
CA ALA O 43 -0.59 -52.32 36.21
C ALA O 43 0.62 -53.24 36.30
N HIS O 44 1.68 -52.74 36.90
CA HIS O 44 2.96 -53.45 36.98
C HIS O 44 3.17 -54.15 38.32
N ARG O 45 2.87 -53.45 39.41
CA ARG O 45 3.13 -53.98 40.75
C ARG O 45 1.95 -54.72 41.36
N THR O 46 0.74 -54.36 40.95
CA THR O 46 -0.47 -54.94 41.52
C THR O 46 -1.47 -55.33 40.45
N PRO O 47 -1.02 -56.09 39.44
CA PRO O 47 -1.89 -56.42 38.31
C PRO O 47 -3.18 -57.11 38.73
N LYS O 48 -3.13 -57.88 39.80
CA LYS O 48 -4.30 -58.62 40.28
C LYS O 48 -5.35 -57.67 40.84
N GLU O 49 -4.91 -56.77 41.70
CA GLU O 49 -5.83 -55.83 42.36
C GLU O 49 -6.38 -54.80 41.38
N THR O 50 -5.59 -54.49 40.35
CA THR O 50 -6.04 -53.55 39.32
C THR O 50 -7.19 -54.15 38.52
N VAL O 51 -6.97 -55.31 37.92
CA VAL O 51 -7.97 -55.95 37.09
C VAL O 51 -9.27 -56.19 37.84
N GLU O 52 -9.18 -56.59 39.10
CA GLU O 52 -10.36 -56.80 39.94
C GLU O 52 -11.19 -55.54 39.99
N PHE O 53 -10.61 -54.46 40.52
CA PHE O 53 -11.32 -53.21 40.69
C PHE O 53 -12.02 -52.74 39.41
N VAL O 54 -11.39 -52.99 38.27
CA VAL O 54 -11.96 -52.57 36.99
C VAL O 54 -13.25 -53.31 36.65
N GLU O 55 -13.21 -54.64 36.70
CA GLU O 55 -14.41 -55.44 36.44
C GLU O 55 -15.45 -55.17 37.52
N ASN O 56 -14.99 -54.93 38.74
CA ASN O 56 -15.90 -54.61 39.83
C ASN O 56 -16.58 -53.27 39.62
N ALA O 57 -15.77 -52.22 39.44
CA ALA O 57 -16.30 -50.88 39.21
C ALA O 57 -17.19 -50.86 37.98
N ASP O 58 -16.74 -51.55 36.93
CA ASP O 58 -17.50 -51.64 35.69
C ASP O 58 -18.90 -52.19 35.93
N ASN O 59 -19.00 -53.20 36.77
CA ASN O 59 -20.28 -53.83 37.06
C ASN O 59 -21.14 -53.03 38.04
N ARG O 60 -20.49 -52.15 38.80
CA ARG O 60 -21.19 -51.27 39.71
C ARG O 60 -21.71 -50.03 39.01
N GLY O 61 -21.28 -49.85 37.76
CA GLY O 61 -21.78 -48.76 36.94
C GLY O 61 -20.82 -47.61 36.74
N CYS O 62 -19.56 -47.92 36.49
CA CYS O 62 -18.59 -46.91 36.11
C CYS O 62 -18.84 -46.52 34.66
N ALA O 63 -19.01 -45.22 34.41
CA ALA O 63 -19.26 -44.74 33.06
C ALA O 63 -17.96 -44.58 32.29
N VAL O 64 -16.95 -44.04 32.96
CA VAL O 64 -15.66 -43.79 32.32
C VAL O 64 -14.50 -44.04 33.28
N PHE O 65 -13.43 -44.64 32.75
CA PHE O 65 -12.21 -44.82 33.53
C PHE O 65 -11.15 -43.79 33.10
N ILE O 66 -10.53 -43.15 34.10
CA ILE O 66 -9.40 -42.27 33.82
C ILE O 66 -8.16 -42.87 34.44
N ALA O 67 -7.06 -42.92 33.68
CA ALA O 67 -5.87 -43.63 34.10
C ALA O 67 -4.60 -42.81 33.89
N ALA O 68 -3.89 -42.54 34.98
CA ALA O 68 -2.67 -41.74 34.93
C ALA O 68 -1.41 -42.58 35.11
N ALA O 69 -0.47 -42.42 34.19
CA ALA O 69 0.81 -43.13 34.27
C ALA O 69 1.89 -42.43 33.45
N GLY O 70 3.14 -42.60 33.86
CA GLY O 70 4.27 -42.00 33.17
C GLY O 70 5.26 -43.06 32.70
N LEU O 71 6.35 -42.62 32.08
CA LEU O 71 7.34 -43.53 31.55
C LEU O 71 6.69 -44.53 30.59
N ALA O 72 6.87 -45.82 30.85
CA ALA O 72 6.16 -46.84 30.09
C ALA O 72 4.74 -46.95 30.64
N ALA O 73 3.83 -46.15 30.09
CA ALA O 73 2.47 -46.10 30.58
C ALA O 73 1.65 -47.29 30.09
N HIS O 74 1.48 -48.28 30.96
CA HIS O 74 0.75 -49.49 30.59
C HIS O 74 -0.60 -49.61 31.29
N LEU O 75 -0.91 -48.65 32.16
CA LEU O 75 -2.13 -48.72 32.97
C LEU O 75 -3.44 -48.60 32.16
N ALA O 76 -3.46 -47.70 31.18
CA ALA O 76 -4.66 -47.49 30.39
C ALA O 76 -4.95 -48.69 29.49
N GLY O 77 -3.90 -49.19 28.83
CA GLY O 77 -4.03 -50.35 27.97
C GLY O 77 -4.51 -51.57 28.72
N THR O 78 -4.06 -51.70 29.97
CA THR O 78 -4.49 -52.80 30.82
C THR O 78 -5.97 -52.69 31.14
N ILE O 79 -6.38 -51.53 31.64
CA ILE O 79 -7.78 -51.28 31.95
C ILE O 79 -8.67 -51.53 30.72
N ALA O 80 -8.27 -50.99 29.57
CA ALA O 80 -9.05 -51.13 28.34
C ALA O 80 -9.22 -52.58 27.93
N ALA O 81 -8.21 -53.40 28.22
CA ALA O 81 -8.24 -54.82 27.84
C ALA O 81 -9.27 -55.63 28.64
N HIS O 82 -9.80 -55.04 29.71
CA HIS O 82 -10.68 -55.78 30.62
C HIS O 82 -12.08 -55.20 30.74
N THR O 83 -12.32 -54.08 30.08
CA THR O 83 -13.64 -53.45 30.13
C THR O 83 -14.00 -52.95 28.75
N LEU O 84 -15.23 -52.50 28.59
CA LEU O 84 -15.66 -51.90 27.34
C LEU O 84 -16.21 -50.50 27.57
N LYS O 85 -16.07 -50.02 28.80
CA LYS O 85 -16.30 -48.63 29.11
C LYS O 85 -15.19 -47.81 28.48
N PRO O 86 -15.46 -46.53 28.20
CA PRO O 86 -14.41 -45.67 27.67
C PRO O 86 -13.25 -45.58 28.65
N VAL O 87 -12.02 -45.66 28.13
CA VAL O 87 -10.84 -45.47 28.97
C VAL O 87 -10.06 -44.24 28.49
N ILE O 88 -9.82 -43.31 29.41
CA ILE O 88 -9.06 -42.11 29.10
C ILE O 88 -7.65 -42.22 29.68
N GLY O 89 -6.65 -42.08 28.83
CA GLY O 89 -5.26 -42.18 29.25
C GLY O 89 -4.58 -40.83 29.37
N VAL O 90 -4.09 -40.51 30.56
CA VAL O 90 -3.34 -39.29 30.80
C VAL O 90 -1.87 -39.62 31.02
N PRO O 91 -1.00 -39.13 30.12
CA PRO O 91 0.43 -39.39 30.26
C PRO O 91 1.10 -38.37 31.19
N ALA O 93 4.19 -36.22 32.99
CA ALA O 93 5.34 -35.51 32.41
C ALA O 93 6.64 -35.78 33.14
N GLY O 94 6.54 -36.35 34.34
CA GLY O 94 7.73 -36.64 35.13
C GLY O 94 8.69 -37.52 34.36
N GLY O 95 9.99 -37.27 34.53
CA GLY O 95 11.00 -38.08 33.86
C GLY O 95 11.84 -37.31 32.87
N SER O 96 12.95 -37.91 32.45
CA SER O 96 13.92 -37.24 31.59
C SER O 96 13.46 -37.07 30.14
N LEU O 97 12.40 -37.78 29.76
CA LEU O 97 11.91 -37.71 28.38
C LEU O 97 10.76 -36.73 28.22
N GLY O 98 10.24 -36.23 29.33
CA GLY O 98 9.24 -35.18 29.31
C GLY O 98 7.82 -35.62 29.00
N GLY O 99 7.57 -36.92 29.13
CA GLY O 99 6.24 -37.45 28.90
C GLY O 99 6.04 -38.01 27.50
N LEU O 100 7.08 -37.93 26.68
CA LEU O 100 7.03 -38.49 25.34
C LEU O 100 6.83 -40.01 25.39
N ASP O 101 7.65 -40.71 26.17
CA ASP O 101 7.48 -42.14 26.32
C ASP O 101 6.08 -42.49 26.82
N ALA O 102 5.58 -41.70 27.77
CA ALA O 102 4.24 -41.89 28.30
C ALA O 102 3.19 -41.71 27.21
N LEU O 103 3.34 -40.62 26.44
CA LEU O 103 2.43 -40.31 25.35
C LEU O 103 2.30 -41.48 24.37
N LEU O 104 3.41 -41.83 23.74
CA LEU O 104 3.45 -42.93 22.77
C LEU O 104 2.90 -44.21 23.38
N SER O 105 3.43 -44.58 24.54
CA SER O 105 3.03 -45.79 25.23
C SER O 105 1.51 -45.82 25.44
N THR O 106 0.91 -44.65 25.50
CA THR O 106 -0.51 -44.53 25.82
C THR O 106 -1.44 -44.50 24.60
N VAL O 107 -1.11 -43.68 23.62
CA VAL O 107 -2.03 -43.42 22.50
C VAL O 107 -1.92 -44.45 21.38
N GLN O 108 -0.74 -45.04 21.22
CA GLN O 108 -0.47 -45.96 20.11
C GLN O 108 -1.08 -47.36 20.28
N PRO O 110 -3.33 -50.70 19.43
CA PRO O 110 -3.60 -51.41 18.18
C PRO O 110 -5.09 -51.34 17.84
N GLY O 111 -5.43 -51.37 16.55
CA GLY O 111 -6.82 -51.37 16.15
C GLY O 111 -7.59 -52.39 16.95
N GLY O 112 -8.73 -51.99 17.52
CA GLY O 112 -9.57 -52.90 18.26
C GLY O 112 -9.75 -52.57 19.73
N VAL O 113 -8.71 -52.02 20.36
CA VAL O 113 -8.77 -51.70 21.79
C VAL O 113 -8.35 -50.26 22.07
N PRO O 114 -9.32 -49.34 22.04
CA PRO O 114 -9.04 -47.90 22.14
C PRO O 114 -8.77 -47.36 23.53
N VAL O 115 -7.87 -46.38 23.59
CA VAL O 115 -7.70 -45.52 24.74
C VAL O 115 -7.78 -44.08 24.23
N ALA O 116 -8.59 -43.25 24.89
CA ALA O 116 -8.63 -41.84 24.54
C ALA O 116 -7.51 -41.12 25.29
N CYS O 117 -6.49 -40.70 24.56
CA CYS O 117 -5.34 -40.06 25.17
C CYS O 117 -5.50 -38.54 25.20
N THR O 118 -5.19 -37.94 26.35
CA THR O 118 -5.17 -36.49 26.46
C THR O 118 -3.75 -35.98 26.57
N ALA O 119 -3.60 -34.69 26.84
CA ALA O 119 -2.30 -34.05 26.88
C ALA O 119 -1.42 -34.51 28.04
N ILE O 120 -0.13 -34.22 27.92
CA ILE O 120 0.83 -34.49 28.98
C ILE O 120 0.51 -33.64 30.21
N GLY O 121 0.51 -34.26 31.39
CA GLY O 121 0.47 -33.51 32.63
C GLY O 121 -0.85 -32.86 33.00
N LYS O 122 -0.77 -31.70 33.63
CA LYS O 122 -1.95 -31.04 34.21
C LYS O 122 -3.07 -30.74 33.21
N ALA O 123 -2.71 -30.19 32.05
CA ALA O 123 -3.71 -29.92 31.01
C ALA O 123 -4.46 -31.20 30.66
N GLY O 124 -3.72 -32.32 30.68
CA GLY O 124 -4.30 -33.61 30.37
C GLY O 124 -5.26 -34.08 31.45
N ALA O 125 -4.92 -33.76 32.70
CA ALA O 125 -5.76 -34.16 33.83
C ALA O 125 -7.06 -33.37 33.88
N LYS O 126 -6.99 -32.08 33.58
CA LYS O 126 -8.21 -31.28 33.51
C LYS O 126 -9.08 -31.77 32.35
N ASN O 127 -8.45 -32.13 31.24
CA ASN O 127 -9.18 -32.56 30.05
C ASN O 127 -9.76 -33.97 30.14
N ALA O 128 -9.11 -34.84 30.93
CA ALA O 128 -9.65 -36.17 31.17
C ALA O 128 -10.96 -36.06 31.94
N ALA O 129 -10.98 -35.17 32.93
CA ALA O 129 -12.17 -34.92 33.73
C ALA O 129 -13.29 -34.38 32.85
N ILE O 130 -12.95 -33.42 31.99
CA ILE O 130 -13.92 -32.77 31.13
C ILE O 130 -14.44 -33.66 30.01
N LEU O 131 -13.56 -34.46 29.43
CA LEU O 131 -13.96 -35.43 28.42
C LEU O 131 -14.90 -36.45 29.06
N ALA O 132 -14.61 -36.82 30.30
CA ALA O 132 -15.48 -37.72 31.05
C ALA O 132 -16.84 -37.06 31.28
N ALA O 133 -16.82 -35.76 31.56
CA ALA O 133 -18.03 -35.01 31.83
C ALA O 133 -18.92 -34.90 30.59
N GLN O 134 -18.29 -34.61 29.45
CA GLN O 134 -19.02 -34.49 28.18
C GLN O 134 -19.67 -35.81 27.77
N ILE O 135 -19.00 -36.91 28.06
CA ILE O 135 -19.54 -38.23 27.75
C ILE O 135 -20.78 -38.47 28.61
N ILE O 136 -20.66 -38.17 29.89
CA ILE O 136 -21.77 -38.32 30.83
C ILE O 136 -22.91 -37.37 30.49
N ALA O 137 -22.58 -36.12 30.15
CA ALA O 137 -23.58 -35.11 29.81
C ALA O 137 -24.43 -35.53 28.61
N LEU O 138 -24.08 -36.65 27.97
CA LEU O 138 -24.86 -37.18 26.86
C LEU O 138 -26.19 -37.74 27.36
N GLN O 139 -26.21 -38.19 28.62
CA GLN O 139 -27.44 -38.69 29.23
C GLN O 139 -27.78 -37.91 30.49
N ASP O 140 -27.30 -36.68 30.57
CA ASP O 140 -27.55 -35.85 31.75
C ASP O 140 -27.48 -34.36 31.41
N LYS O 141 -28.65 -33.74 31.23
CA LYS O 141 -28.73 -32.33 30.87
C LYS O 141 -28.25 -31.40 31.99
N SER O 142 -28.15 -31.95 33.20
CA SER O 142 -27.63 -31.19 34.33
C SER O 142 -26.16 -30.87 34.13
N ILE O 143 -25.38 -31.90 33.81
CA ILE O 143 -23.96 -31.74 33.54
C ILE O 143 -23.76 -30.92 32.27
N ALA O 144 -24.48 -31.30 31.22
CA ALA O 144 -24.42 -30.61 29.94
C ALA O 144 -24.45 -29.09 30.11
N GLN O 145 -25.34 -28.62 30.96
CA GLN O 145 -25.50 -27.17 31.19
C GLN O 145 -24.32 -26.57 31.95
N LYS O 146 -23.80 -27.33 32.92
CA LYS O 146 -22.63 -26.89 33.67
C LYS O 146 -21.45 -26.70 32.72
N LEU O 147 -21.28 -27.66 31.82
CA LEU O 147 -20.21 -27.59 30.84
C LEU O 147 -20.28 -26.27 30.09
N VAL O 148 -21.48 -25.89 29.66
CA VAL O 148 -21.67 -24.64 28.94
C VAL O 148 -21.27 -23.43 29.77
N GLN O 149 -21.87 -23.25 30.93
CA GLN O 149 -21.57 -22.08 31.77
C GLN O 149 -20.09 -22.01 32.13
N GLN O 150 -19.41 -23.15 32.09
CA GLN O 150 -17.96 -23.20 32.30
C GLN O 150 -17.24 -22.55 31.12
N ARG O 151 -17.67 -22.88 29.91
CA ARG O 151 -17.14 -22.28 28.70
C ARG O 151 -17.41 -20.78 28.72
N THR O 152 -18.65 -20.43 29.03
CA THR O 152 -19.07 -19.03 29.13
C THR O 152 -18.21 -18.27 30.14
N ALA O 153 -17.98 -18.88 31.29
CA ALA O 153 -17.26 -18.23 32.38
C ALA O 153 -15.78 -18.03 32.10
N LYS O 154 -15.17 -18.97 31.38
CA LYS O 154 -13.76 -18.83 31.01
C LYS O 154 -13.60 -17.73 29.97
N ARG O 155 -14.64 -17.55 29.16
CA ARG O 155 -14.62 -16.46 28.18
C ARG O 155 -14.60 -15.10 28.87
N GLU O 156 -15.34 -14.97 29.96
CA GLU O 156 -15.34 -13.73 30.72
C GLU O 156 -13.99 -13.48 31.38
N THR O 157 -13.34 -14.57 31.82
CA THR O 157 -12.00 -14.47 32.38
C THR O 157 -11.03 -13.91 31.36
N LEU O 158 -11.16 -14.40 30.12
CA LEU O 158 -10.28 -13.98 29.04
C LEU O 158 -10.45 -12.50 28.69
N LYS O 159 -11.69 -12.10 28.50
CA LYS O 159 -12.00 -10.72 28.12
C LYS O 159 -11.46 -9.75 29.17
N LYS O 160 -11.62 -10.11 30.44
CA LYS O 160 -11.10 -9.33 31.55
C LYS O 160 -9.58 -9.17 31.44
N ALA O 161 -8.92 -10.26 31.07
CA ALA O 161 -7.47 -10.26 30.94
C ALA O 161 -7.01 -9.37 29.78
N ASP O 162 -7.79 -9.38 28.70
CA ASP O 162 -7.47 -8.56 27.53
C ASP O 162 -7.66 -7.08 27.82
N GLU O 163 -8.79 -6.75 28.44
CA GLU O 163 -9.04 -5.37 28.83
C GLU O 163 -7.92 -4.84 29.72
N ASN O 164 -7.39 -5.73 30.56
CA ASN O 164 -6.26 -5.40 31.41
C ASN O 164 -4.98 -5.17 30.60
N LEU O 165 -4.73 -6.01 29.61
CA LEU O 165 -3.59 -5.82 28.73
C LEU O 165 -3.66 -4.45 28.07
N GLN O 166 -4.86 -4.05 27.68
CA GLN O 166 -5.05 -2.77 27.01
C GLN O 166 -4.54 -1.59 27.84
N THR O 167 -4.52 -1.74 29.16
CA THR O 167 -4.14 -0.65 30.06
C THR O 167 -2.64 -0.46 30.16
N GLN O 168 -1.89 -1.43 29.64
CA GLN O 168 -0.43 -1.39 29.74
C GLN O 168 0.18 -1.05 28.39
N LEU O 169 -0.67 -1.00 27.36
CA LEU O 169 -0.25 -0.68 26.01
C LEU O 169 -0.29 0.83 25.76
N LYS P 6 11.88 -79.93 31.80
CA LYS P 6 13.24 -79.39 31.65
C LYS P 6 13.24 -77.87 31.73
N ILE P 7 13.92 -77.28 30.77
CA ILE P 7 14.03 -75.83 30.65
C ILE P 7 13.79 -75.46 29.20
N PHE P 8 12.93 -74.47 28.98
CA PHE P 8 12.60 -74.03 27.64
C PHE P 8 12.39 -72.52 27.64
N VAL P 9 12.34 -71.93 26.45
CA VAL P 9 12.09 -70.51 26.33
C VAL P 9 10.69 -70.28 25.77
N ALA P 10 9.89 -69.50 26.49
CA ALA P 10 8.54 -69.19 26.05
C ALA P 10 8.53 -67.89 25.24
N ILE P 11 8.05 -67.98 24.01
CA ILE P 11 7.98 -66.81 23.14
C ILE P 11 6.55 -66.45 22.82
N LEU P 12 6.11 -65.29 23.30
CA LEU P 12 4.79 -64.78 22.96
C LEU P 12 4.96 -63.63 21.98
N GLY P 14 2.18 -60.58 20.05
CA GLY P 14 0.82 -60.07 20.07
C GLY P 14 -0.01 -60.32 18.82
N SER P 15 0.67 -60.36 17.68
CA SER P 15 -0.01 -60.56 16.40
C SER P 15 0.72 -61.64 15.61
N ASP P 16 0.03 -62.25 14.65
CA ASP P 16 0.69 -63.20 13.76
C ASP P 16 1.57 -62.45 12.76
N SER P 17 1.32 -61.16 12.59
CA SER P 17 2.12 -60.34 11.70
C SER P 17 3.53 -60.15 12.25
N ASP P 18 3.69 -60.35 13.55
CA ASP P 18 5.00 -60.26 14.17
C ASP P 18 5.86 -61.46 13.79
N LEU P 19 5.23 -62.48 13.22
CA LEU P 19 5.91 -63.72 12.87
C LEU P 19 7.03 -63.55 11.86
N SER P 20 6.80 -62.73 10.83
CA SER P 20 7.81 -62.49 9.82
C SER P 20 9.13 -62.12 10.47
N THR P 21 9.04 -61.51 11.66
CA THR P 21 10.22 -61.02 12.36
C THR P 21 10.73 -62.01 13.40
N GLU P 23 10.50 -65.12 13.45
CA GLU P 23 11.10 -66.28 12.78
C GLU P 23 12.59 -66.33 13.06
N THR P 24 13.24 -65.16 13.04
CA THR P 24 14.67 -65.06 13.25
C THR P 24 15.07 -65.60 14.62
N ALA P 25 14.25 -65.35 15.63
CA ALA P 25 14.53 -65.85 16.97
C ALA P 25 14.38 -67.36 17.02
N PHE P 26 13.31 -67.87 16.40
CA PHE P 26 13.09 -69.30 16.32
C PHE P 26 14.35 -70.00 15.79
N THR P 27 14.90 -69.44 14.71
CA THR P 27 16.04 -70.04 14.03
C THR P 27 17.29 -70.13 14.90
N GLU P 28 17.65 -69.02 15.56
CA GLU P 28 18.82 -69.01 16.41
C GLU P 28 18.71 -70.02 17.56
N LEU P 29 17.53 -70.14 18.14
CA LEU P 29 17.30 -71.14 19.18
C LEU P 29 17.41 -72.54 18.58
N LYS P 30 16.87 -72.71 17.38
CA LYS P 30 17.00 -73.97 16.66
C LYS P 30 18.48 -74.37 16.58
N SER P 31 19.31 -73.42 16.15
CA SER P 31 20.73 -73.67 15.98
C SER P 31 21.40 -74.04 17.29
N LEU P 32 21.18 -73.21 18.31
CA LEU P 32 21.78 -73.44 19.62
C LEU P 32 21.26 -74.71 20.29
N GLY P 33 20.14 -75.24 19.77
CA GLY P 33 19.60 -76.48 20.28
C GLY P 33 18.66 -76.31 21.47
N ILE P 34 18.28 -75.07 21.73
CA ILE P 34 17.45 -74.76 22.88
C ILE P 34 15.96 -74.89 22.59
N PRO P 35 15.26 -75.76 23.34
CA PRO P 35 13.83 -76.01 23.16
C PRO P 35 13.01 -74.76 23.45
N PHE P 36 11.90 -74.58 22.74
CA PHE P 36 11.07 -73.40 22.95
C PHE P 36 9.60 -73.61 22.60
N GLU P 37 8.80 -72.63 23.00
CA GLU P 37 7.39 -72.61 22.66
C GLU P 37 7.02 -71.22 22.17
N ALA P 38 6.23 -71.15 21.11
CA ALA P 38 5.80 -69.88 20.56
C ALA P 38 4.28 -69.81 20.57
N HIS P 39 3.75 -68.64 20.88
CA HIS P 39 2.31 -68.46 20.87
C HIS P 39 1.92 -67.06 20.45
N ILE P 40 0.85 -66.96 19.68
CA ILE P 40 0.26 -65.67 19.38
C ILE P 40 -0.56 -65.33 20.61
N LEU P 41 -0.14 -64.31 21.34
CA LEU P 41 -0.81 -63.89 22.56
C LEU P 41 -0.74 -62.38 22.70
N SER P 42 -1.89 -61.75 22.92
CA SER P 42 -1.94 -60.31 23.06
C SER P 42 -2.34 -59.93 24.48
N ALA P 43 -1.63 -58.96 25.05
CA ALA P 43 -1.96 -58.46 26.37
C ALA P 43 -3.23 -57.62 26.28
N HIS P 44 -3.53 -57.17 25.06
CA HIS P 44 -4.69 -56.33 24.83
C HIS P 44 -5.91 -57.15 24.41
N ARG P 45 -5.74 -58.03 23.44
CA ARG P 45 -6.86 -58.79 22.91
C ARG P 45 -7.20 -60.02 23.75
N THR P 46 -6.19 -60.66 24.34
CA THR P 46 -6.42 -61.86 25.15
C THR P 46 -5.63 -61.85 26.46
N PRO P 47 -5.97 -60.92 27.38
CA PRO P 47 -5.21 -60.75 28.63
C PRO P 47 -5.17 -62.02 29.49
N LYS P 48 -6.34 -62.52 29.90
CA LYS P 48 -6.42 -63.66 30.80
C LYS P 48 -5.67 -64.88 30.25
N GLU P 49 -5.85 -65.16 28.96
CA GLU P 49 -5.17 -66.28 28.32
C GLU P 49 -3.65 -66.08 28.38
N THR P 50 -3.21 -64.88 28.04
CA THR P 50 -1.80 -64.52 28.09
C THR P 50 -1.22 -64.76 29.48
N VAL P 51 -1.92 -64.27 30.49
CA VAL P 51 -1.47 -64.37 31.88
C VAL P 51 -1.49 -65.81 32.38
N GLU P 52 -2.56 -66.54 32.04
CA GLU P 52 -2.66 -67.94 32.44
C GLU P 52 -1.48 -68.74 31.89
N PHE P 53 -1.13 -68.51 30.63
CA PHE P 53 0.02 -69.19 30.05
C PHE P 53 1.30 -68.88 30.80
N VAL P 54 1.55 -67.59 31.02
CA VAL P 54 2.79 -67.15 31.65
C VAL P 54 3.00 -67.77 33.03
N GLU P 55 1.93 -67.88 33.81
CA GLU P 55 2.01 -68.52 35.11
C GLU P 55 2.21 -70.03 34.95
N ASN P 56 1.50 -70.60 33.98
CA ASN P 56 1.62 -72.03 33.68
C ASN P 56 3.00 -72.39 33.17
N ALA P 57 3.56 -71.57 32.31
CA ALA P 57 4.90 -71.80 31.78
C ALA P 57 5.94 -71.62 32.88
N ASP P 58 5.82 -70.54 33.62
CA ASP P 58 6.67 -70.30 34.79
C ASP P 58 6.76 -71.60 35.59
N ASN P 59 5.60 -72.08 36.02
CA ASN P 59 5.52 -73.27 36.87
C ASN P 59 6.00 -74.56 36.22
N ARG P 60 6.08 -74.57 34.89
CA ARG P 60 6.53 -75.75 34.18
C ARG P 60 8.05 -75.74 34.01
N GLY P 61 8.69 -74.72 34.58
CA GLY P 61 10.13 -74.58 34.53
C GLY P 61 10.61 -73.83 33.31
N CYS P 62 10.09 -72.62 33.12
CA CYS P 62 10.52 -71.78 32.00
C CYS P 62 11.65 -70.87 32.45
N ALA P 63 12.81 -71.00 31.81
CA ALA P 63 13.96 -70.17 32.13
C ALA P 63 13.71 -68.71 31.76
N VAL P 64 13.57 -68.45 30.47
CA VAL P 64 13.40 -67.08 29.99
C VAL P 64 12.16 -66.92 29.11
N PHE P 65 11.51 -65.77 29.24
CA PHE P 65 10.42 -65.38 28.35
C PHE P 65 10.92 -64.35 27.33
N ILE P 66 10.46 -64.49 26.09
CA ILE P 66 10.73 -63.49 25.07
C ILE P 66 9.41 -63.00 24.49
N ALA P 67 9.17 -61.69 24.57
CA ALA P 67 7.95 -61.12 24.05
C ALA P 67 8.29 -60.15 22.92
N ALA P 68 7.39 -60.07 21.94
CA ALA P 68 7.57 -59.15 20.82
C ALA P 68 6.28 -58.36 20.59
N ALA P 69 6.42 -57.06 20.32
CA ALA P 69 5.24 -56.22 20.08
C ALA P 69 5.60 -54.91 19.38
N GLY P 70 4.66 -54.41 18.58
CA GLY P 70 4.83 -53.16 17.87
C GLY P 70 4.05 -52.04 18.53
N LEU P 71 3.99 -50.89 17.87
CA LEU P 71 3.34 -49.70 18.42
C LEU P 71 3.45 -49.63 19.94
N ALA P 72 2.33 -49.40 20.61
CA ALA P 72 2.32 -49.38 22.07
C ALA P 72 2.51 -50.78 22.62
N ALA P 73 3.76 -51.20 22.76
CA ALA P 73 4.10 -52.55 23.18
C ALA P 73 4.05 -52.73 24.70
N HIS P 74 2.98 -53.37 25.19
CA HIS P 74 2.81 -53.61 26.63
C HIS P 74 3.04 -55.07 26.99
N LEU P 75 3.30 -55.90 25.99
CA LEU P 75 3.32 -57.35 26.21
C LEU P 75 4.39 -57.82 27.21
N ALA P 76 5.61 -57.35 27.05
CA ALA P 76 6.70 -57.74 27.93
C ALA P 76 6.42 -57.30 29.37
N GLY P 77 5.86 -56.10 29.52
CA GLY P 77 5.53 -55.57 30.82
C GLY P 77 4.46 -56.40 31.51
N THR P 78 3.48 -56.84 30.74
CA THR P 78 2.41 -57.70 31.24
C THR P 78 2.98 -59.01 31.79
N ILE P 79 3.84 -59.64 31.00
CA ILE P 79 4.50 -60.88 31.40
C ILE P 79 5.36 -60.68 32.64
N ALA P 80 6.18 -59.63 32.63
CA ALA P 80 7.10 -59.33 33.73
C ALA P 80 6.38 -59.25 35.07
N ALA P 81 5.19 -58.67 35.06
CA ALA P 81 4.44 -58.40 36.28
C ALA P 81 3.75 -59.64 36.85
N HIS P 82 3.70 -60.72 36.07
CA HIS P 82 3.12 -61.96 36.56
C HIS P 82 4.15 -63.09 36.65
N THR P 83 5.43 -62.73 36.69
CA THR P 83 6.49 -63.72 36.80
C THR P 83 7.79 -63.12 37.28
N LEU P 84 8.60 -63.93 37.96
CA LEU P 84 9.91 -63.49 38.41
C LEU P 84 11.01 -64.16 37.60
N LYS P 85 10.64 -64.72 36.47
CA LYS P 85 11.59 -65.17 35.48
C LYS P 85 12.05 -63.97 34.66
N PRO P 86 13.29 -64.03 34.13
CA PRO P 86 13.79 -62.96 33.26
C PRO P 86 12.95 -62.82 32.00
N VAL P 87 12.40 -61.63 31.77
CA VAL P 87 11.61 -61.37 30.56
C VAL P 87 12.41 -60.51 29.59
N ILE P 88 12.48 -60.92 28.33
CA ILE P 88 13.16 -60.14 27.30
C ILE P 88 12.20 -59.56 26.28
N GLY P 89 12.29 -58.25 26.05
CA GLY P 89 11.43 -57.56 25.12
C GLY P 89 12.06 -57.30 23.77
N VAL P 90 11.26 -57.42 22.71
CA VAL P 90 11.73 -57.14 21.36
C VAL P 90 10.75 -56.20 20.67
N PRO P 91 11.14 -54.94 20.48
CA PRO P 91 10.24 -54.04 19.75
C PRO P 91 10.24 -54.26 18.24
N ALA P 93 9.49 -53.00 14.24
CA ALA P 93 9.66 -51.75 13.51
C ALA P 93 8.41 -51.29 12.78
N GLY P 94 7.42 -52.17 12.68
CA GLY P 94 6.20 -51.86 11.96
C GLY P 94 5.51 -50.59 12.44
N GLY P 95 4.96 -49.83 11.50
CA GLY P 95 4.28 -48.59 11.83
C GLY P 95 5.05 -47.37 11.41
N SER P 96 4.35 -46.23 11.33
CA SER P 96 4.93 -44.98 10.85
C SER P 96 6.10 -44.45 11.68
N LEU P 97 6.22 -44.93 12.92
CA LEU P 97 7.23 -44.41 13.83
C LEU P 97 8.52 -45.23 13.89
N GLY P 98 8.58 -46.29 13.09
CA GLY P 98 9.79 -47.08 12.96
C GLY P 98 10.18 -47.85 14.21
N GLY P 99 9.23 -48.04 15.13
CA GLY P 99 9.49 -48.83 16.32
C GLY P 99 9.88 -48.00 17.52
N LEU P 100 10.19 -46.72 17.29
CA LEU P 100 10.54 -45.82 18.38
C LEU P 100 9.52 -45.92 19.51
N ASP P 101 8.24 -46.00 19.14
CA ASP P 101 7.17 -46.11 20.12
C ASP P 101 7.22 -47.46 20.84
N ALA P 102 7.48 -48.52 20.11
CA ALA P 102 7.61 -49.84 20.71
C ALA P 102 8.78 -49.91 21.70
N LEU P 103 9.93 -49.40 21.27
CA LEU P 103 11.13 -49.41 22.09
C LEU P 103 10.95 -48.68 23.42
N LEU P 104 10.39 -47.46 23.36
CA LEU P 104 10.16 -46.67 24.56
C LEU P 104 9.11 -47.31 25.46
N SER P 105 8.15 -48.00 24.83
CA SER P 105 7.06 -48.61 25.57
C SER P 105 7.54 -49.89 26.26
N THR P 106 8.66 -50.43 25.78
CA THR P 106 9.18 -51.70 26.26
C THR P 106 10.30 -51.50 27.29
N VAL P 107 11.13 -50.49 27.06
CA VAL P 107 12.36 -50.32 27.82
C VAL P 107 12.21 -49.52 29.12
N GLN P 108 11.27 -48.59 29.14
CA GLN P 108 11.14 -47.66 30.26
C GLN P 108 10.28 -48.20 31.42
N PRO P 110 9.27 -49.12 35.18
CA PRO P 110 9.55 -48.38 36.41
C PRO P 110 10.46 -49.18 37.34
N GLY P 111 11.12 -48.50 38.27
CA GLY P 111 11.97 -49.17 39.23
C GLY P 111 11.22 -50.23 40.00
N GLY P 112 11.61 -51.49 39.81
CA GLY P 112 10.98 -52.59 40.52
C GLY P 112 10.67 -53.80 39.66
N VAL P 113 10.35 -53.57 38.39
CA VAL P 113 9.90 -54.64 37.51
C VAL P 113 10.66 -54.63 36.18
N PRO P 114 11.85 -55.25 36.16
CA PRO P 114 12.72 -55.17 34.99
C PRO P 114 12.21 -55.90 33.75
N VAL P 115 12.52 -55.33 32.60
CA VAL P 115 12.39 -56.01 31.32
C VAL P 115 13.70 -55.79 30.58
N ALA P 116 14.32 -56.89 30.15
CA ALA P 116 15.55 -56.81 29.38
C ALA P 116 15.24 -56.56 27.91
N CYS P 117 15.56 -55.37 27.42
CA CYS P 117 15.16 -54.95 26.08
C CYS P 117 16.30 -55.00 25.06
N THR P 118 15.98 -55.48 23.86
CA THR P 118 16.95 -55.47 22.78
C THR P 118 16.56 -54.51 21.65
N ALA P 119 17.27 -54.63 20.53
CA ALA P 119 17.10 -53.75 19.39
C ALA P 119 15.75 -53.88 18.69
N ILE P 120 15.41 -52.89 17.90
CA ILE P 120 14.23 -52.92 17.05
C ILE P 120 14.38 -53.99 15.98
N GLY P 121 13.40 -54.88 15.88
CA GLY P 121 13.26 -55.76 14.74
C GLY P 121 14.11 -57.03 14.68
N LYS P 122 14.53 -57.38 13.47
CA LYS P 122 15.23 -58.64 13.22
C LYS P 122 16.54 -58.75 13.97
N ALA P 123 17.30 -57.67 14.02
CA ALA P 123 18.51 -57.64 14.84
C ALA P 123 18.16 -58.03 16.27
N GLY P 124 17.09 -57.44 16.80
CA GLY P 124 16.66 -57.65 18.17
C GLY P 124 16.10 -59.03 18.44
N ALA P 125 15.38 -59.59 17.47
CA ALA P 125 14.84 -60.94 17.60
C ALA P 125 15.96 -61.94 17.80
N LYS P 126 17.01 -61.81 16.99
CA LYS P 126 18.16 -62.71 17.10
C LYS P 126 18.84 -62.55 18.45
N ASN P 127 19.14 -61.32 18.83
CA ASN P 127 19.80 -61.05 20.10
C ASN P 127 19.01 -61.55 21.30
N ALA P 128 17.69 -61.46 21.22
CA ALA P 128 16.82 -62.01 22.26
C ALA P 128 17.18 -63.46 22.53
N ALA P 129 17.37 -64.23 21.45
CA ALA P 129 17.62 -65.67 21.53
C ALA P 129 19.00 -66.01 22.09
N ILE P 130 20.01 -65.24 21.68
CA ILE P 130 21.36 -65.46 22.18
C ILE P 130 21.43 -65.06 23.65
N LEU P 131 20.71 -64.01 24.01
CA LEU P 131 20.65 -63.56 25.40
C LEU P 131 20.06 -64.63 26.30
N ALA P 132 18.99 -65.26 25.85
CA ALA P 132 18.35 -66.34 26.60
C ALA P 132 19.29 -67.54 26.67
N ALA P 133 20.06 -67.73 25.59
CA ALA P 133 21.05 -68.80 25.54
C ALA P 133 22.17 -68.51 26.53
N GLN P 134 22.64 -67.27 26.55
CA GLN P 134 23.67 -66.85 27.50
C GLN P 134 23.22 -67.06 28.94
N ILE P 135 22.00 -66.61 29.23
CA ILE P 135 21.40 -66.79 30.54
C ILE P 135 21.31 -68.26 30.91
N ILE P 136 20.79 -69.05 29.98
CA ILE P 136 20.66 -70.49 30.19
C ILE P 136 22.03 -71.17 30.30
N ALA P 137 23.00 -70.70 29.50
CA ALA P 137 24.33 -71.27 29.53
C ALA P 137 25.00 -71.10 30.90
N LEU P 138 24.44 -70.22 31.73
CA LEU P 138 24.93 -70.08 33.10
C LEU P 138 24.81 -71.41 33.84
N GLN P 139 23.85 -72.23 33.42
CA GLN P 139 23.60 -73.51 34.06
C GLN P 139 23.93 -74.70 33.15
N ASP P 140 24.38 -74.40 31.92
CA ASP P 140 24.52 -75.43 30.90
C ASP P 140 25.79 -75.25 30.06
N LYS P 141 26.77 -76.13 30.25
CA LYS P 141 28.06 -75.99 29.59
C LYS P 141 28.07 -76.37 28.10
N SER P 142 27.02 -77.04 27.65
CA SER P 142 26.90 -77.38 26.23
C SER P 142 26.39 -76.19 25.42
N ILE P 143 25.47 -75.43 26.02
CA ILE P 143 25.00 -74.19 25.40
C ILE P 143 26.14 -73.19 25.34
N ALA P 144 26.89 -73.12 26.43
CA ALA P 144 28.01 -72.20 26.55
C ALA P 144 29.01 -72.35 25.41
N GLN P 145 29.28 -73.60 25.01
CA GLN P 145 30.28 -73.89 23.98
C GLN P 145 29.75 -73.59 22.59
N LYS P 146 28.44 -73.75 22.40
CA LYS P 146 27.81 -73.45 21.12
C LYS P 146 27.79 -71.94 20.85
N LEU P 147 27.78 -71.15 21.93
CA LEU P 147 27.84 -69.71 21.82
C LEU P 147 29.26 -69.30 21.41
N VAL P 148 30.24 -69.89 22.09
CA VAL P 148 31.65 -69.66 21.78
C VAL P 148 31.95 -69.87 20.29
N GLN P 149 31.62 -71.06 19.81
CA GLN P 149 31.92 -71.46 18.44
C GLN P 149 31.07 -70.71 17.43
N GLN P 150 29.96 -70.15 17.89
CA GLN P 150 29.14 -69.33 17.03
C GLN P 150 29.86 -68.01 16.77
N ARG P 151 30.52 -67.48 17.81
CA ARG P 151 31.29 -66.26 17.69
C ARG P 151 32.54 -66.45 16.83
N THR P 152 33.06 -67.67 16.80
CA THR P 152 34.25 -67.96 16.01
C THR P 152 33.90 -68.07 14.53
N ALA P 153 32.74 -68.66 14.24
CA ALA P 153 32.29 -68.87 12.87
C ALA P 153 31.87 -67.56 12.21
N LYS P 154 31.39 -66.61 13.00
CA LYS P 154 31.05 -65.30 12.47
C LYS P 154 32.34 -64.55 12.12
N ARG P 155 33.38 -64.74 12.93
CA ARG P 155 34.68 -64.14 12.64
C ARG P 155 35.22 -64.69 11.33
N GLU P 156 34.91 -65.95 11.05
CA GLU P 156 35.33 -66.57 9.79
C GLU P 156 34.64 -65.88 8.63
N THR P 157 33.30 -65.92 8.66
CA THR P 157 32.49 -65.16 7.72
C THR P 157 33.14 -63.80 7.44
N LEU P 158 33.12 -62.92 8.45
CA LEU P 158 33.69 -61.58 8.32
C LEU P 158 35.12 -61.60 7.77
N LYS P 159 35.97 -62.46 8.32
CA LYS P 159 37.35 -62.54 7.85
C LYS P 159 37.41 -62.90 6.38
N LYS P 160 36.63 -63.91 6.00
CA LYS P 160 36.51 -64.30 4.60
C LYS P 160 36.07 -63.10 3.78
N ALA P 161 35.19 -62.29 4.36
CA ALA P 161 34.60 -61.13 3.69
C ALA P 161 35.65 -60.05 3.49
N ASP P 162 36.49 -59.81 4.49
CA ASP P 162 37.56 -58.83 4.36
C ASP P 162 38.51 -59.29 3.26
N GLU P 163 38.55 -60.60 3.04
CA GLU P 163 39.46 -61.16 2.04
C GLU P 163 38.89 -61.04 0.63
N ASN P 164 37.56 -61.02 0.53
CA ASN P 164 36.90 -60.72 -0.73
C ASN P 164 37.00 -59.25 -1.08
N LEU P 165 36.91 -58.39 -0.06
CA LEU P 165 37.04 -56.95 -0.27
C LEU P 165 38.42 -56.61 -0.81
N GLN P 166 39.43 -57.33 -0.36
CA GLN P 166 40.81 -57.04 -0.74
C GLN P 166 41.07 -57.27 -2.23
N THR P 167 40.22 -58.06 -2.88
CA THR P 167 40.42 -58.37 -4.30
C THR P 167 39.72 -57.39 -5.22
N GLN P 168 38.79 -56.60 -4.67
CA GLN P 168 38.03 -55.64 -5.46
C GLN P 168 38.62 -54.24 -5.40
N LEU P 169 39.70 -54.07 -4.66
CA LEU P 169 40.32 -52.76 -4.46
C LEU P 169 41.51 -52.53 -5.38
#